data_5XEW
# 
_entry.id   5XEW 
# 
_audit_conform.dict_name       mmcif_pdbx.dic 
_audit_conform.dict_version    5.387 
_audit_conform.dict_location   http://mmcif.pdb.org/dictionaries/ascii/mmcif_pdbx.dic 
# 
loop_
_database_2.database_id 
_database_2.database_code 
_database_2.pdbx_database_accession 
_database_2.pdbx_DOI 
PDB   5XEW         pdb_00005xew 10.2210/pdb5xew/pdb 
WWPDB D_1300003408 ?            ?                   
# 
loop_
_pdbx_audit_revision_history.ordinal 
_pdbx_audit_revision_history.data_content_type 
_pdbx_audit_revision_history.major_revision 
_pdbx_audit_revision_history.minor_revision 
_pdbx_audit_revision_history.revision_date 
1 'Structure model' 1 0 2017-06-21 
2 'Structure model' 1 1 2017-06-28 
3 'Structure model' 1 2 2017-07-19 
4 'Structure model' 1 3 2018-05-16 
5 'Structure model' 2 0 2020-07-29 
6 'Structure model' 2 1 2024-03-27 
# 
loop_
_pdbx_audit_revision_details.ordinal 
_pdbx_audit_revision_details.revision_ordinal 
_pdbx_audit_revision_details.data_content_type 
_pdbx_audit_revision_details.provider 
_pdbx_audit_revision_details.type 
_pdbx_audit_revision_details.description 
_pdbx_audit_revision_details.details 
1 1 'Structure model' repository 'Initial release' ?                          ? 
2 5 'Structure model' repository Remediation       'Carbohydrate remediation' ? 
# 
loop_
_pdbx_audit_revision_group.ordinal 
_pdbx_audit_revision_group.revision_ordinal 
_pdbx_audit_revision_group.data_content_type 
_pdbx_audit_revision_group.group 
1  2 'Structure model' 'Database references'  
2  3 'Structure model' 'Database references'  
3  4 'Structure model' 'Data collection'      
4  4 'Structure model' 'Database references'  
5  5 'Structure model' 'Atomic model'         
6  5 'Structure model' 'Data collection'      
7  5 'Structure model' 'Derived calculations' 
8  5 'Structure model' 'Structure summary'    
9  6 'Structure model' 'Data collection'      
10 6 'Structure model' 'Database references'  
11 6 'Structure model' 'Derived calculations' 
12 6 'Structure model' 'Structure summary'    
# 
loop_
_pdbx_audit_revision_category.ordinal 
_pdbx_audit_revision_category.revision_ordinal 
_pdbx_audit_revision_category.data_content_type 
_pdbx_audit_revision_category.category 
1  2 'Structure model' citation                      
2  3 'Structure model' citation                      
3  4 'Structure model' diffrn_source                 
4  4 'Structure model' struct_ref_seq                
5  5 'Structure model' atom_site                     
6  5 'Structure model' chem_comp                     
7  5 'Structure model' entity                        
8  5 'Structure model' pdbx_branch_scheme            
9  5 'Structure model' pdbx_chem_comp_identifier     
10 5 'Structure model' pdbx_entity_branch            
11 5 'Structure model' pdbx_entity_branch_descriptor 
12 5 'Structure model' pdbx_entity_branch_link       
13 5 'Structure model' pdbx_entity_branch_list       
14 5 'Structure model' pdbx_entity_nonpoly           
15 5 'Structure model' pdbx_nonpoly_scheme           
16 5 'Structure model' pdbx_struct_assembly_gen      
17 5 'Structure model' pdbx_struct_conn_angle        
18 5 'Structure model' pdbx_struct_special_symmetry  
19 5 'Structure model' struct_asym                   
20 5 'Structure model' struct_conn                   
21 5 'Structure model' struct_conn_type              
22 5 'Structure model' struct_site                   
23 5 'Structure model' struct_site_gen               
24 6 'Structure model' chem_comp                     
25 6 'Structure model' chem_comp_atom                
26 6 'Structure model' chem_comp_bond                
27 6 'Structure model' database_2                    
28 6 'Structure model' struct_conn                   
# 
loop_
_pdbx_audit_revision_item.ordinal 
_pdbx_audit_revision_item.revision_ordinal 
_pdbx_audit_revision_item.data_content_type 
_pdbx_audit_revision_item.item 
1  2 'Structure model' '_citation.country'                           
2  2 'Structure model' '_citation.journal_id_ASTM'                   
3  2 'Structure model' '_citation.journal_id_CSD'                    
4  2 'Structure model' '_citation.title'                             
5  3 'Structure model' '_citation.journal_volume'                    
6  3 'Structure model' '_citation.page_first'                        
7  3 'Structure model' '_citation.page_last'                         
8  4 'Structure model' '_diffrn_source.pdbx_synchrotron_beamline'    
9  4 'Structure model' '_diffrn_source.pdbx_synchrotron_site'        
10 4 'Structure model' '_struct_ref_seq.db_align_end'                
11 5 'Structure model' '_atom_site.B_iso_or_equiv'                   
12 5 'Structure model' '_atom_site.Cartn_x'                          
13 5 'Structure model' '_atom_site.Cartn_y'                          
14 5 'Structure model' '_atom_site.Cartn_z'                          
15 5 'Structure model' '_atom_site.auth_asym_id'                     
16 5 'Structure model' '_atom_site.auth_atom_id'                     
17 5 'Structure model' '_atom_site.auth_comp_id'                     
18 5 'Structure model' '_atom_site.auth_seq_id'                      
19 5 'Structure model' '_atom_site.label_asym_id'                    
20 5 'Structure model' '_atom_site.label_atom_id'                    
21 5 'Structure model' '_atom_site.label_comp_id'                    
22 5 'Structure model' '_atom_site.label_entity_id'                  
23 5 'Structure model' '_atom_site.type_symbol'                      
24 5 'Structure model' '_chem_comp.mon_nstd_flag'                    
25 5 'Structure model' '_chem_comp.name'                             
26 5 'Structure model' '_chem_comp.type'                             
27 5 'Structure model' '_pdbx_struct_assembly_gen.asym_id_list'      
28 5 'Structure model' '_pdbx_struct_conn_angle.ptnr1_auth_asym_id'  
29 5 'Structure model' '_pdbx_struct_conn_angle.ptnr1_auth_comp_id'  
30 5 'Structure model' '_pdbx_struct_conn_angle.ptnr1_auth_seq_id'   
31 5 'Structure model' '_pdbx_struct_conn_angle.ptnr1_label_asym_id' 
32 5 'Structure model' '_pdbx_struct_conn_angle.ptnr1_label_atom_id' 
33 5 'Structure model' '_pdbx_struct_conn_angle.ptnr1_label_comp_id' 
34 5 'Structure model' '_pdbx_struct_conn_angle.ptnr1_label_seq_id'  
35 5 'Structure model' '_pdbx_struct_conn_angle.ptnr2_auth_asym_id'  
36 5 'Structure model' '_pdbx_struct_conn_angle.ptnr2_label_asym_id' 
37 5 'Structure model' '_pdbx_struct_conn_angle.ptnr3_auth_asym_id'  
38 5 'Structure model' '_pdbx_struct_conn_angle.ptnr3_auth_comp_id'  
39 5 'Structure model' '_pdbx_struct_conn_angle.ptnr3_auth_seq_id'   
40 5 'Structure model' '_pdbx_struct_conn_angle.ptnr3_label_asym_id' 
41 5 'Structure model' '_pdbx_struct_conn_angle.ptnr3_label_atom_id' 
42 5 'Structure model' '_pdbx_struct_conn_angle.ptnr3_label_comp_id' 
43 5 'Structure model' '_pdbx_struct_conn_angle.ptnr3_label_seq_id'  
44 5 'Structure model' '_pdbx_struct_conn_angle.value'               
45 5 'Structure model' '_pdbx_struct_special_symmetry.label_asym_id' 
46 5 'Structure model' '_struct_conn.conn_type_id'                   
47 5 'Structure model' '_struct_conn.id'                             
48 5 'Structure model' '_struct_conn.pdbx_dist_value'                
49 5 'Structure model' '_struct_conn.pdbx_leaving_atom_flag'         
50 5 'Structure model' '_struct_conn.ptnr1_auth_asym_id'             
51 5 'Structure model' '_struct_conn.ptnr1_auth_comp_id'             
52 5 'Structure model' '_struct_conn.ptnr1_auth_seq_id'              
53 5 'Structure model' '_struct_conn.ptnr1_label_asym_id'            
54 5 'Structure model' '_struct_conn.ptnr1_label_atom_id'            
55 5 'Structure model' '_struct_conn.ptnr1_label_comp_id'            
56 5 'Structure model' '_struct_conn.ptnr1_label_seq_id'             
57 5 'Structure model' '_struct_conn.ptnr2_auth_asym_id'             
58 5 'Structure model' '_struct_conn.ptnr2_auth_comp_id'             
59 5 'Structure model' '_struct_conn.ptnr2_auth_seq_id'              
60 5 'Structure model' '_struct_conn.ptnr2_label_asym_id'            
61 5 'Structure model' '_struct_conn.ptnr2_label_atom_id'            
62 5 'Structure model' '_struct_conn.ptnr2_label_comp_id'            
63 5 'Structure model' '_struct_conn_type.id'                        
64 6 'Structure model' '_chem_comp.pdbx_synonyms'                    
65 6 'Structure model' '_database_2.pdbx_DOI'                        
66 6 'Structure model' '_database_2.pdbx_database_accession'         
67 6 'Structure model' '_struct_conn.pdbx_leaving_atom_flag'         
# 
_pdbx_database_PDB_obs_spr.id               SPRSDE 
_pdbx_database_PDB_obs_spr.date             2017-06-21 
_pdbx_database_PDB_obs_spr.pdb_id           5XEW 
_pdbx_database_PDB_obs_spr.replace_pdb_id   5ERZ 
_pdbx_database_PDB_obs_spr.details          ? 
# 
_pdbx_database_status.status_code                     REL 
_pdbx_database_status.status_code_sf                  REL 
_pdbx_database_status.status_code_mr                  ? 
_pdbx_database_status.entry_id                        5XEW 
_pdbx_database_status.recvd_initial_deposition_date   2017-04-06 
_pdbx_database_status.SG_entry                        N 
_pdbx_database_status.deposit_site                    PDBJ 
_pdbx_database_status.process_site                    PDBJ 
_pdbx_database_status.status_code_cs                  ? 
_pdbx_database_status.methods_development_category    ? 
_pdbx_database_status.pdb_format_compatible           Y 
_pdbx_database_status.status_code_nmr_data            ? 
# 
loop_
_pdbx_database_related.db_name 
_pdbx_database_related.details 
_pdbx_database_related.db_id 
_pdbx_database_related.content_type 
PDB . 5ERZ unspecified 
PDB . 5ES0 unspecified 
# 
loop_
_audit_author.name 
_audit_author.pdbx_ordinal 
_audit_author.identifier_ORCID 
'Tseng, W.H.' 1 ? 
'Wu, P.C.'    2 ? 
'Hou, M.H.'   3 ? 
# 
_citation.abstract                  ? 
_citation.abstract_id_CAS           ? 
_citation.book_id_ISBN              ? 
_citation.book_publisher            ? 
_citation.book_publisher_city       ? 
_citation.book_title                ? 
_citation.coordinate_linkage        ? 
_citation.country                   GE 
_citation.database_id_Medline       ? 
_citation.details                   ? 
_citation.id                        primary 
_citation.journal_abbrev            'Angew. Chem. Int. Ed. Engl.' 
_citation.journal_id_ASTM           ACIEAY 
_citation.journal_id_CSD            0179 
_citation.journal_id_ISSN           1521-3773 
_citation.journal_full              ? 
_citation.journal_issue             ? 
_citation.journal_volume            56 
_citation.language                  ? 
_citation.page_first                8761 
_citation.page_last                 8765 
_citation.title                     
'Induced-Fit Recognition of CCG Trinucleotide Repeats by a Nickel-Chromomycin Complex Resulting in Large-Scale DNA Deformation' 
_citation.year                      2017 
_citation.database_id_CSD           ? 
_citation.pdbx_database_id_DOI      10.1002/anie.201703989 
_citation.pdbx_database_id_PubMed   28544401 
_citation.unpublished_flag          ? 
# 
loop_
_citation_author.citation_id 
_citation_author.name 
_citation_author.ordinal 
_citation_author.identifier_ORCID 
primary 'Tseng, W.H.' 1 ? 
primary 'Chang, C.K.' 2 ? 
primary 'Wu, P.C.'    3 ? 
primary 'Hu, N.J.'    4 ? 
primary 'Lee, G.H.'   5 ? 
primary 'Tzeng, C.C.' 6 ? 
primary 'Neidle, S.'  7 ? 
primary 'Hou, M.H.'   8 ? 
# 
loop_
_entity.id 
_entity.type 
_entity.src_method 
_entity.pdbx_description 
_entity.formula_weight 
_entity.pdbx_number_of_molecules 
_entity.pdbx_ec 
_entity.pdbx_mutation 
_entity.pdbx_fragment 
_entity.details 
1 polymer     syn 
;DNA (5'-D(*TP*TP*CP*CP*GP*CP*CP*GP*CP*CP*GP*AP*A)-3')
;
3912.550 2  ? ? ? ? 
2 branched    man 
;3-C-methyl-4-O-acetyl-alpha-L-Olivopyranose-(1-3)-(2R,5S,6R)-6-methyltetrahydro-2H-pyran-2,5-diol-(1-3)-(2R,5S,6R)-6-methyltetrahydro-2H-pyran-2,5-diol
;
432.506  2  ? ? ? ? 
3 branched    man 
'2,6-dideoxy-4-O-methyl-alpha-D-galactopyranose-(1-3)-(2R,3R,6R)-6-hydroxy-2-methyltetrahydro-2H-pyran-3-yl acetate' 318.363  2  ? 
? ? ? 
4 non-polymer syn 
'(1S)-5-deoxy-1-O-methyl-1-C-[(2R,3S)-3,5,7,10-tetrahydroxy-6-methyl-4-oxo-1,2,3,4-tetrahydroanthracen-2-yl]-D-xylulose' 420.410  
2  ? ? ? ? 
5 non-polymer syn 'NICKEL (II) ION' 58.693   3  ? ? ? ? 
6 water       nat water 18.015   89 ? ? ? ? 
# 
_entity_poly.entity_id                      1 
_entity_poly.type                           polydeoxyribonucleotide 
_entity_poly.nstd_linkage                   no 
_entity_poly.nstd_monomer                   no 
_entity_poly.pdbx_seq_one_letter_code       '(DT)(DT)(DC)(DC)(DG)(DC)(DC)(DG)(DC)(DC)(DG)(DA)(DA)' 
_entity_poly.pdbx_seq_one_letter_code_can   TTCCGCCGCCGAA 
_entity_poly.pdbx_strand_id                 A,B 
_entity_poly.pdbx_target_identifier         ? 
# 
loop_
_pdbx_entity_nonpoly.entity_id 
_pdbx_entity_nonpoly.name 
_pdbx_entity_nonpoly.comp_id 
4 '(1S)-5-deoxy-1-O-methyl-1-C-[(2R,3S)-3,5,7,10-tetrahydroxy-6-methyl-4-oxo-1,2,3,4-tetrahydroanthracen-2-yl]-D-xylulose' CPH 
5 'NICKEL (II) ION'                                                                                                        NI  
6 water                                                                                                                    HOH 
# 
loop_
_entity_poly_seq.entity_id 
_entity_poly_seq.num 
_entity_poly_seq.mon_id 
_entity_poly_seq.hetero 
1 1  DT n 
1 2  DT n 
1 3  DC n 
1 4  DC n 
1 5  DG n 
1 6  DC n 
1 7  DC n 
1 8  DG n 
1 9  DC n 
1 10 DC n 
1 11 DG n 
1 12 DA n 
1 13 DA n 
# 
_pdbx_entity_src_syn.entity_id              1 
_pdbx_entity_src_syn.pdbx_src_id            1 
_pdbx_entity_src_syn.pdbx_alt_source_flag   sample 
_pdbx_entity_src_syn.pdbx_beg_seq_num       1 
_pdbx_entity_src_syn.pdbx_end_seq_num       13 
_pdbx_entity_src_syn.organism_scientific    'synthetic construct' 
_pdbx_entity_src_syn.organism_common_name   ? 
_pdbx_entity_src_syn.ncbi_taxonomy_id       32630 
_pdbx_entity_src_syn.details                ? 
# 
loop_
_pdbx_entity_branch.entity_id 
_pdbx_entity_branch.type 
2 oligosaccharide 
3 oligosaccharide 
# 
loop_
_pdbx_entity_branch_descriptor.ordinal 
_pdbx_entity_branch_descriptor.entity_id 
_pdbx_entity_branch_descriptor.descriptor 
_pdbx_entity_branch_descriptor.type 
_pdbx_entity_branch_descriptor.program 
_pdbx_entity_branch_descriptor.program_version 
1 2 'WURCS=2.0/2,3,2/[ad222m-1b_1-5][ad611m-1a_1-5_3*C_4*OCC/3=O]/1-1-2/a3-b1_b3-c1'        WURCS  PDB2Glycan 1.1.0 
2 2 '[][b-D-2,6-deoxy-Glcp]{[(3+1)][b-D-2,6-deoxy-Glcp]{[(3+1)][a-L-2,6-deoxy-Glcp4Ac]{}}}' LINUCS PDB-CARE   ?     
3 3 'WURCS=2.0/2,2,1/[ad212m-1b_1-5_4*OCC/3=O][ad112m-1a_1-5_4*OC]/1-2/a3-b1'               WURCS  PDB2Glycan 1.1.0 
4 3 '[][b-D-2-deoxy-Fucp4Ac]{[(3+1)][a-D-2-deoxy-Fucp4Me]{}}'                               LINUCS PDB-CARE   ?     
# 
loop_
_pdbx_entity_branch_link.link_id 
_pdbx_entity_branch_link.entity_id 
_pdbx_entity_branch_link.entity_branch_list_num_1 
_pdbx_entity_branch_link.comp_id_1 
_pdbx_entity_branch_link.atom_id_1 
_pdbx_entity_branch_link.leaving_atom_id_1 
_pdbx_entity_branch_link.entity_branch_list_num_2 
_pdbx_entity_branch_link.comp_id_2 
_pdbx_entity_branch_link.atom_id_2 
_pdbx_entity_branch_link.leaving_atom_id_2 
_pdbx_entity_branch_link.value_order 
_pdbx_entity_branch_link.details 
1 2 1 CDR C3 H3 2 CDR O1 HO1 sing ? 
2 2 2 CDR C3 H3 3 ERI O1 HO1 sing ? 
3 3 1 ARI C3 H3 2 1GL O1 HO1 sing ? 
# 
loop_
_chem_comp.id 
_chem_comp.type 
_chem_comp.mon_nstd_flag 
_chem_comp.name 
_chem_comp.pdbx_synonyms 
_chem_comp.formula 
_chem_comp.formula_weight 
1GL 'D-saccharide, alpha linking' . 2,6-dideoxy-4-O-methyl-alpha-D-galactopyranose 
;4-O-METHYL-2,6-DIDEOXY-ALPHA-D-GALACTO-HEXOPYRANOSE; 2-deoxy-4-O-methyl-alpha-D-fucopyranose; 2,6-dideoxy-4-O-methyl-alpha-D-galactose; 2,6-dideoxy-4-O-methyl-D-galactose; 2,6-dideoxy-4-O-methyl-galactose
;
'C7 H14 O4'       162.184 
ARI 'D-saccharide, beta linking'  . '(2R,3R,6R)-6-hydroxy-2-methyltetrahydro-2H-pyran-3-yl acetate' 
'[O4]-ACETOXY-2,3-DIDEOXYFUCOSE' 'C8 H14 O4'       174.194 
CDR 'D-saccharide, beta linking'  . '(2R,5S,6R)-6-methyltetrahydro-2H-pyran-2,5-diol' 2,3-DIDEOXYFUCOSE 'C6 H12 O3'       132.158 
CPH non-polymer                   . 
'(1S)-5-deoxy-1-O-methyl-1-C-[(2R,3S)-3,5,7,10-tetrahydroxy-6-methyl-4-oxo-1,2,3,4-tetrahydroanthracen-2-yl]-D-xylulose' None 
'C21 H24 O9'      420.410 
DA  'DNA linking'                 y "2'-DEOXYADENOSINE-5'-MONOPHOSPHATE" ? 'C10 H14 N5 O6 P' 331.222 
DC  'DNA linking'                 y "2'-DEOXYCYTIDINE-5'-MONOPHOSPHATE" ? 'C9 H14 N3 O7 P'  307.197 
DG  'DNA linking'                 y "2'-DEOXYGUANOSINE-5'-MONOPHOSPHATE" ? 'C10 H14 N5 O7 P' 347.221 
DT  'DNA linking'                 y "THYMIDINE-5'-MONOPHOSPHATE" ? 'C10 H15 N2 O8 P' 322.208 
ERI 'L-saccharide, alpha linking' n 3-C-methyl-4-O-acetyl-alpha-L-Olivopyranose 
;4-O-ACETYL-2,6-DIDEOXY-3-C-METHYL-BETA-L-ARABINO-HEXOPYRANOSE; 3-C-methyl-4-O-acetyl-alpha-L-Olivose; 3-C-methyl-4-O-acetyl-L-Olivose; 3-C-methyl-4-O-acetyl-Olivose
;
'C9 H16 O5'       204.220 
HOH non-polymer                   . WATER ? 'H2 O'            18.015  
NI  non-polymer                   . 'NICKEL (II) ION' ? 'Ni 2'            58.693  
# 
_pdbx_chem_comp_identifier.comp_id           1GL 
_pdbx_chem_comp_identifier.type              'IUPAC CARBOHYDRATE SYMBOL' 
_pdbx_chem_comp_identifier.program           PDB-CARE 
_pdbx_chem_comp_identifier.program_version   1.0 
_pdbx_chem_comp_identifier.identifier        a-D-2-deoxy-Fucp4OMe 
# 
loop_
_pdbx_poly_seq_scheme.asym_id 
_pdbx_poly_seq_scheme.entity_id 
_pdbx_poly_seq_scheme.seq_id 
_pdbx_poly_seq_scheme.mon_id 
_pdbx_poly_seq_scheme.ndb_seq_num 
_pdbx_poly_seq_scheme.pdb_seq_num 
_pdbx_poly_seq_scheme.auth_seq_num 
_pdbx_poly_seq_scheme.pdb_mon_id 
_pdbx_poly_seq_scheme.auth_mon_id 
_pdbx_poly_seq_scheme.pdb_strand_id 
_pdbx_poly_seq_scheme.pdb_ins_code 
_pdbx_poly_seq_scheme.hetero 
A 1 1  DT 1  1  1  DT Td A . n 
A 1 2  DT 2  2  2  DT Td A . n 
A 1 3  DC 3  3  ?  ?  ?  A . n 
A 1 4  DC 4  4  4  DC Cd A . n 
A 1 5  DG 5  5  5  DG Gd A . n 
A 1 6  DC 6  6  6  DC Cd A . n 
A 1 7  DC 7  7  7  DC Cd A . n 
A 1 8  DG 8  8  8  DG Gd A . n 
A 1 9  DC 9  9  9  DC Cd A . n 
A 1 10 DC 10 10 10 DC Cd A . n 
A 1 11 DG 11 11 11 DG Gd A . n 
A 1 12 DA 12 12 12 DA Ad A . n 
A 1 13 DA 13 13 13 DA Ad A . n 
B 1 1  DT 1  14 14 DT Td B . n 
B 1 2  DT 2  15 15 DT Td B . n 
B 1 3  DC 3  16 ?  ?  ?  B . n 
B 1 4  DC 4  17 17 DC Cd B . n 
B 1 5  DG 5  18 18 DG Gd B . n 
B 1 6  DC 6  19 19 DC Cd B . n 
B 1 7  DC 7  20 20 DC Cd B . n 
B 1 8  DG 8  21 21 DG Gd B . n 
B 1 9  DC 9  22 22 DC Cd B . n 
B 1 10 DC 10 23 23 DC Cd B . n 
B 1 11 DG 11 24 24 DG Gd B . n 
B 1 12 DA 12 25 25 DA Ad B . n 
B 1 13 DA 13 26 26 DA Ad B . n 
# 
loop_
_pdbx_branch_scheme.asym_id 
_pdbx_branch_scheme.entity_id 
_pdbx_branch_scheme.mon_id 
_pdbx_branch_scheme.num 
_pdbx_branch_scheme.pdb_asym_id 
_pdbx_branch_scheme.pdb_mon_id 
_pdbx_branch_scheme.pdb_seq_num 
_pdbx_branch_scheme.auth_asym_id 
_pdbx_branch_scheme.auth_mon_id 
_pdbx_branch_scheme.auth_seq_num 
_pdbx_branch_scheme.hetero 
C 2 CDR 1 C CDR 1 C CDR 57 n 
C 2 CDR 2 C CDR 2 C CDR 58 n 
C 2 ERI 3 C ERI 3 C ERI 59 n 
D 3 ARI 1 D ARI 1 C ARI 61 n 
D 3 1GL 2 D 1GL 2 C 1GL 60 n 
E 3 ARI 1 E ARI 1 C ARI 55 n 
E 3 1GL 2 E 1GL 2 C 1GL 54 n 
F 2 CDR 1 F CDR 1 C CDR 63 n 
F 2 CDR 2 F CDR 2 C CDR 64 n 
F 2 ERI 3 F ERI 3 C ERI 65 n 
# 
loop_
_pdbx_nonpoly_scheme.asym_id 
_pdbx_nonpoly_scheme.entity_id 
_pdbx_nonpoly_scheme.mon_id 
_pdbx_nonpoly_scheme.ndb_seq_num 
_pdbx_nonpoly_scheme.pdb_seq_num 
_pdbx_nonpoly_scheme.auth_seq_num 
_pdbx_nonpoly_scheme.pdb_mon_id 
_pdbx_nonpoly_scheme.auth_mon_id 
_pdbx_nonpoly_scheme.pdb_strand_id 
_pdbx_nonpoly_scheme.pdb_ins_code 
G 4 CPH 1  106 62  CPH CPH A . 
H 5 NI  1  107 600 NI  NI  A . 
I 5 NI  1  108 601 NI  NI  A . 
J 4 CPH 1  103 56  CPH CPH B . 
K 5 NI  1  107 602 NI  NI  B . 
L 6 HOH 1  201 125 HOH HOH A . 
L 6 HOH 2  202 153 HOH HOH A . 
L 6 HOH 3  203 177 HOH HOH A . 
L 6 HOH 4  204 150 HOH HOH A . 
L 6 HOH 5  205 100 HOH HOH A . 
L 6 HOH 6  206 105 HOH HOH A . 
L 6 HOH 7  207 152 HOH HOH A . 
L 6 HOH 8  208 165 HOH HOH A . 
L 6 HOH 9  209 102 HOH HOH A . 
L 6 HOH 10 210 132 HOH HOH A . 
L 6 HOH 11 211 104 HOH HOH A . 
L 6 HOH 12 212 176 HOH HOH A . 
L 6 HOH 13 213 137 HOH HOH A . 
L 6 HOH 14 214 115 HOH HOH A . 
L 6 HOH 15 215 163 HOH HOH A . 
L 6 HOH 16 216 143 HOH HOH A . 
L 6 HOH 17 217 112 HOH HOH A . 
L 6 HOH 18 218 103 HOH HOH A . 
L 6 HOH 19 219 172 HOH HOH A . 
L 6 HOH 20 220 140 HOH HOH A . 
L 6 HOH 21 221 161 HOH HOH A . 
L 6 HOH 22 222 158 HOH HOH A . 
L 6 HOH 23 223 128 HOH HOH A . 
L 6 HOH 24 224 169 HOH HOH A . 
L 6 HOH 25 225 145 HOH HOH A . 
L 6 HOH 26 226 130 HOH HOH A . 
L 6 HOH 27 227 180 HOH HOH A . 
L 6 HOH 28 228 183 HOH HOH A . 
L 6 HOH 29 229 118 HOH HOH A . 
L 6 HOH 30 230 175 HOH HOH A . 
L 6 HOH 31 231 121 HOH HOH A . 
L 6 HOH 32 232 187 HOH HOH A . 
L 6 HOH 33 233 131 HOH HOH A . 
L 6 HOH 34 234 155 HOH HOH A . 
L 6 HOH 35 235 149 HOH HOH A . 
L 6 HOH 36 236 111 HOH HOH A . 
L 6 HOH 37 237 135 HOH HOH A . 
L 6 HOH 38 238 106 HOH HOH A . 
L 6 HOH 39 239 151 HOH HOH A . 
L 6 HOH 40 240 188 HOH HOH A . 
L 6 HOH 41 241 173 HOH HOH A . 
L 6 HOH 42 242 119 HOH HOH A . 
L 6 HOH 43 243 168 HOH HOH A . 
L 6 HOH 44 244 181 HOH HOH A . 
L 6 HOH 45 245 186 HOH HOH A . 
L 6 HOH 46 246 178 HOH HOH A . 
M 6 HOH 1  201 162 HOH HOH B . 
M 6 HOH 2  202 170 HOH HOH B . 
M 6 HOH 3  203 174 HOH HOH B . 
M 6 HOH 4  204 160 HOH HOH B . 
M 6 HOH 5  205 126 HOH HOH B . 
M 6 HOH 6  206 164 HOH HOH B . 
M 6 HOH 7  207 101 HOH HOH B . 
M 6 HOH 8  208 110 HOH HOH B . 
M 6 HOH 9  209 114 HOH HOH B . 
M 6 HOH 10 210 148 HOH HOH B . 
M 6 HOH 11 211 184 HOH HOH B . 
M 6 HOH 12 212 109 HOH HOH B . 
M 6 HOH 13 213 107 HOH HOH B . 
M 6 HOH 14 214 117 HOH HOH B . 
M 6 HOH 15 215 171 HOH HOH B . 
M 6 HOH 16 216 134 HOH HOH B . 
M 6 HOH 17 217 113 HOH HOH B . 
M 6 HOH 18 218 123 HOH HOH B . 
M 6 HOH 19 219 154 HOH HOH B . 
M 6 HOH 20 220 166 HOH HOH B . 
M 6 HOH 21 221 147 HOH HOH B . 
M 6 HOH 22 222 120 HOH HOH B . 
M 6 HOH 23 223 108 HOH HOH B . 
M 6 HOH 24 224 116 HOH HOH B . 
M 6 HOH 25 225 129 HOH HOH B . 
M 6 HOH 26 226 167 HOH HOH B . 
M 6 HOH 27 227 157 HOH HOH B . 
M 6 HOH 28 228 138 HOH HOH B . 
M 6 HOH 29 229 156 HOH HOH B . 
M 6 HOH 30 230 142 HOH HOH B . 
M 6 HOH 31 231 136 HOH HOH B . 
M 6 HOH 32 232 146 HOH HOH B . 
M 6 HOH 33 233 159 HOH HOH B . 
M 6 HOH 34 234 179 HOH HOH B . 
M 6 HOH 35 235 141 HOH HOH B . 
M 6 HOH 36 236 124 HOH HOH B . 
M 6 HOH 37 237 139 HOH HOH B . 
M 6 HOH 38 238 144 HOH HOH B . 
M 6 HOH 39 239 127 HOH HOH B . 
M 6 HOH 40 240 122 HOH HOH B . 
M 6 HOH 41 241 133 HOH HOH B . 
M 6 HOH 42 242 182 HOH HOH B . 
M 6 HOH 43 243 185 HOH HOH B . 
# 
loop_
_software.citation_id 
_software.classification 
_software.compiler_name 
_software.compiler_version 
_software.contact_author 
_software.contact_author_email 
_software.date 
_software.description 
_software.dependencies 
_software.hardware 
_software.language 
_software.location 
_software.mods 
_software.name 
_software.os 
_software.os_version 
_software.type 
_software.version 
_software.pdbx_ordinal 
? 'data collection' ? ? ? ? ? ? ? ? ? ? ? Blu-Ice  ? ? ? .           1 
? 'data processing' ? ? ? ? ? ? ? ? ? ? ? HKL-2000 ? ? ? .           2 
? 'data scaling'    ? ? ? ? ? ? ? ? ? ? ? HKL-2000 ? ? ? .           3 
? phasing           ? ? ? ? ? ? ? ? ? ? ? SHELX    ? ? ? .           4 
? refinement        ? ? ? ? ? ? ? ? ? ? ? PHENIX   ? ? ? 1.10.1-2155 5 
# 
_cell.angle_alpha                  90.000 
_cell.angle_alpha_esd              ? 
_cell.angle_beta                   90.000 
_cell.angle_beta_esd               ? 
_cell.angle_gamma                  120.000 
_cell.angle_gamma_esd              ? 
_cell.entry_id                     5XEW 
_cell.details                      ? 
_cell.formula_units_Z              ? 
_cell.length_a                     48.291 
_cell.length_a_esd                 ? 
_cell.length_b                     48.291 
_cell.length_b_esd                 ? 
_cell.length_c                     83.356 
_cell.length_c_esd                 ? 
_cell.volume                       ? 
_cell.volume_esd                   ? 
_cell.Z_PDB                        12 
_cell.reciprocal_angle_alpha       ? 
_cell.reciprocal_angle_beta        ? 
_cell.reciprocal_angle_gamma       ? 
_cell.reciprocal_angle_alpha_esd   ? 
_cell.reciprocal_angle_beta_esd    ? 
_cell.reciprocal_angle_gamma_esd   ? 
_cell.reciprocal_length_a          ? 
_cell.reciprocal_length_b          ? 
_cell.reciprocal_length_c          ? 
_cell.reciprocal_length_a_esd      ? 
_cell.reciprocal_length_b_esd      ? 
_cell.reciprocal_length_c_esd      ? 
_cell.pdbx_unique_axis             ? 
# 
_symmetry.entry_id                         5XEW 
_symmetry.cell_setting                     ? 
_symmetry.Int_Tables_number                153 
_symmetry.space_group_name_Hall            ? 
_symmetry.space_group_name_H-M             'P 32 1 2' 
_symmetry.pdbx_full_space_group_name_H-M   ? 
# 
_exptl.absorpt_coefficient_mu     ? 
_exptl.absorpt_correction_T_max   ? 
_exptl.absorpt_correction_T_min   ? 
_exptl.absorpt_correction_type    ? 
_exptl.absorpt_process_details    ? 
_exptl.entry_id                   5XEW 
_exptl.crystals_number            1 
_exptl.details                    ? 
_exptl.method                     'X-RAY DIFFRACTION' 
_exptl.method_details             ? 
# 
_exptl_crystal.colour                      ? 
_exptl_crystal.density_diffrn              ? 
_exptl_crystal.density_Matthews            3.87 
_exptl_crystal.density_method              ? 
_exptl_crystal.density_percent_sol         68.23 
_exptl_crystal.description                 ? 
_exptl_crystal.F_000                       ? 
_exptl_crystal.id                          1 
_exptl_crystal.preparation                 ? 
_exptl_crystal.size_max                    ? 
_exptl_crystal.size_mid                    ? 
_exptl_crystal.size_min                    ? 
_exptl_crystal.size_rad                    ? 
_exptl_crystal.colour_lustre               ? 
_exptl_crystal.colour_modifier             ? 
_exptl_crystal.colour_primary              ? 
_exptl_crystal.density_meas                ? 
_exptl_crystal.density_meas_esd            ? 
_exptl_crystal.density_meas_gt             ? 
_exptl_crystal.density_meas_lt             ? 
_exptl_crystal.density_meas_temp           ? 
_exptl_crystal.density_meas_temp_esd       ? 
_exptl_crystal.density_meas_temp_gt        ? 
_exptl_crystal.density_meas_temp_lt        ? 
_exptl_crystal.pdbx_crystal_image_url      ? 
_exptl_crystal.pdbx_crystal_image_format   ? 
_exptl_crystal.pdbx_mosaicity              ? 
_exptl_crystal.pdbx_mosaicity_esd          ? 
# 
_exptl_crystal_grow.apparatus       ? 
_exptl_crystal_grow.atmosphere      ? 
_exptl_crystal_grow.crystal_id      1 
_exptl_crystal_grow.details         ? 
_exptl_crystal_grow.method          'VAPOR DIFFUSION, SITTING DROP' 
_exptl_crystal_grow.method_ref      ? 
_exptl_crystal_grow.pH              6.0 
_exptl_crystal_grow.pressure        ? 
_exptl_crystal_grow.pressure_esd    ? 
_exptl_crystal_grow.seeding         ? 
_exptl_crystal_grow.seeding_ref     ? 
_exptl_crystal_grow.temp            277 
_exptl_crystal_grow.temp_details    ? 
_exptl_crystal_grow.temp_esd        ? 
_exptl_crystal_grow.time            ? 
_exptl_crystal_grow.pdbx_details    
;1.0 mM single stranded-DNA, 2.0 mM Chromomycin A3, 4mM NiSO4 6H2O, 50 mM sodium-cacodylate buffer, 5 mM MgCl2, 1 mM spermine, 3 % MPD
;
_exptl_crystal_grow.pdbx_pH_range   ? 
# 
_diffrn.ambient_environment    ? 
_diffrn.ambient_temp           100 
_diffrn.ambient_temp_details   ? 
_diffrn.ambient_temp_esd       ? 
_diffrn.crystal_id             1 
_diffrn.crystal_support        ? 
_diffrn.crystal_treatment      ? 
_diffrn.details                ? 
_diffrn.id                     1 
_diffrn.ambient_pressure       ? 
_diffrn.ambient_pressure_esd   ? 
_diffrn.ambient_pressure_gt    ? 
_diffrn.ambient_pressure_lt    ? 
_diffrn.ambient_temp_gt        ? 
_diffrn.ambient_temp_lt        ? 
# 
_diffrn_detector.details                      ? 
_diffrn_detector.detector                     CCD 
_diffrn_detector.diffrn_id                    1 
_diffrn_detector.type                         'ADSC QUANTUM 315r' 
_diffrn_detector.area_resol_mean              ? 
_diffrn_detector.dtime                        ? 
_diffrn_detector.pdbx_frames_total            ? 
_diffrn_detector.pdbx_collection_time_total   ? 
_diffrn_detector.pdbx_collection_date         2013-01-01 
# 
_diffrn_radiation.collimation                      ? 
_diffrn_radiation.diffrn_id                        1 
_diffrn_radiation.filter_edge                      ? 
_diffrn_radiation.inhomogeneity                    ? 
_diffrn_radiation.monochromator                    ? 
_diffrn_radiation.polarisn_norm                    ? 
_diffrn_radiation.polarisn_ratio                   ? 
_diffrn_radiation.probe                            ? 
_diffrn_radiation.type                             ? 
_diffrn_radiation.xray_symbol                      ? 
_diffrn_radiation.wavelength_id                    1 
_diffrn_radiation.pdbx_monochromatic_or_laue_m_l   M 
_diffrn_radiation.pdbx_wavelength_list             ? 
_diffrn_radiation.pdbx_wavelength                  ? 
_diffrn_radiation.pdbx_diffrn_protocol             MAD 
_diffrn_radiation.pdbx_analyzer                    ? 
_diffrn_radiation.pdbx_scattering_type             x-ray 
# 
loop_
_diffrn_radiation_wavelength.id 
_diffrn_radiation_wavelength.wavelength 
_diffrn_radiation_wavelength.wt 
1 1.45104 1.0 
2 1.48491 1.0 
3 1.48582 1.0 
# 
_diffrn_source.current                     ? 
_diffrn_source.details                     ? 
_diffrn_source.diffrn_id                   1 
_diffrn_source.power                       ? 
_diffrn_source.size                        ? 
_diffrn_source.source                      SYNCHROTRON 
_diffrn_source.target                      ? 
_diffrn_source.type                        'NSRRC BEAMLINE BL13B1' 
_diffrn_source.voltage                     ? 
_diffrn_source.take-off_angle              ? 
_diffrn_source.pdbx_wavelength_list        1.45104,1.48491,1.48582 
_diffrn_source.pdbx_wavelength             ? 
_diffrn_source.pdbx_synchrotron_beamline   BL13B1 
_diffrn_source.pdbx_synchrotron_site       NSRRC 
# 
_reflns.B_iso_Wilson_estimate            30.690 
_reflns.entry_id                         5XEW 
_reflns.data_reduction_details           ? 
_reflns.data_reduction_method            ? 
_reflns.d_resolution_high                1.750 
_reflns.d_resolution_low                 30.000 
_reflns.details                          ? 
_reflns.limit_h_max                      ? 
_reflns.limit_h_min                      ? 
_reflns.limit_k_max                      ? 
_reflns.limit_k_min                      ? 
_reflns.limit_l_max                      ? 
_reflns.limit_l_min                      ? 
_reflns.number_all                       ? 
_reflns.number_obs                       21692 
_reflns.observed_criterion               ? 
_reflns.observed_criterion_F_max         ? 
_reflns.observed_criterion_F_min         ? 
_reflns.observed_criterion_I_max         ? 
_reflns.observed_criterion_I_min         ? 
_reflns.observed_criterion_sigma_F       ? 
_reflns.observed_criterion_sigma_I       ? 
_reflns.percent_possible_obs             99.600 
_reflns.R_free_details                   ? 
_reflns.Rmerge_F_all                     ? 
_reflns.Rmerge_F_obs                     ? 
_reflns.Friedel_coverage                 ? 
_reflns.number_gt                        ? 
_reflns.threshold_expression             ? 
_reflns.pdbx_redundancy                  10.100 
_reflns.pdbx_Rmerge_I_obs                0.050 
_reflns.pdbx_Rmerge_I_all                ? 
_reflns.pdbx_Rsym_value                  ? 
_reflns.pdbx_netI_over_av_sigmaI         ? 
_reflns.pdbx_netI_over_sigmaI            28.200 
_reflns.pdbx_res_netI_over_av_sigmaI_2   ? 
_reflns.pdbx_res_netI_over_sigmaI_2      ? 
_reflns.pdbx_chi_squared                 2.733 
_reflns.pdbx_scaling_rejects             ? 
_reflns.pdbx_d_res_high_opt              ? 
_reflns.pdbx_d_res_low_opt               ? 
_reflns.pdbx_d_res_opt_method            ? 
_reflns.phase_calculation_details        ? 
_reflns.pdbx_Rrim_I_all                  ? 
_reflns.pdbx_Rpim_I_all                  ? 
_reflns.pdbx_d_opt                       ? 
_reflns.pdbx_number_measured_all         ? 
_reflns.pdbx_diffrn_id                   1 
_reflns.pdbx_ordinal                     1 
_reflns.pdbx_CC_half                     ? 
_reflns.pdbx_R_split                     ? 
# 
loop_
_reflns_shell.d_res_high 
_reflns_shell.d_res_low 
_reflns_shell.meanI_over_sigI_all 
_reflns_shell.meanI_over_sigI_obs 
_reflns_shell.number_measured_all 
_reflns_shell.number_measured_obs 
_reflns_shell.number_possible 
_reflns_shell.number_unique_all 
_reflns_shell.number_unique_obs 
_reflns_shell.percent_possible_all 
_reflns_shell.percent_possible_obs 
_reflns_shell.Rmerge_F_all 
_reflns_shell.Rmerge_F_obs 
_reflns_shell.Rmerge_I_all 
_reflns_shell.Rmerge_I_obs 
_reflns_shell.meanI_over_sigI_gt 
_reflns_shell.meanI_over_uI_all 
_reflns_shell.meanI_over_uI_gt 
_reflns_shell.number_measured_gt 
_reflns_shell.number_unique_gt 
_reflns_shell.percent_possible_gt 
_reflns_shell.Rmerge_F_gt 
_reflns_shell.Rmerge_I_gt 
_reflns_shell.pdbx_redundancy 
_reflns_shell.pdbx_Rsym_value 
_reflns_shell.pdbx_chi_squared 
_reflns_shell.pdbx_netI_over_sigmaI_all 
_reflns_shell.pdbx_netI_over_sigmaI_obs 
_reflns_shell.pdbx_Rrim_I_all 
_reflns_shell.pdbx_Rpim_I_all 
_reflns_shell.pdbx_rejects 
_reflns_shell.pdbx_ordinal 
_reflns_shell.pdbx_diffrn_id 
_reflns_shell.pdbx_CC_half 
_reflns_shell.pdbx_R_split 
1.750 1.810  ? ? ? ? ? ? ? 96.500  ? ? ? ? 0.364 ? ? ? ? ? ? ? ? 6.100  ? 1.038 ? ? ? ? ? 1  1 ? ? 
1.810 1.890  ? ? ? ? ? ? ? 100.000 ? ? ? ? 0.235 ? ? ? ? ? ? ? ? 8.900  ? 1.078 ? ? ? ? ? 2  1 ? ? 
1.890 1.970  ? ? ? ? ? ? ? 100.000 ? ? ? ? 0.163 ? ? ? ? ? ? ? ? 10.400 ? 1.199 ? ? ? ? ? 3  1 ? ? 
1.970 2.070  ? ? ? ? ? ? ? 100.000 ? ? ? ? 0.119 ? ? ? ? ? ? ? ? 10.700 ? 1.310 ? ? ? ? ? 4  1 ? ? 
2.070 2.200  ? ? ? ? ? ? ? 100.000 ? ? ? ? 0.097 ? ? ? ? ? ? ? ? 10.700 ? 1.640 ? ? ? ? ? 5  1 ? ? 
2.200 2.370  ? ? ? ? ? ? ? 100.000 ? ? ? ? 0.078 ? ? ? ? ? ? ? ? 10.900 ? 1.993 ? ? ? ? ? 6  1 ? ? 
2.370 2.610  ? ? ? ? ? ? ? 100.000 ? ? ? ? 0.076 ? ? ? ? ? ? ? ? 10.900 ? 2.820 ? ? ? ? ? 7  1 ? ? 
2.610 2.990  ? ? ? ? ? ? ? 100.000 ? ? ? ? 0.082 ? ? ? ? ? ? ? ? 10.700 ? 2.846 ? ? ? ? ? 8  1 ? ? 
2.990 3.770  ? ? ? ? ? ? ? 100.000 ? ? ? ? 0.044 ? ? ? ? ? ? ? ? 10.700 ? 4.074 ? ? ? ? ? 9  1 ? ? 
3.770 30.000 ? ? ? ? ? ? ? 99.200  ? ? ? ? 0.041 ? ? ? ? ? ? ? ? 10.400 ? 7.942 ? ? ? ? ? 10 1 ? ? 
# 
_refine.aniso_B[1][1]                            ? 
_refine.aniso_B[1][2]                            ? 
_refine.aniso_B[1][3]                            ? 
_refine.aniso_B[2][2]                            ? 
_refine.aniso_B[2][3]                            ? 
_refine.aniso_B[3][3]                            ? 
_refine.B_iso_max                                115.530 
_refine.B_iso_mean                               39.6775 
_refine.B_iso_min                                20.710 
_refine.correlation_coeff_Fo_to_Fc               ? 
_refine.correlation_coeff_Fo_to_Fc_free          ? 
_refine.details                                  ? 
_refine.diff_density_max                         ? 
_refine.diff_density_max_esd                     ? 
_refine.diff_density_min                         ? 
_refine.diff_density_min_esd                     ? 
_refine.diff_density_rms                         ? 
_refine.diff_density_rms_esd                     ? 
_refine.entry_id                                 5XEW 
_refine.pdbx_refine_id                           'X-RAY DIFFRACTION' 
_refine.ls_abs_structure_details                 ? 
_refine.ls_abs_structure_Flack                   ? 
_refine.ls_abs_structure_Flack_esd               ? 
_refine.ls_abs_structure_Rogers                  ? 
_refine.ls_abs_structure_Rogers_esd              ? 
_refine.ls_d_res_high                            1.7510 
_refine.ls_d_res_low                             23.1920 
_refine.ls_extinction_coef                       ? 
_refine.ls_extinction_coef_esd                   ? 
_refine.ls_extinction_expression                 ? 
_refine.ls_extinction_method                     ? 
_refine.ls_goodness_of_fit_all                   ? 
_refine.ls_goodness_of_fit_all_esd               ? 
_refine.ls_goodness_of_fit_obs                   ? 
_refine.ls_goodness_of_fit_obs_esd               ? 
_refine.ls_hydrogen_treatment                    ? 
_refine.ls_matrix_type                           ? 
_refine.ls_number_constraints                    ? 
_refine.ls_number_parameters                     ? 
_refine.ls_number_reflns_all                     ? 
_refine.ls_number_reflns_obs                     21692 
_refine.ls_number_reflns_R_free                  2186 
_refine.ls_number_reflns_R_work                  ? 
_refine.ls_number_restraints                     ? 
_refine.ls_percent_reflns_obs                    99.0000 
_refine.ls_percent_reflns_R_free                 10.0800 
_refine.ls_R_factor_all                          ? 
_refine.ls_R_factor_obs                          0.2103 
_refine.ls_R_factor_R_free                       0.2379 
_refine.ls_R_factor_R_free_error                 ? 
_refine.ls_R_factor_R_free_error_details         ? 
_refine.ls_R_factor_R_work                       0.2071 
_refine.ls_R_Fsqd_factor_obs                     ? 
_refine.ls_R_I_factor_obs                        ? 
_refine.ls_redundancy_reflns_all                 ? 
_refine.ls_redundancy_reflns_obs                 ? 
_refine.ls_restrained_S_all                      ? 
_refine.ls_restrained_S_obs                      ? 
_refine.ls_shift_over_esd_max                    ? 
_refine.ls_shift_over_esd_mean                   ? 
_refine.ls_structure_factor_coef                 ? 
_refine.ls_weighting_details                     ? 
_refine.ls_weighting_scheme                      ? 
_refine.ls_wR_factor_all                         ? 
_refine.ls_wR_factor_obs                         ? 
_refine.ls_wR_factor_R_free                      ? 
_refine.ls_wR_factor_R_work                      ? 
_refine.occupancy_max                            ? 
_refine.occupancy_min                            ? 
_refine.solvent_model_details                    ? 
_refine.solvent_model_param_bsol                 ? 
_refine.solvent_model_param_ksol                 ? 
_refine.ls_R_factor_gt                           ? 
_refine.ls_goodness_of_fit_gt                    ? 
_refine.ls_goodness_of_fit_ref                   ? 
_refine.ls_shift_over_su_max                     ? 
_refine.ls_shift_over_su_max_lt                  ? 
_refine.ls_shift_over_su_mean                    ? 
_refine.ls_shift_over_su_mean_lt                 ? 
_refine.pdbx_ls_sigma_I                          ? 
_refine.pdbx_ls_sigma_F                          1.350 
_refine.pdbx_ls_sigma_Fsqd                       ? 
_refine.pdbx_data_cutoff_high_absF               ? 
_refine.pdbx_data_cutoff_high_rms_absF           ? 
_refine.pdbx_data_cutoff_low_absF                ? 
_refine.pdbx_isotropic_thermal_model             ? 
_refine.pdbx_ls_cross_valid_method               THROUGHOUT 
_refine.pdbx_method_to_determine_struct          MAD 
_refine.pdbx_starting_model                      ? 
_refine.pdbx_stereochemistry_target_values       ? 
_refine.pdbx_R_Free_selection_details            ? 
_refine.pdbx_stereochem_target_val_spec_case     ? 
_refine.pdbx_overall_ESU_R                       ? 
_refine.pdbx_overall_ESU_R_Free                  ? 
_refine.pdbx_solvent_vdw_probe_radii             1.1100 
_refine.pdbx_solvent_ion_probe_radii             ? 
_refine.pdbx_solvent_shrinkage_radii             0.9000 
_refine.pdbx_real_space_R                        ? 
_refine.pdbx_density_correlation                 ? 
_refine.pdbx_pd_number_of_powder_patterns        ? 
_refine.pdbx_pd_number_of_points                 ? 
_refine.pdbx_pd_meas_number_of_points            ? 
_refine.pdbx_pd_proc_ls_prof_R_factor            ? 
_refine.pdbx_pd_proc_ls_prof_wR_factor           ? 
_refine.pdbx_pd_Marquardt_correlation_coeff      ? 
_refine.pdbx_pd_Fsqrd_R_factor                   ? 
_refine.pdbx_pd_ls_matrix_band_width             ? 
_refine.pdbx_overall_phase_error                 26.9500 
_refine.pdbx_overall_SU_R_free_Cruickshank_DPI   ? 
_refine.pdbx_overall_SU_R_free_Blow_DPI          ? 
_refine.pdbx_overall_SU_R_Blow_DPI               ? 
_refine.pdbx_TLS_residual_ADP_flag               ? 
_refine.pdbx_diffrn_id                           1 
_refine.overall_SU_B                             ? 
_refine.overall_SU_ML                            0.1600 
_refine.overall_SU_R_Cruickshank_DPI             ? 
_refine.overall_SU_R_free                        ? 
_refine.overall_FOM_free_R_set                   ? 
_refine.overall_FOM_work_R_set                   ? 
_refine.pdbx_average_fsc_overall                 ? 
_refine.pdbx_average_fsc_work                    ? 
_refine.pdbx_average_fsc_free                    ? 
# 
_refine_hist.cycle_id                         final 
_refine_hist.pdbx_refine_id                   'X-RAY DIFFRACTION' 
_refine_hist.d_res_high                       1.7510 
_refine_hist.d_res_low                        23.1920 
_refine_hist.pdbx_number_atoms_ligand         247 
_refine_hist.number_atoms_solvent             89 
_refine_hist.number_atoms_total               704 
_refine_hist.pdbx_number_residues_total       20 
_refine_hist.pdbx_B_iso_mean_ligand           40.82 
_refine_hist.pdbx_B_iso_mean_solvent          42.77 
_refine_hist.pdbx_number_atoms_protein        0 
_refine_hist.pdbx_number_atoms_nucleic_acid   368 
# 
loop_
_refine_ls_restr.pdbx_refine_id 
_refine_ls_restr.criterion 
_refine_ls_restr.dev_ideal 
_refine_ls_restr.dev_ideal_target 
_refine_ls_restr.number 
_refine_ls_restr.rejects 
_refine_ls_restr.type 
_refine_ls_restr.weight 
_refine_ls_restr.pdbx_restraint_function 
'X-RAY DIFFRACTION' ? 0.007  ? 714  ? f_bond_d           ? ? 
'X-RAY DIFFRACTION' ? 1.088  ? 1056 ? f_angle_d          ? ? 
'X-RAY DIFFRACTION' ? 0.055  ? 136  ? f_chiral_restr     ? ? 
'X-RAY DIFFRACTION' ? 0.010  ? 30   ? f_plane_restr      ? ? 
'X-RAY DIFFRACTION' ? 27.056 ? 316  ? f_dihedral_angle_d ? ? 
# 
loop_
_refine_ls_shell.pdbx_refine_id 
_refine_ls_shell.d_res_high 
_refine_ls_shell.d_res_low 
_refine_ls_shell.number_reflns_all 
_refine_ls_shell.number_reflns_obs 
_refine_ls_shell.number_reflns_R_free 
_refine_ls_shell.number_reflns_R_work 
_refine_ls_shell.percent_reflns_obs 
_refine_ls_shell.percent_reflns_R_free 
_refine_ls_shell.R_factor_all 
_refine_ls_shell.R_factor_obs 
_refine_ls_shell.R_factor_R_free 
_refine_ls_shell.R_factor_R_free_error 
_refine_ls_shell.R_factor_R_work 
_refine_ls_shell.redundancy_reflns_all 
_refine_ls_shell.redundancy_reflns_obs 
_refine_ls_shell.wR_factor_all 
_refine_ls_shell.wR_factor_obs 
_refine_ls_shell.wR_factor_R_free 
_refine_ls_shell.wR_factor_R_work 
_refine_ls_shell.pdbx_total_number_of_bins_used 
_refine_ls_shell.pdbx_phase_error 
_refine_ls_shell.pdbx_fsc_work 
_refine_ls_shell.pdbx_fsc_free 
'X-RAY DIFFRACTION' 1.7508 1.7889  1211 . 127 1084 87.0000  . . . 0.2630 0.0000 0.2919 . . . . . . 16 . . . 
'X-RAY DIFFRACTION' 1.7889 1.8305  1312 . 129 1183 99.0000  . . . 0.2993 0.0000 0.2451 . . . . . . 16 . . . 
'X-RAY DIFFRACTION' 1.8305 1.8763  1398 . 144 1254 100.0000 . . . 0.2575 0.0000 0.2272 . . . . . . 16 . . . 
'X-RAY DIFFRACTION' 1.8763 1.9270  1384 . 144 1240 100.0000 . . . 0.2342 0.0000 0.2177 . . . . . . 16 . . . 
'X-RAY DIFFRACTION' 1.9270 1.9836  1336 . 126 1210 100.0000 . . . 0.2618 0.0000 0.1901 . . . . . . 16 . . . 
'X-RAY DIFFRACTION' 1.9836 2.0476  1386 . 148 1238 100.0000 . . . 0.2888 0.0000 0.2076 . . . . . . 16 . . . 
'X-RAY DIFFRACTION' 2.0476 2.1208  1372 . 138 1234 100.0000 . . . 0.2164 0.0000 0.2009 . . . . . . 16 . . . 
'X-RAY DIFFRACTION' 2.1208 2.2056  1364 . 134 1230 100.0000 . . . 0.3360 0.0000 0.2503 . . . . . . 16 . . . 
'X-RAY DIFFRACTION' 2.2056 2.3059  1370 . 132 1238 100.0000 . . . 0.2745 0.0000 0.2218 . . . . . . 16 . . . 
'X-RAY DIFFRACTION' 2.3059 2.4274  1344 . 136 1208 100.0000 . . . 0.2420 0.0000 0.2498 . . . . . . 16 . . . 
'X-RAY DIFFRACTION' 2.4274 2.5792  1369 . 136 1233 100.0000 . . . 0.2887 0.0000 0.2349 . . . . . . 16 . . . 
'X-RAY DIFFRACTION' 2.5792 2.7781  1370 . 126 1244 100.0000 . . . 0.3235 0.0000 0.2664 . . . . . . 16 . . . 
'X-RAY DIFFRACTION' 2.7781 3.0571  1381 . 138 1243 100.0000 . . . 0.2536 0.0000 0.2695 . . . . . . 16 . . . 
'X-RAY DIFFRACTION' 3.0571 3.4982  1357 . 146 1211 100.0000 . . . 0.2328 0.0000 0.1935 . . . . . . 16 . . . 
'X-RAY DIFFRACTION' 3.4982 4.4024  1395 . 145 1250 100.0000 . . . 0.2036 0.0000 0.1767 . . . . . . 16 . . . 
'X-RAY DIFFRACTION' 4.4024 23.1941 1343 . 137 1206 99.0000  . . . 0.2003 0.0000 0.1712 . . . . . . 16 . . . 
# 
_struct.entry_id                     5XEW 
_struct.title                        'Crystal structure of the [Ni2+-(chromomycin A3)2]-CCG repeats complex' 
_struct.pdbx_model_details           ? 
_struct.pdbx_formula_weight          ? 
_struct.pdbx_formula_weight_method   ? 
_struct.pdbx_model_type_details      ? 
_struct.pdbx_CASP_flag               N 
# 
_struct_keywords.entry_id        5XEW 
_struct_keywords.text            
;Trinucleotide repeats, neurological disease, induced fit recognition, metal binding ligand, consecutive bases flip-out, DNA deformation, molecular diagnostics, DNA-ANTIBIOTIC complex
;
_struct_keywords.pdbx_keywords   DNA/ANTIBIOTIC 
# 
loop_
_struct_asym.id 
_struct_asym.pdbx_blank_PDB_chainid_flag 
_struct_asym.pdbx_modified 
_struct_asym.entity_id 
_struct_asym.details 
A N N 1 ? 
B N N 1 ? 
C N N 2 ? 
D N N 3 ? 
E N N 3 ? 
F N N 2 ? 
G N N 4 ? 
H N N 5 ? 
I N N 5 ? 
J N N 4 ? 
K N N 5 ? 
L N N 6 ? 
M N N 6 ? 
# 
_struct_ref.id                         1 
_struct_ref.db_name                    PDB 
_struct_ref.db_code                    5XEW 
_struct_ref.pdbx_db_accession          5XEW 
_struct_ref.pdbx_db_isoform            ? 
_struct_ref.entity_id                  1 
_struct_ref.pdbx_seq_one_letter_code   ? 
_struct_ref.pdbx_align_begin           1 
# 
loop_
_struct_ref_seq.align_id 
_struct_ref_seq.ref_id 
_struct_ref_seq.pdbx_PDB_id_code 
_struct_ref_seq.pdbx_strand_id 
_struct_ref_seq.seq_align_beg 
_struct_ref_seq.pdbx_seq_align_beg_ins_code 
_struct_ref_seq.seq_align_end 
_struct_ref_seq.pdbx_seq_align_end_ins_code 
_struct_ref_seq.pdbx_db_accession 
_struct_ref_seq.db_align_beg 
_struct_ref_seq.pdbx_db_align_beg_ins_code 
_struct_ref_seq.db_align_end 
_struct_ref_seq.pdbx_db_align_end_ins_code 
_struct_ref_seq.pdbx_auth_seq_align_beg 
_struct_ref_seq.pdbx_auth_seq_align_end 
1 1 5XEW A 1 ? 13 ? 5XEW 1  ? 13 ? 1  13 
2 1 5XEW B 1 ? 13 ? 5XEW 14 ? 26 ? 14 26 
# 
_pdbx_struct_assembly.id                   1 
_pdbx_struct_assembly.details              author_defined_assembly 
_pdbx_struct_assembly.method_details       ? 
_pdbx_struct_assembly.oligomeric_details   dimeric 
_pdbx_struct_assembly.oligomeric_count     2 
# 
loop_
_pdbx_struct_assembly_prop.biol_id 
_pdbx_struct_assembly_prop.type 
_pdbx_struct_assembly_prop.value 
_pdbx_struct_assembly_prop.details 
1 'ABSA (A^2)' 6480 ? 
1 MORE         42   ? 
1 'SSA (A^2)'  3900 ? 
# 
_pdbx_struct_assembly_gen.assembly_id       1 
_pdbx_struct_assembly_gen.oper_expression   1 
_pdbx_struct_assembly_gen.asym_id_list      A,B,C,D,E,F,G,H,I,J,K,L,M 
# 
_pdbx_struct_assembly_auth_evidence.id                     1 
_pdbx_struct_assembly_auth_evidence.assembly_id            1 
_pdbx_struct_assembly_auth_evidence.experimental_support   none 
_pdbx_struct_assembly_auth_evidence.details                ? 
# 
_pdbx_struct_oper_list.id                   1 
_pdbx_struct_oper_list.type                 'identity operation' 
_pdbx_struct_oper_list.name                 1_555 
_pdbx_struct_oper_list.symmetry_operation   x,y,z 
_pdbx_struct_oper_list.matrix[1][1]         1.0000000000 
_pdbx_struct_oper_list.matrix[1][2]         0.0000000000 
_pdbx_struct_oper_list.matrix[1][3]         0.0000000000 
_pdbx_struct_oper_list.vector[1]            0.0000000000 
_pdbx_struct_oper_list.matrix[2][1]         0.0000000000 
_pdbx_struct_oper_list.matrix[2][2]         1.0000000000 
_pdbx_struct_oper_list.matrix[2][3]         0.0000000000 
_pdbx_struct_oper_list.vector[2]            0.0000000000 
_pdbx_struct_oper_list.matrix[3][1]         0.0000000000 
_pdbx_struct_oper_list.matrix[3][2]         0.0000000000 
_pdbx_struct_oper_list.matrix[3][3]         1.0000000000 
_pdbx_struct_oper_list.vector[3]            0.0000000000 
# 
loop_
_struct_conn.id 
_struct_conn.conn_type_id 
_struct_conn.pdbx_leaving_atom_flag 
_struct_conn.pdbx_PDB_id 
_struct_conn.ptnr1_label_asym_id 
_struct_conn.ptnr1_label_comp_id 
_struct_conn.ptnr1_label_seq_id 
_struct_conn.ptnr1_label_atom_id 
_struct_conn.pdbx_ptnr1_label_alt_id 
_struct_conn.pdbx_ptnr1_PDB_ins_code 
_struct_conn.pdbx_ptnr1_standard_comp_id 
_struct_conn.ptnr1_symmetry 
_struct_conn.ptnr2_label_asym_id 
_struct_conn.ptnr2_label_comp_id 
_struct_conn.ptnr2_label_seq_id 
_struct_conn.ptnr2_label_atom_id 
_struct_conn.pdbx_ptnr2_label_alt_id 
_struct_conn.pdbx_ptnr2_PDB_ins_code 
_struct_conn.ptnr1_auth_asym_id 
_struct_conn.ptnr1_auth_comp_id 
_struct_conn.ptnr1_auth_seq_id 
_struct_conn.ptnr2_auth_asym_id 
_struct_conn.ptnr2_auth_comp_id 
_struct_conn.ptnr2_auth_seq_id 
_struct_conn.ptnr2_symmetry 
_struct_conn.pdbx_ptnr3_label_atom_id 
_struct_conn.pdbx_ptnr3_label_seq_id 
_struct_conn.pdbx_ptnr3_label_comp_id 
_struct_conn.pdbx_ptnr3_label_asym_id 
_struct_conn.pdbx_ptnr3_label_alt_id 
_struct_conn.pdbx_ptnr3_PDB_ins_code 
_struct_conn.details 
_struct_conn.pdbx_dist_value 
_struct_conn.pdbx_value_order 
_struct_conn.pdbx_role 
covale1  covale one ? G CPH .  C6 ? ? ? 1_555 D ARI .  O1 ? ? A CPH 106 D ARI 1   1_555 ? ? ? ? ? ? ?            1.375 ? ? 
covale2  covale one ? G CPH .  C2 ? ? ? 1_555 F CDR .  O1 ? ? A CPH 106 F CDR 1   1_555 ? ? ? ? ? ? ?            1.379 ? ? 
covale3  covale one ? J CPH .  C2 ? ? ? 1_555 C CDR .  O1 ? ? B CPH 103 C CDR 1   1_555 ? ? ? ? ? ? ?            1.380 ? ? 
covale4  covale one ? J CPH .  C6 ? ? ? 1_555 E ARI .  O1 ? ? B CPH 103 E ARI 1   1_555 ? ? ? ? ? ? ?            1.376 ? ? 
covale5  covale one ? C CDR .  C3 ? ? ? 1_555 C CDR .  O1 ? ? C CDR 1   C CDR 2   1_555 ? ? ? ? ? ? ?            1.378 ? ? 
covale6  covale one ? C CDR .  C3 ? ? ? 1_555 C ERI .  O1 ? ? C CDR 2   C ERI 3   1_555 ? ? ? ? ? ? ?            1.377 ? ? 
covale7  covale one ? D ARI .  C3 ? ? ? 1_555 D 1GL .  O1 ? ? D ARI 1   D 1GL 2   1_555 ? ? ? ? ? ? ?            1.378 ? ? 
covale8  covale one ? E ARI .  C3 ? ? ? 1_555 E 1GL .  O1 ? ? E ARI 1   E 1GL 2   1_555 ? ? ? ? ? ? ?            1.378 ? ? 
covale9  covale one ? F CDR .  C3 ? ? ? 1_555 F CDR .  O1 ? ? F CDR 1   F CDR 2   1_555 ? ? ? ? ? ? ?            1.378 ? ? 
covale10 covale one ? F CDR .  C3 ? ? ? 1_555 F ERI .  O1 ? ? F CDR 2   F ERI 3   1_555 ? ? ? ? ? ? ?            1.378 ? ? 
metalc1  metalc ?   ? A DG  8  N7 ? ? ? 1_555 I NI  .  NI ? ? A DG  8   A NI  108 1_555 ? ? ? ? ? ? ?            2.121 ? ? 
metalc2  metalc ?   ? G CPH .  O1 ? ? ? 1_555 H NI  .  NI ? ? A CPH 106 A NI  107 1_555 ? ? ? ? ? ? ?            1.963 ? ? 
metalc3  metalc ?   ? G CPH .  O9 ? ? ? 1_555 H NI  .  NI ? ? A CPH 106 A NI  107 1_555 ? ? ? ? ? ? ?            1.939 ? ? 
metalc4  metalc ?   ? H NI  .  NI ? ? ? 1_555 L HOH .  O  ? ? A NI  107 A HOH 205 1_555 ? ? ? ? ? ? ?            2.120 ? ? 
metalc5  metalc ?   ? H NI  .  NI ? ? ? 1_555 J CPH .  O1 ? ? A NI  107 B CPH 103 1_555 ? ? ? ? ? ? ?            1.981 ? ? 
metalc6  metalc ?   ? H NI  .  NI ? ? ? 1_555 J CPH .  O9 ? ? A NI  107 B CPH 103 1_555 ? ? ? ? ? ? ?            1.931 ? ? 
metalc7  metalc ?   ? H NI  .  NI ? ? ? 1_555 M HOH .  O  ? ? A NI  107 B HOH 207 1_555 ? ? ? ? ? ? ?            2.127 ? ? 
metalc8  metalc ?   ? I NI  .  NI ? ? ? 1_555 L HOH .  O  ? ? A NI  108 A HOH 206 1_555 ? ? ? ? ? ? ?            2.003 ? ? 
metalc9  metalc ?   ? I NI  .  NI ? ? ? 1_555 L HOH .  O  ? ? A NI  108 A HOH 209 1_555 ? ? ? ? ? ? ?            1.820 ? ? 
metalc10 metalc ?   ? I NI  .  NI ? ? ? 1_555 L HOH .  O  ? ? A NI  108 A HOH 211 1_555 ? ? ? ? ? ? ?            1.970 ? ? 
metalc11 metalc ?   ? I NI  .  NI ? ? ? 1_555 L HOH .  O  ? ? A NI  108 A HOH 218 1_555 ? ? ? ? ? ? ?            1.896 ? ? 
metalc12 metalc ?   ? I NI  .  NI ? ? ? 1_555 L HOH .  O  ? ? A NI  108 A HOH 238 1_555 ? ? ? ? ? ? ?            2.305 ? ? 
metalc13 metalc ?   ? L HOH .  O  ? ? ? 1_555 K NI  .  NI ? ? A HOH 236 B NI  107 1_555 ? ? ? ? ? ? ?            2.255 ? ? 
metalc14 metalc ?   ? B DG  8  N7 ? ? ? 1_555 K NI  .  NI ? ? B DG  21  B NI  107 1_555 ? ? ? ? ? ? ?            2.118 ? ? 
metalc15 metalc ?   ? K NI  .  NI ? ? ? 1_555 M HOH .  O  ? ? B NI  107 B HOH 208 1_555 ? ? ? ? ? ? ?            2.048 ? ? 
metalc16 metalc ?   ? K NI  .  NI ? ? ? 1_555 M HOH .  O  ? ? B NI  107 B HOH 212 1_555 ? ? ? ? ? ? ?            1.954 ? ? 
metalc17 metalc ?   ? K NI  .  NI ? ? ? 1_555 M HOH .  O  ? ? B NI  107 B HOH 213 1_555 ? ? ? ? ? ? ?            1.831 ? ? 
metalc18 metalc ?   ? K NI  .  NI ? ? ? 1_555 M HOH .  O  ? ? B NI  107 B HOH 223 1_555 ? ? ? ? ? ? ?            1.907 ? ? 
hydrog1  hydrog ?   ? A DT  1  N3 ? ? ? 1_555 B DA  13 N7 ? ? A DT  1   B DA  26  1_555 ? ? ? ? ? ? HOOGSTEEN    ?     ? ? 
hydrog2  hydrog ?   ? A DT  1  O4 ? ? ? 1_555 B DA  13 N6 ? ? A DT  1   B DA  26  1_555 ? ? ? ? ? ? HOOGSTEEN    ?     ? ? 
hydrog3  hydrog ?   ? A DT  2  N3 ? ? ? 1_555 B DA  12 N1 ? ? A DT  2   B DA  25  1_555 ? ? ? ? ? ? WATSON-CRICK ?     ? ? 
hydrog4  hydrog ?   ? A DT  2  O4 ? ? ? 1_555 B DA  12 N6 ? ? A DT  2   B DA  25  1_555 ? ? ? ? ? ? WATSON-CRICK ?     ? ? 
hydrog5  hydrog ?   ? A DC  4  N3 ? ? ? 1_555 B DG  11 N1 ? ? A DC  4   B DG  24  1_555 ? ? ? ? ? ? WATSON-CRICK ?     ? ? 
hydrog6  hydrog ?   ? A DC  4  N4 ? ? ? 1_555 B DG  11 O6 ? ? A DC  4   B DG  24  1_555 ? ? ? ? ? ? WATSON-CRICK ?     ? ? 
hydrog7  hydrog ?   ? A DC  4  O2 ? ? ? 1_555 B DG  11 N2 ? ? A DC  4   B DG  24  1_555 ? ? ? ? ? ? WATSON-CRICK ?     ? ? 
hydrog8  hydrog ?   ? A DG  5  N1 ? ? ? 1_555 B DC  10 N3 ? ? A DG  5   B DC  23  1_555 ? ? ? ? ? ? WATSON-CRICK ?     ? ? 
hydrog9  hydrog ?   ? A DG  5  N2 ? ? ? 1_555 B DC  10 O2 ? ? A DG  5   B DC  23  1_555 ? ? ? ? ? ? WATSON-CRICK ?     ? ? 
hydrog10 hydrog ?   ? A DG  5  O6 ? ? ? 1_555 B DC  10 N4 ? ? A DG  5   B DC  23  1_555 ? ? ? ? ? ? WATSON-CRICK ?     ? ? 
hydrog11 hydrog ?   ? A DG  8  N1 ? ? ? 1_555 B DC  9  N3 ? ? A DG  8   B DC  22  1_555 ? ? ? ? ? ? WATSON-CRICK ?     ? ? 
hydrog12 hydrog ?   ? A DG  8  N2 ? ? ? 1_555 B DC  9  O2 ? ? A DG  8   B DC  22  1_555 ? ? ? ? ? ? WATSON-CRICK ?     ? ? 
hydrog13 hydrog ?   ? A DG  8  O6 ? ? ? 1_555 B DC  9  N4 ? ? A DG  8   B DC  22  1_555 ? ? ? ? ? ? WATSON-CRICK ?     ? ? 
hydrog14 hydrog ?   ? A DC  9  N3 ? ? ? 1_555 B DG  8  N1 ? ? A DC  9   B DG  21  1_555 ? ? ? ? ? ? WATSON-CRICK ?     ? ? 
hydrog15 hydrog ?   ? A DC  9  N4 ? ? ? 1_555 B DG  8  O6 ? ? A DC  9   B DG  21  1_555 ? ? ? ? ? ? WATSON-CRICK ?     ? ? 
hydrog16 hydrog ?   ? A DC  9  O2 ? ? ? 1_555 B DG  8  N2 ? ? A DC  9   B DG  21  1_555 ? ? ? ? ? ? WATSON-CRICK ?     ? ? 
hydrog17 hydrog ?   ? A DC  10 N3 ? ? ? 1_555 B DG  5  N1 ? ? A DC  10  B DG  18  1_555 ? ? ? ? ? ? WATSON-CRICK ?     ? ? 
hydrog18 hydrog ?   ? A DC  10 N4 ? ? ? 1_555 B DG  5  O6 ? ? A DC  10  B DG  18  1_555 ? ? ? ? ? ? WATSON-CRICK ?     ? ? 
hydrog19 hydrog ?   ? A DC  10 O2 ? ? ? 1_555 B DG  5  N2 ? ? A DC  10  B DG  18  1_555 ? ? ? ? ? ? WATSON-CRICK ?     ? ? 
hydrog20 hydrog ?   ? A DG  11 N1 ? ? ? 1_555 B DC  4  N3 ? ? A DG  11  B DC  17  1_555 ? ? ? ? ? ? WATSON-CRICK ?     ? ? 
hydrog21 hydrog ?   ? A DG  11 N2 ? ? ? 1_555 B DC  4  O2 ? ? A DG  11  B DC  17  1_555 ? ? ? ? ? ? WATSON-CRICK ?     ? ? 
hydrog22 hydrog ?   ? A DG  11 O6 ? ? ? 1_555 B DC  4  N4 ? ? A DG  11  B DC  17  1_555 ? ? ? ? ? ? WATSON-CRICK ?     ? ? 
hydrog23 hydrog ?   ? A DA  12 N1 ? ? ? 1_555 B DT  2  N3 ? ? A DA  12  B DT  15  1_555 ? ? ? ? ? ? WATSON-CRICK ?     ? ? 
hydrog24 hydrog ?   ? A DA  12 N6 ? ? ? 1_555 B DT  2  O4 ? ? A DA  12  B DT  15  1_555 ? ? ? ? ? ? WATSON-CRICK ?     ? ? 
hydrog25 hydrog ?   ? A DA  13 N6 ? ? ? 1_555 B DT  1  O4 ? ? A DA  13  B DT  14  1_555 ? ? ? ? ? ? HOOGSTEEN    ?     ? ? 
hydrog26 hydrog ?   ? A DA  13 N7 ? ? ? 1_555 B DT  1  N3 ? ? A DA  13  B DT  14  1_555 ? ? ? ? ? ? HOOGSTEEN    ?     ? ? 
# 
loop_
_struct_conn_type.id 
_struct_conn_type.criteria 
_struct_conn_type.reference 
covale ? ? 
metalc ? ? 
hydrog ? ? 
# 
loop_
_pdbx_struct_conn_angle.id 
_pdbx_struct_conn_angle.ptnr1_label_atom_id 
_pdbx_struct_conn_angle.ptnr1_label_alt_id 
_pdbx_struct_conn_angle.ptnr1_label_asym_id 
_pdbx_struct_conn_angle.ptnr1_label_comp_id 
_pdbx_struct_conn_angle.ptnr1_label_seq_id 
_pdbx_struct_conn_angle.ptnr1_auth_atom_id 
_pdbx_struct_conn_angle.ptnr1_auth_asym_id 
_pdbx_struct_conn_angle.ptnr1_auth_comp_id 
_pdbx_struct_conn_angle.ptnr1_auth_seq_id 
_pdbx_struct_conn_angle.ptnr1_PDB_ins_code 
_pdbx_struct_conn_angle.ptnr1_symmetry 
_pdbx_struct_conn_angle.ptnr2_label_atom_id 
_pdbx_struct_conn_angle.ptnr2_label_alt_id 
_pdbx_struct_conn_angle.ptnr2_label_asym_id 
_pdbx_struct_conn_angle.ptnr2_label_comp_id 
_pdbx_struct_conn_angle.ptnr2_label_seq_id 
_pdbx_struct_conn_angle.ptnr2_auth_atom_id 
_pdbx_struct_conn_angle.ptnr2_auth_asym_id 
_pdbx_struct_conn_angle.ptnr2_auth_comp_id 
_pdbx_struct_conn_angle.ptnr2_auth_seq_id 
_pdbx_struct_conn_angle.ptnr2_PDB_ins_code 
_pdbx_struct_conn_angle.ptnr2_symmetry 
_pdbx_struct_conn_angle.ptnr3_label_atom_id 
_pdbx_struct_conn_angle.ptnr3_label_alt_id 
_pdbx_struct_conn_angle.ptnr3_label_asym_id 
_pdbx_struct_conn_angle.ptnr3_label_comp_id 
_pdbx_struct_conn_angle.ptnr3_label_seq_id 
_pdbx_struct_conn_angle.ptnr3_auth_atom_id 
_pdbx_struct_conn_angle.ptnr3_auth_asym_id 
_pdbx_struct_conn_angle.ptnr3_auth_comp_id 
_pdbx_struct_conn_angle.ptnr3_auth_seq_id 
_pdbx_struct_conn_angle.ptnr3_PDB_ins_code 
_pdbx_struct_conn_angle.ptnr3_symmetry 
_pdbx_struct_conn_angle.value 
_pdbx_struct_conn_angle.value_esd 
1  N7 ? A DG  8 ? A DG  8   ? 1_555 NI ? I NI . ? A NI 108 ? 1_555 O  ? L HOH . ? A HOH 206 ? 1_555 93.2  ? 
2  N7 ? A DG  8 ? A DG  8   ? 1_555 NI ? I NI . ? A NI 108 ? 1_555 O  ? L HOH . ? A HOH 209 ? 1_555 84.1  ? 
3  O  ? L HOH . ? A HOH 206 ? 1_555 NI ? I NI . ? A NI 108 ? 1_555 O  ? L HOH . ? A HOH 209 ? 1_555 93.1  ? 
4  N7 ? A DG  8 ? A DG  8   ? 1_555 NI ? I NI . ? A NI 108 ? 1_555 O  ? L HOH . ? A HOH 211 ? 1_555 92.9  ? 
5  O  ? L HOH . ? A HOH 206 ? 1_555 NI ? I NI . ? A NI 108 ? 1_555 O  ? L HOH . ? A HOH 211 ? 1_555 160.4 ? 
6  O  ? L HOH . ? A HOH 209 ? 1_555 NI ? I NI . ? A NI 108 ? 1_555 O  ? L HOH . ? A HOH 211 ? 1_555 69.1  ? 
7  N7 ? A DG  8 ? A DG  8   ? 1_555 NI ? I NI . ? A NI 108 ? 1_555 O  ? L HOH . ? A HOH 218 ? 1_555 93.3  ? 
8  O  ? L HOH . ? A HOH 206 ? 1_555 NI ? I NI . ? A NI 108 ? 1_555 O  ? L HOH . ? A HOH 218 ? 1_555 81.9  ? 
9  O  ? L HOH . ? A HOH 209 ? 1_555 NI ? I NI . ? A NI 108 ? 1_555 O  ? L HOH . ? A HOH 218 ? 1_555 174.3 ? 
10 O  ? L HOH . ? A HOH 211 ? 1_555 NI ? I NI . ? A NI 108 ? 1_555 O  ? L HOH . ? A HOH 218 ? 1_555 116.3 ? 
11 N7 ? A DG  8 ? A DG  8   ? 1_555 NI ? I NI . ? A NI 108 ? 1_555 O  ? L HOH . ? A HOH 238 ? 1_555 169.1 ? 
12 O  ? L HOH . ? A HOH 206 ? 1_555 NI ? I NI . ? A NI 108 ? 1_555 O  ? L HOH . ? A HOH 238 ? 1_555 95.4  ? 
13 O  ? L HOH . ? A HOH 209 ? 1_555 NI ? I NI . ? A NI 108 ? 1_555 O  ? L HOH . ? A HOH 238 ? 1_555 88.7  ? 
14 O  ? L HOH . ? A HOH 211 ? 1_555 NI ? I NI . ? A NI 108 ? 1_555 O  ? L HOH . ? A HOH 238 ? 1_555 76.8  ? 
15 O  ? L HOH . ? A HOH 218 ? 1_555 NI ? I NI . ? A NI 108 ? 1_555 O  ? L HOH . ? A HOH 238 ? 1_555 94.6  ? 
16 O1 ? G CPH . ? A CPH 106 ? 1_555 NI ? H NI . ? A NI 107 ? 1_555 O9 ? G CPH . ? A CPH 106 ? 1_555 82.8  ? 
17 O1 ? G CPH . ? A CPH 106 ? 1_555 NI ? H NI . ? A NI 107 ? 1_555 O  ? L HOH . ? A HOH 205 ? 1_555 92.1  ? 
18 O9 ? G CPH . ? A CPH 106 ? 1_555 NI ? H NI . ? A NI 107 ? 1_555 O  ? L HOH . ? A HOH 205 ? 1_555 91.4  ? 
19 O1 ? G CPH . ? A CPH 106 ? 1_555 NI ? H NI . ? A NI 107 ? 1_555 O1 ? J CPH . ? B CPH 103 ? 1_555 83.9  ? 
20 O9 ? G CPH . ? A CPH 106 ? 1_555 NI ? H NI . ? A NI 107 ? 1_555 O1 ? J CPH . ? B CPH 103 ? 1_555 97.1  ? 
21 O  ? L HOH . ? A HOH 205 ? 1_555 NI ? H NI . ? A NI 107 ? 1_555 O1 ? J CPH . ? B CPH 103 ? 1_555 170.2 ? 
22 O1 ? G CPH . ? A CPH 106 ? 1_555 NI ? H NI . ? A NI 107 ? 1_555 O9 ? J CPH . ? B CPH 103 ? 1_555 97.3  ? 
23 O9 ? G CPH . ? A CPH 106 ? 1_555 NI ? H NI . ? A NI 107 ? 1_555 O9 ? J CPH . ? B CPH 103 ? 1_555 179.0 ? 
24 O  ? L HOH . ? A HOH 205 ? 1_555 NI ? H NI . ? A NI 107 ? 1_555 O9 ? J CPH . ? B CPH 103 ? 1_555 87.6  ? 
25 O1 ? J CPH . ? B CPH 103 ? 1_555 NI ? H NI . ? A NI 107 ? 1_555 O9 ? J CPH . ? B CPH 103 ? 1_555 83.9  ? 
26 O1 ? G CPH . ? A CPH 106 ? 1_555 NI ? H NI . ? A NI 107 ? 1_555 O  ? M HOH . ? B HOH 207 ? 1_555 168.2 ? 
27 O9 ? G CPH . ? A CPH 106 ? 1_555 NI ? H NI . ? A NI 107 ? 1_555 O  ? M HOH . ? B HOH 207 ? 1_555 86.2  ? 
28 O  ? L HOH . ? A HOH 205 ? 1_555 NI ? H NI . ? A NI 107 ? 1_555 O  ? M HOH . ? B HOH 207 ? 1_555 92.5  ? 
29 O1 ? J CPH . ? B CPH 103 ? 1_555 NI ? H NI . ? A NI 107 ? 1_555 O  ? M HOH . ? B HOH 207 ? 1_555 93.1  ? 
30 O9 ? J CPH . ? B CPH 103 ? 1_555 NI ? H NI . ? A NI 107 ? 1_555 O  ? M HOH . ? B HOH 207 ? 1_555 93.7  ? 
31 O  ? L HOH . ? A HOH 236 ? 1_555 NI ? K NI . ? B NI 107 ? 1_555 N7 ? B DG  8 ? B DG  21  ? 1_555 167.5 ? 
32 O  ? L HOH . ? A HOH 236 ? 1_555 NI ? K NI . ? B NI 107 ? 1_555 O  ? M HOH . ? B HOH 208 ? 1_555 94.9  ? 
33 N7 ? B DG  8 ? B DG  21  ? 1_555 NI ? K NI . ? B NI 107 ? 1_555 O  ? M HOH . ? B HOH 208 ? 1_555 90.9  ? 
34 O  ? L HOH . ? A HOH 236 ? 1_555 NI ? K NI . ? B NI 107 ? 1_555 O  ? M HOH . ? B HOH 212 ? 1_555 85.0  ? 
35 N7 ? B DG  8 ? B DG  21  ? 1_555 NI ? K NI . ? B NI 107 ? 1_555 O  ? M HOH . ? B HOH 212 ? 1_555 92.4  ? 
36 O  ? M HOH . ? B HOH 208 ? 1_555 NI ? K NI . ? B NI 107 ? 1_555 O  ? M HOH . ? B HOH 212 ? 1_555 164.0 ? 
37 O  ? L HOH . ? A HOH 236 ? 1_555 NI ? K NI . ? B NI 107 ? 1_555 O  ? M HOH . ? B HOH 213 ? 1_555 105.0 ? 
38 N7 ? B DG  8 ? B DG  21  ? 1_555 NI ? K NI . ? B NI 107 ? 1_555 O  ? M HOH . ? B HOH 213 ? 1_555 85.3  ? 
39 O  ? M HOH . ? B HOH 208 ? 1_555 NI ? K NI . ? B NI 107 ? 1_555 O  ? M HOH . ? B HOH 213 ? 1_555 95.8  ? 
40 O  ? M HOH . ? B HOH 212 ? 1_555 NI ? K NI . ? B NI 107 ? 1_555 O  ? M HOH . ? B HOH 213 ? 1_555 68.9  ? 
41 O  ? L HOH . ? A HOH 236 ? 1_555 NI ? K NI . ? B NI 107 ? 1_555 O  ? M HOH . ? B HOH 223 ? 1_555 77.0  ? 
42 N7 ? B DG  8 ? B DG  21  ? 1_555 NI ? K NI . ? B NI 107 ? 1_555 O  ? M HOH . ? B HOH 223 ? 1_555 93.3  ? 
43 O  ? M HOH . ? B HOH 208 ? 1_555 NI ? K NI . ? B NI 107 ? 1_555 O  ? M HOH . ? B HOH 223 ? 1_555 79.3  ? 
44 O  ? M HOH . ? B HOH 212 ? 1_555 NI ? K NI . ? B NI 107 ? 1_555 O  ? M HOH . ? B HOH 223 ? 1_555 116.1 ? 
45 O  ? M HOH . ? B HOH 213 ? 1_555 NI ? K NI . ? B NI 107 ? 1_555 O  ? M HOH . ? B HOH 223 ? 1_555 174.9 ? 
# 
loop_
_pdbx_validate_close_contact.id 
_pdbx_validate_close_contact.PDB_model_num 
_pdbx_validate_close_contact.auth_atom_id_1 
_pdbx_validate_close_contact.auth_asym_id_1 
_pdbx_validate_close_contact.auth_comp_id_1 
_pdbx_validate_close_contact.auth_seq_id_1 
_pdbx_validate_close_contact.PDB_ins_code_1 
_pdbx_validate_close_contact.label_alt_id_1 
_pdbx_validate_close_contact.auth_atom_id_2 
_pdbx_validate_close_contact.auth_asym_id_2 
_pdbx_validate_close_contact.auth_comp_id_2 
_pdbx_validate_close_contact.auth_seq_id_2 
_pdbx_validate_close_contact.PDB_ins_code_2 
_pdbx_validate_close_contact.label_alt_id_2 
_pdbx_validate_close_contact.dist 
1 1 O4 A DT  1   ? ? O A HOH 201 ? ? 2.13 
2 1 O  B HOH 212 ? ? O B HOH 213 ? ? 2.14 
3 1 O  A HOH 230 ? ? O A HOH 232 ? ? 2.15 
4 1 O  A HOH 209 ? ? O A HOH 211 ? ? 2.15 
# 
_pdbx_validate_rmsd_bond.id                        1 
_pdbx_validate_rmsd_bond.PDB_model_num             1 
_pdbx_validate_rmsd_bond.auth_atom_id_1            "O3'" 
_pdbx_validate_rmsd_bond.auth_asym_id_1            B 
_pdbx_validate_rmsd_bond.auth_comp_id_1            DC 
_pdbx_validate_rmsd_bond.auth_seq_id_1             23 
_pdbx_validate_rmsd_bond.PDB_ins_code_1            ? 
_pdbx_validate_rmsd_bond.label_alt_id_1            ? 
_pdbx_validate_rmsd_bond.auth_atom_id_2            "C3'" 
_pdbx_validate_rmsd_bond.auth_asym_id_2            B 
_pdbx_validate_rmsd_bond.auth_comp_id_2            DC 
_pdbx_validate_rmsd_bond.auth_seq_id_2             23 
_pdbx_validate_rmsd_bond.PDB_ins_code_2            ? 
_pdbx_validate_rmsd_bond.label_alt_id_2            ? 
_pdbx_validate_rmsd_bond.bond_value                1.383 
_pdbx_validate_rmsd_bond.bond_target_value         1.419 
_pdbx_validate_rmsd_bond.bond_deviation            -0.036 
_pdbx_validate_rmsd_bond.bond_standard_deviation   0.006 
_pdbx_validate_rmsd_bond.linker_flag               N 
# 
loop_
_pdbx_validate_rmsd_angle.id 
_pdbx_validate_rmsd_angle.PDB_model_num 
_pdbx_validate_rmsd_angle.auth_atom_id_1 
_pdbx_validate_rmsd_angle.auth_asym_id_1 
_pdbx_validate_rmsd_angle.auth_comp_id_1 
_pdbx_validate_rmsd_angle.auth_seq_id_1 
_pdbx_validate_rmsd_angle.PDB_ins_code_1 
_pdbx_validate_rmsd_angle.label_alt_id_1 
_pdbx_validate_rmsd_angle.auth_atom_id_2 
_pdbx_validate_rmsd_angle.auth_asym_id_2 
_pdbx_validate_rmsd_angle.auth_comp_id_2 
_pdbx_validate_rmsd_angle.auth_seq_id_2 
_pdbx_validate_rmsd_angle.PDB_ins_code_2 
_pdbx_validate_rmsd_angle.label_alt_id_2 
_pdbx_validate_rmsd_angle.auth_atom_id_3 
_pdbx_validate_rmsd_angle.auth_asym_id_3 
_pdbx_validate_rmsd_angle.auth_comp_id_3 
_pdbx_validate_rmsd_angle.auth_seq_id_3 
_pdbx_validate_rmsd_angle.PDB_ins_code_3 
_pdbx_validate_rmsd_angle.label_alt_id_3 
_pdbx_validate_rmsd_angle.angle_value 
_pdbx_validate_rmsd_angle.angle_target_value 
_pdbx_validate_rmsd_angle.angle_deviation 
_pdbx_validate_rmsd_angle.angle_standard_deviation 
_pdbx_validate_rmsd_angle.linker_flag 
1 1 "O4'" A DA 13 ? ? "C1'" A DA 13 ? ? N9 A DA 13 ? ? 110.30 108.30 2.00 0.30 N 
2 1 "O4'" B DA 26 ? ? "C1'" B DA 26 ? ? N9 B DA 26 ? ? 110.39 108.30 2.09 0.30 N 
# 
_pdbx_struct_special_symmetry.id              1 
_pdbx_struct_special_symmetry.PDB_model_num   1 
_pdbx_struct_special_symmetry.auth_asym_id    B 
_pdbx_struct_special_symmetry.auth_comp_id    HOH 
_pdbx_struct_special_symmetry.auth_seq_id     211 
_pdbx_struct_special_symmetry.PDB_ins_code    ? 
_pdbx_struct_special_symmetry.label_asym_id   M 
_pdbx_struct_special_symmetry.label_comp_id   HOH 
_pdbx_struct_special_symmetry.label_seq_id    . 
# 
_pdbx_entry_details.entry_id                 5XEW 
_pdbx_entry_details.nonpolymer_details       
;The force field of Chro unit used in the refinement of NiII(Chro)2-DNA complex structure was generated using the atomic resolution crystal structure of NiII(Chro)2.
;
_pdbx_entry_details.sequence_details         ? 
_pdbx_entry_details.compound_details         ? 
_pdbx_entry_details.source_details           ? 
_pdbx_entry_details.has_ligand_of_interest   ? 
# 
loop_
_pdbx_distant_solvent_atoms.id 
_pdbx_distant_solvent_atoms.PDB_model_num 
_pdbx_distant_solvent_atoms.auth_atom_id 
_pdbx_distant_solvent_atoms.label_alt_id 
_pdbx_distant_solvent_atoms.auth_asym_id 
_pdbx_distant_solvent_atoms.auth_comp_id 
_pdbx_distant_solvent_atoms.auth_seq_id 
_pdbx_distant_solvent_atoms.PDB_ins_code 
_pdbx_distant_solvent_atoms.neighbor_macromolecule_distance 
_pdbx_distant_solvent_atoms.neighbor_ligand_distance 
1 1 O ? A HOH 242 ? .    6.11 
2 1 O ? A HOH 245 ? .    7.00 
3 1 O ? B HOH 243 ? 5.91 .    
# 
loop_
_pdbx_unobs_or_zero_occ_residues.id 
_pdbx_unobs_or_zero_occ_residues.PDB_model_num 
_pdbx_unobs_or_zero_occ_residues.polymer_flag 
_pdbx_unobs_or_zero_occ_residues.occupancy_flag 
_pdbx_unobs_or_zero_occ_residues.auth_asym_id 
_pdbx_unobs_or_zero_occ_residues.auth_comp_id 
_pdbx_unobs_or_zero_occ_residues.auth_seq_id 
_pdbx_unobs_or_zero_occ_residues.PDB_ins_code 
_pdbx_unobs_or_zero_occ_residues.label_asym_id 
_pdbx_unobs_or_zero_occ_residues.label_comp_id 
_pdbx_unobs_or_zero_occ_residues.label_seq_id 
1 1 Y 1 A DC 3  ? A DC 3 
2 1 Y 1 B DC 16 ? B DC 3 
# 
loop_
_chem_comp_atom.comp_id 
_chem_comp_atom.atom_id 
_chem_comp_atom.type_symbol 
_chem_comp_atom.pdbx_aromatic_flag 
_chem_comp_atom.pdbx_stereo_config 
_chem_comp_atom.pdbx_ordinal 
1GL O1     O  N N 1   
1GL C1     C  N S 2   
1GL C2     C  N N 3   
1GL C3     C  N R 4   
1GL O3     O  N N 5   
1GL C4     C  N R 6   
1GL O4     O  N N 7   
1GL CME    C  N N 8   
1GL C5     C  N R 9   
1GL O5     O  N N 10  
1GL C6     C  N N 11  
1GL HO1    H  N N 12  
1GL H1     H  N N 13  
1GL H2     H  N N 14  
1GL H22    H  N N 15  
1GL H3     H  N N 16  
1GL HO3    H  N N 17  
1GL H4     H  N N 18  
1GL HM41   H  N N 19  
1GL HM42   H  N N 20  
1GL HM43   H  N N 21  
1GL H5     H  N N 22  
1GL H61    H  N N 23  
1GL H62    H  N N 24  
1GL H63    H  N N 25  
ARI O1     O  N N 26  
ARI C1     C  N R 27  
ARI C2     C  N N 28  
ARI C3     C  N N 29  
ARI C4     C  N R 30  
ARI O4     O  N N 31  
ARI CME    C  N N 32  
ARI CO4    C  N N 33  
ARI OC4    O  N N 34  
ARI C5     C  N R 35  
ARI O5     O  N N 36  
ARI C6     C  N N 37  
ARI HO1    H  N N 38  
ARI H1     H  N N 39  
ARI H2     H  N N 40  
ARI H22    H  N N 41  
ARI H3     H  N N 42  
ARI H32    H  N N 43  
ARI H4     H  N N 44  
ARI H41    H  N N 45  
ARI H42    H  N N 46  
ARI H43    H  N N 47  
ARI H5     H  N N 48  
ARI H61    H  N N 49  
ARI H62    H  N N 50  
ARI H63    H  N N 51  
CDR O1     O  N N 52  
CDR C1     C  N R 53  
CDR C2     C  N N 54  
CDR C3     C  N N 55  
CDR C4     C  N S 56  
CDR O4     O  N N 57  
CDR C5     C  N R 58  
CDR O5     O  N N 59  
CDR C6     C  N N 60  
CDR HO1    H  N N 61  
CDR H1     H  N N 62  
CDR H2     H  N N 63  
CDR H22    H  N N 64  
CDR H3     H  N N 65  
CDR H32    H  N N 66  
CDR H4     H  N N 67  
CDR HO4    H  N N 68  
CDR H5     H  N N 69  
CDR H61    H  N N 70  
CDR H62    H  N N 71  
CDR H63    H  N N 72  
CPH C1     C  N N 73  
CPH O1     O  N N 74  
CPH C2     C  N S 75  
CPH C3     C  N R 76  
CPH C4     C  N N 77  
CPH C5     C  Y N 78  
CPH C6     C  Y N 79  
CPH C7     C  Y N 80  
CPH C8     C  Y N 81  
CPH O8     O  N N 82  
CPH C9     C  Y N 83  
CPH O9     O  N N 84  
CPH "C1'"  C  N S 85  
CPH "O1'"  O  N N 86  
CPH C10    C  Y N 87  
CPH "C2'"  C  N N 88  
CPH "O2'"  O  N N 89  
CPH "C3'"  C  N S 90  
CPH "O3'"  O  N N 91  
CPH "C4'"  C  N R 92  
CPH "O4'"  O  N N 93  
CPH C4A    C  Y N 94  
CPH "C5'"  C  N N 95  
CPH C5A    C  Y N 96  
CPH C8A    C  Y N 97  
CPH C9A    C  Y N 98  
CPH CC7    C  N N 99  
CPH O6     O  N N 100 
CPH O2     O  N N 101 
CPH CME    C  N N 102 
CPH H2     H  N N 103 
CPH H3     H  N N 104 
CPH H4     H  N N 105 
CPH H4A    H  N N 106 
CPH H5     H  N N 107 
CPH HO8    H  N N 108 
CPH HO9    H  N N 109 
CPH "H1'"  H  N N 110 
CPH H10    H  N N 111 
CPH "H3'"  H  N N 112 
CPH "HO3'" H  N N 113 
CPH "H4'"  H  N N 114 
CPH "HO4'" H  N N 115 
CPH "H5'"  H  N N 116 
CPH "H5'A" H  N N 117 
CPH "H5'B" H  N N 118 
CPH HC7    H  N N 119 
CPH HC7A   H  N N 120 
CPH HC7B   H  N N 121 
CPH HO6    H  N N 122 
CPH HO2    H  N N 123 
CPH HME    H  N N 124 
CPH HMEA   H  N N 125 
CPH HMEB   H  N N 126 
DA  OP3    O  N N 127 
DA  P      P  N N 128 
DA  OP1    O  N N 129 
DA  OP2    O  N N 130 
DA  "O5'"  O  N N 131 
DA  "C5'"  C  N N 132 
DA  "C4'"  C  N R 133 
DA  "O4'"  O  N N 134 
DA  "C3'"  C  N S 135 
DA  "O3'"  O  N N 136 
DA  "C2'"  C  N N 137 
DA  "C1'"  C  N R 138 
DA  N9     N  Y N 139 
DA  C8     C  Y N 140 
DA  N7     N  Y N 141 
DA  C5     C  Y N 142 
DA  C6     C  Y N 143 
DA  N6     N  N N 144 
DA  N1     N  Y N 145 
DA  C2     C  Y N 146 
DA  N3     N  Y N 147 
DA  C4     C  Y N 148 
DA  HOP3   H  N N 149 
DA  HOP2   H  N N 150 
DA  "H5'"  H  N N 151 
DA  "H5''" H  N N 152 
DA  "H4'"  H  N N 153 
DA  "H3'"  H  N N 154 
DA  "HO3'" H  N N 155 
DA  "H2'"  H  N N 156 
DA  "H2''" H  N N 157 
DA  "H1'"  H  N N 158 
DA  H8     H  N N 159 
DA  H61    H  N N 160 
DA  H62    H  N N 161 
DA  H2     H  N N 162 
DC  OP3    O  N N 163 
DC  P      P  N N 164 
DC  OP1    O  N N 165 
DC  OP2    O  N N 166 
DC  "O5'"  O  N N 167 
DC  "C5'"  C  N N 168 
DC  "C4'"  C  N R 169 
DC  "O4'"  O  N N 170 
DC  "C3'"  C  N S 171 
DC  "O3'"  O  N N 172 
DC  "C2'"  C  N N 173 
DC  "C1'"  C  N R 174 
DC  N1     N  N N 175 
DC  C2     C  N N 176 
DC  O2     O  N N 177 
DC  N3     N  N N 178 
DC  C4     C  N N 179 
DC  N4     N  N N 180 
DC  C5     C  N N 181 
DC  C6     C  N N 182 
DC  HOP3   H  N N 183 
DC  HOP2   H  N N 184 
DC  "H5'"  H  N N 185 
DC  "H5''" H  N N 186 
DC  "H4'"  H  N N 187 
DC  "H3'"  H  N N 188 
DC  "HO3'" H  N N 189 
DC  "H2'"  H  N N 190 
DC  "H2''" H  N N 191 
DC  "H1'"  H  N N 192 
DC  H41    H  N N 193 
DC  H42    H  N N 194 
DC  H5     H  N N 195 
DC  H6     H  N N 196 
DG  OP3    O  N N 197 
DG  P      P  N N 198 
DG  OP1    O  N N 199 
DG  OP2    O  N N 200 
DG  "O5'"  O  N N 201 
DG  "C5'"  C  N N 202 
DG  "C4'"  C  N R 203 
DG  "O4'"  O  N N 204 
DG  "C3'"  C  N S 205 
DG  "O3'"  O  N N 206 
DG  "C2'"  C  N N 207 
DG  "C1'"  C  N R 208 
DG  N9     N  Y N 209 
DG  C8     C  Y N 210 
DG  N7     N  Y N 211 
DG  C5     C  Y N 212 
DG  C6     C  N N 213 
DG  O6     O  N N 214 
DG  N1     N  N N 215 
DG  C2     C  N N 216 
DG  N2     N  N N 217 
DG  N3     N  N N 218 
DG  C4     C  Y N 219 
DG  HOP3   H  N N 220 
DG  HOP2   H  N N 221 
DG  "H5'"  H  N N 222 
DG  "H5''" H  N N 223 
DG  "H4'"  H  N N 224 
DG  "H3'"  H  N N 225 
DG  "HO3'" H  N N 226 
DG  "H2'"  H  N N 227 
DG  "H2''" H  N N 228 
DG  "H1'"  H  N N 229 
DG  H8     H  N N 230 
DG  H1     H  N N 231 
DG  H21    H  N N 232 
DG  H22    H  N N 233 
DT  OP3    O  N N 234 
DT  P      P  N N 235 
DT  OP1    O  N N 236 
DT  OP2    O  N N 237 
DT  "O5'"  O  N N 238 
DT  "C5'"  C  N N 239 
DT  "C4'"  C  N R 240 
DT  "O4'"  O  N N 241 
DT  "C3'"  C  N S 242 
DT  "O3'"  O  N N 243 
DT  "C2'"  C  N N 244 
DT  "C1'"  C  N R 245 
DT  N1     N  N N 246 
DT  C2     C  N N 247 
DT  O2     O  N N 248 
DT  N3     N  N N 249 
DT  C4     C  N N 250 
DT  O4     O  N N 251 
DT  C5     C  N N 252 
DT  C7     C  N N 253 
DT  C6     C  N N 254 
DT  HOP3   H  N N 255 
DT  HOP2   H  N N 256 
DT  "H5'"  H  N N 257 
DT  "H5''" H  N N 258 
DT  "H4'"  H  N N 259 
DT  "H3'"  H  N N 260 
DT  "HO3'" H  N N 261 
DT  "H2'"  H  N N 262 
DT  "H2''" H  N N 263 
DT  "H1'"  H  N N 264 
DT  H3     H  N N 265 
DT  H71    H  N N 266 
DT  H72    H  N N 267 
DT  H73    H  N N 268 
DT  H6     H  N N 269 
ERI O1     O  N N 270 
ERI C1     C  N R 271 
ERI C2     C  N N 272 
ERI C3     C  N S 273 
ERI O3     O  N N 274 
ERI CC3    C  N N 275 
ERI C4     C  N S 276 
ERI O4     O  N N 277 
ERI CME    C  N N 278 
ERI CO4    C  N N 279 
ERI OC4    O  N N 280 
ERI C5     C  N S 281 
ERI O5     O  N N 282 
ERI C6     C  N N 283 
ERI HO1    H  N N 284 
ERI H1     H  N N 285 
ERI H21    H  N N 286 
ERI H22    H  N N 287 
ERI HO3    H  N N 288 
ERI H31    H  N N 289 
ERI H32    H  N N 290 
ERI H33    H  N N 291 
ERI H4     H  N N 292 
ERI H41    H  N N 293 
ERI H42    H  N N 294 
ERI H43    H  N N 295 
ERI H5     H  N N 296 
ERI H61    H  N N 297 
ERI H62    H  N N 298 
ERI H63    H  N N 299 
HOH O      O  N N 300 
HOH H1     H  N N 301 
HOH H2     H  N N 302 
NI  NI     NI N N 303 
# 
loop_
_chem_comp_bond.comp_id 
_chem_comp_bond.atom_id_1 
_chem_comp_bond.atom_id_2 
_chem_comp_bond.value_order 
_chem_comp_bond.pdbx_aromatic_flag 
_chem_comp_bond.pdbx_stereo_config 
_chem_comp_bond.pdbx_ordinal 
1GL O1    C1     sing N N 1   
1GL O1    HO1    sing N N 2   
1GL C1    C2     sing N N 3   
1GL C1    O5     sing N N 4   
1GL C1    H1     sing N N 5   
1GL C2    C3     sing N N 6   
1GL C2    H2     sing N N 7   
1GL C2    H22    sing N N 8   
1GL C3    O3     sing N N 9   
1GL C3    C4     sing N N 10  
1GL C3    H3     sing N N 11  
1GL O3    HO3    sing N N 12  
1GL C4    O4     sing N N 13  
1GL C4    C5     sing N N 14  
1GL C4    H4     sing N N 15  
1GL O4    CME    sing N N 16  
1GL CME   HM41   sing N N 17  
1GL CME   HM42   sing N N 18  
1GL CME   HM43   sing N N 19  
1GL C5    O5     sing N N 20  
1GL C5    C6     sing N N 21  
1GL C5    H5     sing N N 22  
1GL C6    H61    sing N N 23  
1GL C6    H62    sing N N 24  
1GL C6    H63    sing N N 25  
ARI O1    C1     sing N N 26  
ARI O1    HO1    sing N N 27  
ARI C1    C2     sing N N 28  
ARI C1    O5     sing N N 29  
ARI C1    H1     sing N N 30  
ARI C2    C3     sing N N 31  
ARI C2    H2     sing N N 32  
ARI C2    H22    sing N N 33  
ARI C3    C4     sing N N 34  
ARI C3    H3     sing N N 35  
ARI C3    H32    sing N N 36  
ARI C4    O4     sing N N 37  
ARI C4    C5     sing N N 38  
ARI C4    H4     sing N N 39  
ARI O4    CO4    sing N N 40  
ARI CME   CO4    sing N N 41  
ARI CME   H41    sing N N 42  
ARI CME   H42    sing N N 43  
ARI CME   H43    sing N N 44  
ARI CO4   OC4    doub N N 45  
ARI C5    O5     sing N N 46  
ARI C5    C6     sing N N 47  
ARI C5    H5     sing N N 48  
ARI C6    H61    sing N N 49  
ARI C6    H62    sing N N 50  
ARI C6    H63    sing N N 51  
CDR O1    C1     sing N N 52  
CDR O1    HO1    sing N N 53  
CDR C1    C2     sing N N 54  
CDR C1    O5     sing N N 55  
CDR C1    H1     sing N N 56  
CDR C2    C3     sing N N 57  
CDR C2    H2     sing N N 58  
CDR C2    H22    sing N N 59  
CDR C3    C4     sing N N 60  
CDR C3    H3     sing N N 61  
CDR C3    H32    sing N N 62  
CDR C4    O4     sing N N 63  
CDR C4    C5     sing N N 64  
CDR C4    H4     sing N N 65  
CDR O4    HO4    sing N N 66  
CDR C5    O5     sing N N 67  
CDR C5    C6     sing N N 68  
CDR C5    H5     sing N N 69  
CDR C6    H61    sing N N 70  
CDR C6    H62    sing N N 71  
CDR C6    H63    sing N N 72  
CPH O1    C1     doub N N 73  
CPH C9A   C1     sing N N 74  
CPH C1    C2     sing N N 75  
CPH C2    O2     sing N N 76  
CPH C2    C3     sing N N 77  
CPH C2    H2     sing N N 78  
CPH C3    C4     sing N N 79  
CPH C3    "C1'"  sing N N 80  
CPH C3    H3     sing N N 81  
CPH C4A   C4     sing N N 82  
CPH C4    H4     sing N N 83  
CPH C4    H4A    sing N N 84  
CPH C6    C5     doub Y N 85  
CPH C5    C5A    sing Y N 86  
CPH C5    H5     sing N N 87  
CPH C7    C6     sing Y N 88  
CPH O6    C6     sing N N 89  
CPH CC7   C7     sing N N 90  
CPH C7    C8     doub Y N 91  
CPH O8    C8     sing N N 92  
CPH C8    C8A    sing Y N 93  
CPH O8    HO8    sing N N 94  
CPH O9    C9     sing N N 95  
CPH C8A   C9     doub Y N 96  
CPH C9    C9A    sing Y N 97  
CPH O9    HO9    sing N N 98  
CPH "C2'" "C1'"  sing N N 99  
CPH "C1'" "O1'"  sing N N 100 
CPH "C1'" "H1'"  sing N N 101 
CPH "O1'" CME    sing N N 102 
CPH C5A   C10    doub Y N 103 
CPH C10   C4A    sing Y N 104 
CPH C10   H10    sing N N 105 
CPH "O2'" "C2'"  doub N N 106 
CPH "C2'" "C3'"  sing N N 107 
CPH "O3'" "C3'"  sing N N 108 
CPH "C3'" "C4'"  sing N N 109 
CPH "C3'" "H3'"  sing N N 110 
CPH "O3'" "HO3'" sing N N 111 
CPH "O4'" "C4'"  sing N N 112 
CPH "C4'" "C5'"  sing N N 113 
CPH "C4'" "H4'"  sing N N 114 
CPH "O4'" "HO4'" sing N N 115 
CPH C9A   C4A    doub Y N 116 
CPH "C5'" "H5'"  sing N N 117 
CPH "C5'" "H5'A" sing N N 118 
CPH "C5'" "H5'B" sing N N 119 
CPH C8A   C5A    sing Y N 120 
CPH CC7   HC7    sing N N 121 
CPH CC7   HC7A   sing N N 122 
CPH CC7   HC7B   sing N N 123 
CPH O6    HO6    sing N N 124 
CPH O2    HO2    sing N N 125 
CPH CME   HME    sing N N 126 
CPH CME   HMEA   sing N N 127 
CPH CME   HMEB   sing N N 128 
DA  OP3   P      sing N N 129 
DA  OP3   HOP3   sing N N 130 
DA  P     OP1    doub N N 131 
DA  P     OP2    sing N N 132 
DA  P     "O5'"  sing N N 133 
DA  OP2   HOP2   sing N N 134 
DA  "O5'" "C5'"  sing N N 135 
DA  "C5'" "C4'"  sing N N 136 
DA  "C5'" "H5'"  sing N N 137 
DA  "C5'" "H5''" sing N N 138 
DA  "C4'" "O4'"  sing N N 139 
DA  "C4'" "C3'"  sing N N 140 
DA  "C4'" "H4'"  sing N N 141 
DA  "O4'" "C1'"  sing N N 142 
DA  "C3'" "O3'"  sing N N 143 
DA  "C3'" "C2'"  sing N N 144 
DA  "C3'" "H3'"  sing N N 145 
DA  "O3'" "HO3'" sing N N 146 
DA  "C2'" "C1'"  sing N N 147 
DA  "C2'" "H2'"  sing N N 148 
DA  "C2'" "H2''" sing N N 149 
DA  "C1'" N9     sing N N 150 
DA  "C1'" "H1'"  sing N N 151 
DA  N9    C8     sing Y N 152 
DA  N9    C4     sing Y N 153 
DA  C8    N7     doub Y N 154 
DA  C8    H8     sing N N 155 
DA  N7    C5     sing Y N 156 
DA  C5    C6     sing Y N 157 
DA  C5    C4     doub Y N 158 
DA  C6    N6     sing N N 159 
DA  C6    N1     doub Y N 160 
DA  N6    H61    sing N N 161 
DA  N6    H62    sing N N 162 
DA  N1    C2     sing Y N 163 
DA  C2    N3     doub Y N 164 
DA  C2    H2     sing N N 165 
DA  N3    C4     sing Y N 166 
DC  OP3   P      sing N N 167 
DC  OP3   HOP3   sing N N 168 
DC  P     OP1    doub N N 169 
DC  P     OP2    sing N N 170 
DC  P     "O5'"  sing N N 171 
DC  OP2   HOP2   sing N N 172 
DC  "O5'" "C5'"  sing N N 173 
DC  "C5'" "C4'"  sing N N 174 
DC  "C5'" "H5'"  sing N N 175 
DC  "C5'" "H5''" sing N N 176 
DC  "C4'" "O4'"  sing N N 177 
DC  "C4'" "C3'"  sing N N 178 
DC  "C4'" "H4'"  sing N N 179 
DC  "O4'" "C1'"  sing N N 180 
DC  "C3'" "O3'"  sing N N 181 
DC  "C3'" "C2'"  sing N N 182 
DC  "C3'" "H3'"  sing N N 183 
DC  "O3'" "HO3'" sing N N 184 
DC  "C2'" "C1'"  sing N N 185 
DC  "C2'" "H2'"  sing N N 186 
DC  "C2'" "H2''" sing N N 187 
DC  "C1'" N1     sing N N 188 
DC  "C1'" "H1'"  sing N N 189 
DC  N1    C2     sing N N 190 
DC  N1    C6     sing N N 191 
DC  C2    O2     doub N N 192 
DC  C2    N3     sing N N 193 
DC  N3    C4     doub N N 194 
DC  C4    N4     sing N N 195 
DC  C4    C5     sing N N 196 
DC  N4    H41    sing N N 197 
DC  N4    H42    sing N N 198 
DC  C5    C6     doub N N 199 
DC  C5    H5     sing N N 200 
DC  C6    H6     sing N N 201 
DG  OP3   P      sing N N 202 
DG  OP3   HOP3   sing N N 203 
DG  P     OP1    doub N N 204 
DG  P     OP2    sing N N 205 
DG  P     "O5'"  sing N N 206 
DG  OP2   HOP2   sing N N 207 
DG  "O5'" "C5'"  sing N N 208 
DG  "C5'" "C4'"  sing N N 209 
DG  "C5'" "H5'"  sing N N 210 
DG  "C5'" "H5''" sing N N 211 
DG  "C4'" "O4'"  sing N N 212 
DG  "C4'" "C3'"  sing N N 213 
DG  "C4'" "H4'"  sing N N 214 
DG  "O4'" "C1'"  sing N N 215 
DG  "C3'" "O3'"  sing N N 216 
DG  "C3'" "C2'"  sing N N 217 
DG  "C3'" "H3'"  sing N N 218 
DG  "O3'" "HO3'" sing N N 219 
DG  "C2'" "C1'"  sing N N 220 
DG  "C2'" "H2'"  sing N N 221 
DG  "C2'" "H2''" sing N N 222 
DG  "C1'" N9     sing N N 223 
DG  "C1'" "H1'"  sing N N 224 
DG  N9    C8     sing Y N 225 
DG  N9    C4     sing Y N 226 
DG  C8    N7     doub Y N 227 
DG  C8    H8     sing N N 228 
DG  N7    C5     sing Y N 229 
DG  C5    C6     sing N N 230 
DG  C5    C4     doub Y N 231 
DG  C6    O6     doub N N 232 
DG  C6    N1     sing N N 233 
DG  N1    C2     sing N N 234 
DG  N1    H1     sing N N 235 
DG  C2    N2     sing N N 236 
DG  C2    N3     doub N N 237 
DG  N2    H21    sing N N 238 
DG  N2    H22    sing N N 239 
DG  N3    C4     sing N N 240 
DT  OP3   P      sing N N 241 
DT  OP3   HOP3   sing N N 242 
DT  P     OP1    doub N N 243 
DT  P     OP2    sing N N 244 
DT  P     "O5'"  sing N N 245 
DT  OP2   HOP2   sing N N 246 
DT  "O5'" "C5'"  sing N N 247 
DT  "C5'" "C4'"  sing N N 248 
DT  "C5'" "H5'"  sing N N 249 
DT  "C5'" "H5''" sing N N 250 
DT  "C4'" "O4'"  sing N N 251 
DT  "C4'" "C3'"  sing N N 252 
DT  "C4'" "H4'"  sing N N 253 
DT  "O4'" "C1'"  sing N N 254 
DT  "C3'" "O3'"  sing N N 255 
DT  "C3'" "C2'"  sing N N 256 
DT  "C3'" "H3'"  sing N N 257 
DT  "O3'" "HO3'" sing N N 258 
DT  "C2'" "C1'"  sing N N 259 
DT  "C2'" "H2'"  sing N N 260 
DT  "C2'" "H2''" sing N N 261 
DT  "C1'" N1     sing N N 262 
DT  "C1'" "H1'"  sing N N 263 
DT  N1    C2     sing N N 264 
DT  N1    C6     sing N N 265 
DT  C2    O2     doub N N 266 
DT  C2    N3     sing N N 267 
DT  N3    C4     sing N N 268 
DT  N3    H3     sing N N 269 
DT  C4    O4     doub N N 270 
DT  C4    C5     sing N N 271 
DT  C5    C7     sing N N 272 
DT  C5    C6     doub N N 273 
DT  C7    H71    sing N N 274 
DT  C7    H72    sing N N 275 
DT  C7    H73    sing N N 276 
DT  C6    H6     sing N N 277 
ERI O1    C1     sing N N 278 
ERI O1    HO1    sing N N 279 
ERI C1    C2     sing N N 280 
ERI C1    O5     sing N N 281 
ERI C1    H1     sing N N 282 
ERI C2    C3     sing N N 283 
ERI C2    H21    sing N N 284 
ERI C2    H22    sing N N 285 
ERI C3    O3     sing N N 286 
ERI C3    CC3    sing N N 287 
ERI C3    C4     sing N N 288 
ERI O3    HO3    sing N N 289 
ERI CC3   H31    sing N N 290 
ERI CC3   H32    sing N N 291 
ERI CC3   H33    sing N N 292 
ERI C4    O4     sing N N 293 
ERI C4    C5     sing N N 294 
ERI C4    H4     sing N N 295 
ERI O4    CO4    sing N N 296 
ERI CME   CO4    sing N N 297 
ERI CME   H41    sing N N 298 
ERI CME   H42    sing N N 299 
ERI CME   H43    sing N N 300 
ERI CO4   OC4    doub N N 301 
ERI C5    O5     sing N N 302 
ERI C5    C6     sing N N 303 
ERI C5    H5     sing N N 304 
ERI C6    H61    sing N N 305 
ERI C6    H62    sing N N 306 
ERI C6    H63    sing N N 307 
HOH O     H1     sing N N 308 
HOH O     H2     sing N N 309 
# 
_ndb_struct_conf_na.entry_id   5XEW 
_ndb_struct_conf_na.feature    'double helix' 
# 
loop_
_ndb_struct_na_base_pair.model_number 
_ndb_struct_na_base_pair.i_label_asym_id 
_ndb_struct_na_base_pair.i_label_comp_id 
_ndb_struct_na_base_pair.i_label_seq_id 
_ndb_struct_na_base_pair.i_symmetry 
_ndb_struct_na_base_pair.j_label_asym_id 
_ndb_struct_na_base_pair.j_label_comp_id 
_ndb_struct_na_base_pair.j_label_seq_id 
_ndb_struct_na_base_pair.j_symmetry 
_ndb_struct_na_base_pair.shear 
_ndb_struct_na_base_pair.stretch 
_ndb_struct_na_base_pair.stagger 
_ndb_struct_na_base_pair.buckle 
_ndb_struct_na_base_pair.propeller 
_ndb_struct_na_base_pair.opening 
_ndb_struct_na_base_pair.pair_number 
_ndb_struct_na_base_pair.pair_name 
_ndb_struct_na_base_pair.i_auth_asym_id 
_ndb_struct_na_base_pair.i_auth_seq_id 
_ndb_struct_na_base_pair.i_PDB_ins_code 
_ndb_struct_na_base_pair.j_auth_asym_id 
_ndb_struct_na_base_pair.j_auth_seq_id 
_ndb_struct_na_base_pair.j_PDB_ins_code 
_ndb_struct_na_base_pair.hbond_type_28 
_ndb_struct_na_base_pair.hbond_type_12 
1 A DT 1  1_555 B DA 13 1_555 -0.467 3.776  0.726  -15.578 9.026   -63.090 1  A_DT1:DA26_B  A 1  ? B 26 ? 23 3 
1 A DT 2  1_555 B DA 12 1_555 -0.634 0.029  -0.010 -1.366  -4.669  -7.748  2  A_DT2:DA25_B  A 2  ? B 25 ? 20 1 
1 A DC 4  1_555 B DG 11 1_555 0.023  -0.185 -0.062 5.118   -15.273 -0.999  3  A_DC4:DG24_B  A 4  ? B 24 ? 19 1 
1 A DG 5  1_555 B DC 10 1_555 -0.010 -0.149 0.105  1.962   -12.407 0.951   4  A_DG5:DC23_B  A 5  ? B 23 ? 19 1 
1 A DG 8  1_555 B DC 9  1_555 -0.259 -0.165 0.159  2.918   -9.691  -0.357  5  A_DG8:DC22_B  A 8  ? B 22 ? 19 1 
1 A DC 9  1_555 B DG 8  1_555 0.292  -0.157 0.183  -2.173  -10.388 -0.295  6  A_DC9:DG21_B  A 9  ? B 21 ? 19 1 
1 A DC 10 1_555 B DG 5  1_555 0.000  -0.141 0.041  -0.883  -12.671 1.477   7  A_DC10:DG18_B A 10 ? B 18 ? 19 1 
1 A DG 11 1_555 B DC 4  1_555 -0.123 -0.248 -0.022 -3.707  -14.534 0.374   8  A_DG11:DC17_B A 11 ? B 17 ? 19 1 
1 A DA 12 1_555 B DT 2  1_555 0.679  -0.124 -0.311 -5.895  -0.762  -8.328  9  A_DA12:DT15_B A 12 ? B 15 ? 20 1 
1 A DA 13 1_555 B DT 1  1_555 1.019  -3.481 -0.202 10.277  -5.553  71.782  10 A_DA13:DT14_B A 13 ? B 14 ? 23 3 
# 
loop_
_ndb_struct_na_base_pair_step.model_number 
_ndb_struct_na_base_pair_step.i_label_asym_id_1 
_ndb_struct_na_base_pair_step.i_label_comp_id_1 
_ndb_struct_na_base_pair_step.i_label_seq_id_1 
_ndb_struct_na_base_pair_step.i_symmetry_1 
_ndb_struct_na_base_pair_step.j_label_asym_id_1 
_ndb_struct_na_base_pair_step.j_label_comp_id_1 
_ndb_struct_na_base_pair_step.j_label_seq_id_1 
_ndb_struct_na_base_pair_step.j_symmetry_1 
_ndb_struct_na_base_pair_step.i_label_asym_id_2 
_ndb_struct_na_base_pair_step.i_label_comp_id_2 
_ndb_struct_na_base_pair_step.i_label_seq_id_2 
_ndb_struct_na_base_pair_step.i_symmetry_2 
_ndb_struct_na_base_pair_step.j_label_asym_id_2 
_ndb_struct_na_base_pair_step.j_label_comp_id_2 
_ndb_struct_na_base_pair_step.j_label_seq_id_2 
_ndb_struct_na_base_pair_step.j_symmetry_2 
_ndb_struct_na_base_pair_step.shift 
_ndb_struct_na_base_pair_step.slide 
_ndb_struct_na_base_pair_step.rise 
_ndb_struct_na_base_pair_step.tilt 
_ndb_struct_na_base_pair_step.roll 
_ndb_struct_na_base_pair_step.twist 
_ndb_struct_na_base_pair_step.x_displacement 
_ndb_struct_na_base_pair_step.y_displacement 
_ndb_struct_na_base_pair_step.helical_rise 
_ndb_struct_na_base_pair_step.inclination 
_ndb_struct_na_base_pair_step.tip 
_ndb_struct_na_base_pair_step.helical_twist 
_ndb_struct_na_base_pair_step.step_number 
_ndb_struct_na_base_pair_step.step_name 
_ndb_struct_na_base_pair_step.i_auth_asym_id_1 
_ndb_struct_na_base_pair_step.i_auth_seq_id_1 
_ndb_struct_na_base_pair_step.i_PDB_ins_code_1 
_ndb_struct_na_base_pair_step.j_auth_asym_id_1 
_ndb_struct_na_base_pair_step.j_auth_seq_id_1 
_ndb_struct_na_base_pair_step.j_PDB_ins_code_1 
_ndb_struct_na_base_pair_step.i_auth_asym_id_2 
_ndb_struct_na_base_pair_step.i_auth_seq_id_2 
_ndb_struct_na_base_pair_step.i_PDB_ins_code_2 
_ndb_struct_na_base_pair_step.j_auth_asym_id_2 
_ndb_struct_na_base_pair_step.j_auth_seq_id_2 
_ndb_struct_na_base_pair_step.j_PDB_ins_code_2 
1 A DT 1  1_555 B DA 13 1_555 A DT 2  1_555 B DA 12 1_555 -0.973 3.230  3.310  3.302   4.217   -21.106  -10.110 -1.359 2.738  
-11.280 8.832  -21.767  1 AA_DT1DT2:DA25DA26_BB   A 1  ? B 26 ? A 2  ? B 25 ? 
1 A DT 2  1_555 B DA 12 1_555 A DC 4  1_555 B DG 11 1_555 0.348  -0.181 3.268  1.661   -4.814  35.271   0.407   -0.326 3.276  
-7.894  -2.724 35.625   2 AA_DT2DC4:DG24DA25_BB   A 2  ? B 25 ? A 4  ? B 24 ? 
1 A DC 4  1_555 B DG 11 1_555 A DG 5  1_555 B DC 10 1_555 0.758  0.191  3.521  -0.927  5.932   38.984   -0.472  -1.242 3.493  
8.825   1.379  39.426   3 AA_DC4DG5:DC23DG24_BB   A 4  ? B 24 ? A 5  ? B 23 ? 
1 A DG 5  1_555 B DC 10 1_555 A DG 8  1_555 B DC 9  1_555 1.922  -2.001 3.145  0.037   10.526  18.875   -8.736  -5.119 1.790  
29.326  -0.104 21.588   4 AA_DG5DG8:DC22DC23_BB   A 5  ? B 23 ? A 8  ? B 22 ? 
1 A DG 8  1_555 B DC 9  1_555 A DC 9  1_555 B DG 8  1_555 -0.020 -2.104 3.440  -0.223  -3.449  36.602   -2.828  -0.001 3.616  
-5.476  0.354  36.759   5 AA_DG8DC9:DG21DC22_BB   A 8  ? B 22 ? A 9  ? B 21 ? 
1 A DC 9  1_555 B DG 8  1_555 A DC 10 1_555 B DG 5  1_555 -1.915 -2.007 3.142  0.450   9.949   18.491   -8.893  5.412  1.788  
28.443  -1.288 20.982   6 AA_DC9DC10:DG18DG21_BB  A 9  ? B 21 ? A 10 ? B 18 ? 
1 A DC 10 1_555 B DG 5  1_555 A DG 11 1_555 B DC 4  1_555 -0.680 0.293  3.525  0.334   5.809   38.639   -0.320  1.061  3.525  
8.719   -0.502 39.058   7 AA_DC10DG11:DC17DG18_BB A 10 ? B 18 ? A 11 ? B 17 ? 
1 A DG 11 1_555 B DC 4  1_555 A DA 12 1_555 B DT 2  1_555 -0.422 0.001  3.499  1.911   -4.735  37.520   0.650   0.912  3.449  
-7.319  -2.954 37.853   8 AA_DG11DA12:DT15DC17_BB A 11 ? B 17 ? A 12 ? B 15 ? 
1 A DA 12 1_555 B DT 2  1_555 A DA 13 1_555 B DT 1  1_555 -2.098 3.458  -2.465 171.648 -26.689 -126.817 -1.793  -1.458 -1.040 
13.396  86.152 -177.186 9 AA_DA12DA13:DT14DT15_BB A 12 ? B 15 ? A 13 ? B 14 ? 
# 
loop_
_pdbx_entity_branch_list.entity_id 
_pdbx_entity_branch_list.comp_id 
_pdbx_entity_branch_list.num 
_pdbx_entity_branch_list.hetero 
2 CDR 1 n 
2 CDR 2 n 
2 ERI 3 n 
3 ARI 1 n 
3 1GL 2 n 
# 
_atom_sites.entry_id                    5XEW 
_atom_sites.fract_transf_matrix[1][1]   -0.01827802 
_atom_sites.fract_transf_matrix[1][2]   0.01532156 
_atom_sites.fract_transf_matrix[1][3]   0.00171204 
_atom_sites.fract_transf_matrix[2][1]   -0.02191268 
_atom_sites.fract_transf_matrix[2][2]   -0.00805888 
_atom_sites.fract_transf_matrix[2][3]   0.00515993 
_atom_sites.fract_transf_matrix[3][1]   0.00224980 
_atom_sites.fract_transf_matrix[3][2]   0.00137616 
_atom_sites.fract_transf_matrix[3][3]   0.01170353 
_atom_sites.fract_transf_vector[1]      -0.116261 
_atom_sites.fract_transf_vector[2]      0.216969 
_atom_sites.fract_transf_vector[3]      -0.082592 
# 
loop_
_atom_type.symbol 
C  
N  
NI 
O  
P  
# 
loop_
_atom_site.group_PDB 
_atom_site.id 
_atom_site.type_symbol 
_atom_site.label_atom_id 
_atom_site.label_alt_id 
_atom_site.label_comp_id 
_atom_site.label_asym_id 
_atom_site.label_entity_id 
_atom_site.label_seq_id 
_atom_site.pdbx_PDB_ins_code 
_atom_site.Cartn_x 
_atom_site.Cartn_y 
_atom_site.Cartn_z 
_atom_site.occupancy 
_atom_site.B_iso_or_equiv 
_atom_site.pdbx_formal_charge 
_atom_site.auth_seq_id 
_atom_site.auth_comp_id 
_atom_site.auth_asym_id 
_atom_site.auth_atom_id 
_atom_site.pdbx_PDB_model_num 
ATOM   1   O  "O5'" . DT  A 1 1  ? -7.951  -3.524  19.190  1.00 77.09  ? 1   DT  A "O5'" 1 
ATOM   2   C  "C5'" . DT  A 1 1  ? -6.670  -3.588  18.558  1.00 73.26  ? 1   DT  A "C5'" 1 
ATOM   3   C  "C4'" . DT  A 1 1  ? -6.537  -2.521  17.480  1.00 77.49  ? 1   DT  A "C4'" 1 
ATOM   4   O  "O4'" . DT  A 1 1  ? -5.149  -2.157  17.330  1.00 76.41  ? 1   DT  A "O4'" 1 
ATOM   5   C  "C3'" . DT  A 1 1  ? -6.989  -2.947  16.095  1.00 83.87  ? 1   DT  A "C3'" 1 
ATOM   6   O  "O3'" . DT  A 1 1  ? -8.392  -2.706  15.961  1.00 97.62  ? 1   DT  A "O3'" 1 
ATOM   7   C  "C2'" . DT  A 1 1  ? -6.158  -2.043  15.172  1.00 80.34  ? 1   DT  A "C2'" 1 
ATOM   8   C  "C1'" . DT  A 1 1  ? -4.890  -1.765  15.994  1.00 72.54  ? 1   DT  A "C1'" 1 
ATOM   9   N  N1    . DT  A 1 1  ? -3.658  -2.488  15.511  1.00 61.44  ? 1   DT  A N1    1 
ATOM   10  C  C2    . DT  A 1 1  ? -2.428  -1.870  15.632  1.00 56.65  ? 1   DT  A C2    1 
ATOM   11  O  O2    . DT  A 1 1  ? -2.284  -0.757  16.107  1.00 54.27  ? 1   DT  A O2    1 
ATOM   12  N  N3    . DT  A 1 1  ? -1.365  -2.611  15.174  1.00 48.82  ? 1   DT  A N3    1 
ATOM   13  C  C4    . DT  A 1 1  ? -1.410  -3.880  14.613  1.00 51.41  ? 1   DT  A C4    1 
ATOM   14  O  O4    . DT  A 1 1  ? -0.400  -4.464  14.227  1.00 52.26  ? 1   DT  A O4    1 
ATOM   15  C  C5    . DT  A 1 1  ? -2.729  -4.469  14.518  1.00 50.80  ? 1   DT  A C5    1 
ATOM   16  C  C7    . DT  A 1 1  ? -2.903  -5.839  13.929  1.00 57.87  ? 1   DT  A C7    1 
ATOM   17  C  C6    . DT  A 1 1  ? -3.776  -3.755  14.966  1.00 59.06  ? 1   DT  A C6    1 
ATOM   18  P  P     . DT  A 1 2  ? -9.132  -2.846  14.539  1.00 115.53 ? 2   DT  A P     1 
ATOM   19  O  OP1   . DT  A 1 2  ? -10.513 -3.304  14.819  1.00 111.60 ? 2   DT  A OP1   1 
ATOM   20  O  OP2   . DT  A 1 2  ? -8.280  -3.627  13.612  1.00 91.78  ? 2   DT  A OP2   1 
ATOM   21  O  "O5'" . DT  A 1 2  ? -9.212  -1.340  14.013  1.00 94.85  ? 2   DT  A "O5'" 1 
ATOM   22  C  "C5'" . DT  A 1 2  ? -8.727  -1.007  12.724  1.00 90.01  ? 2   DT  A "C5'" 1 
ATOM   23  C  "C4'" . DT  A 1 2  ? -8.269  0.440   12.686  1.00 86.58  ? 2   DT  A "C4'" 1 
ATOM   24  O  "O4'" . DT  A 1 2  ? -7.056  0.576   13.479  1.00 81.40  ? 2   DT  A "O4'" 1 
ATOM   25  C  "C3'" . DT  A 1 2  ? -7.931  0.958   11.295  1.00 75.78  ? 2   DT  A "C3'" 1 
ATOM   26  O  "O3'" . DT  A 1 2  ? -9.063  1.629   10.736  1.00 80.46  ? 2   DT  A "O3'" 1 
ATOM   27  C  "C2'" . DT  A 1 2  ? -6.770  1.919   11.552  1.00 70.41  ? 2   DT  A "C2'" 1 
ATOM   28  C  "C1'" . DT  A 1 2  ? -6.072  1.290   12.760  1.00 66.89  ? 2   DT  A "C1'" 1 
ATOM   29  N  N1    . DT  A 1 2  ? -4.928  0.348   12.415  1.00 60.52  ? 2   DT  A N1    1 
ATOM   30  C  C2    . DT  A 1 2  ? -3.632  0.727   12.697  1.00 61.83  ? 2   DT  A C2    1 
ATOM   31  O  O2    . DT  A 1 2  ? -3.343  1.795   13.213  1.00 60.76  ? 2   DT  A O2    1 
ATOM   32  N  N3    . DT  A 1 2  ? -2.675  -0.199  12.352  1.00 46.51  ? 2   DT  A N3    1 
ATOM   33  C  C4    . DT  A 1 2  ? -2.881  -1.439  11.770  1.00 52.52  ? 2   DT  A C4    1 
ATOM   34  O  O4    . DT  A 1 2  ? -1.956  -2.203  11.495  1.00 49.05  ? 2   DT  A O4    1 
ATOM   35  C  C5    . DT  A 1 2  ? -4.259  -1.772  11.505  1.00 59.09  ? 2   DT  A C5    1 
ATOM   36  C  C7    . DT  A 1 2  ? -4.610  -3.087  10.874  1.00 64.93  ? 2   DT  A C7    1 
ATOM   37  C  C6    . DT  A 1 2  ? -5.200  -0.879  11.840  1.00 63.90  ? 2   DT  A C6    1 
ATOM   38  P  P     . DC  A 1 4  ? -8.222  4.785   9.447   1.00 87.92  ? 4   DC  A P     1 
ATOM   39  O  OP1   . DC  A 1 4  ? -9.273  5.647   10.037  1.00 72.66  ? 4   DC  A OP1   1 
ATOM   40  O  OP2   . DC  A 1 4  ? -7.944  4.832   7.992   1.00 70.28  ? 4   DC  A OP2   1 
ATOM   41  O  "O5'" . DC  A 1 4  ? -6.836  5.051   10.202  1.00 70.62  ? 4   DC  A "O5'" 1 
ATOM   42  C  "C5'" . DC  A 1 4  ? -6.831  5.504   11.549  1.00 62.87  ? 4   DC  A "C5'" 1 
ATOM   43  C  "C4'" . DC  A 1 4  ? -5.413  5.809   12.011  1.00 61.57  ? 4   DC  A "C4'" 1 
ATOM   44  O  "O4'" . DC  A 1 4  ? -4.591  4.612   11.917  1.00 57.05  ? 4   DC  A "O4'" 1 
ATOM   45  C  "C3'" . DC  A 1 4  ? -4.688  6.877   11.205  1.00 54.54  ? 4   DC  A "C3'" 1 
ATOM   46  O  "O3'" . DC  A 1 4  ? -3.897  7.670   12.072  1.00 46.48  ? 4   DC  A "O3'" 1 
ATOM   47  C  "C2'" . DC  A 1 4  ? -3.827  6.054   10.244  1.00 54.51  ? 4   DC  A "C2'" 1 
ATOM   48  C  "C1'" . DC  A 1 4  ? -3.454  4.871   11.119  1.00 45.16  ? 4   DC  A "C1'" 1 
ATOM   49  N  N1    . DC  A 1 4  ? -3.126  3.620   10.369  1.00 51.42  ? 4   DC  A N1    1 
ATOM   50  C  C2    . DC  A 1 4  ? -1.824  3.101   10.410  1.00 40.74  ? 4   DC  A C2    1 
ATOM   51  O  O2    . DC  A 1 4  ? -0.954  3.708   11.040  1.00 48.61  ? 4   DC  A O2    1 
ATOM   52  N  N3    . DC  A 1 4  ? -1.551  1.950   9.748   1.00 40.57  ? 4   DC  A N3    1 
ATOM   53  C  C4    . DC  A 1 4  ? -2.515  1.326   9.074   1.00 46.74  ? 4   DC  A C4    1 
ATOM   54  N  N4    . DC  A 1 4  ? -2.199  0.198   8.436   1.00 41.37  ? 4   DC  A N4    1 
ATOM   55  C  C5    . DC  A 1 4  ? -3.850  1.832   9.028   1.00 51.64  ? 4   DC  A C5    1 
ATOM   56  C  C6    . DC  A 1 4  ? -4.107  2.969   9.684   1.00 46.82  ? 4   DC  A C6    1 
ATOM   57  P  P     . DG  A 1 5  ? -3.675  9.226   11.754  1.00 52.43  ? 5   DG  A P     1 
ATOM   58  O  OP1   . DG  A 1 5  ? -3.270  9.900   13.009  1.00 52.05  ? 5   DG  A OP1   1 
ATOM   59  O  OP2   . DG  A 1 5  ? -4.857  9.696   10.993  1.00 56.26  ? 5   DG  A OP2   1 
ATOM   60  O  "O5'" . DG  A 1 5  ? -2.422  9.227   10.756  1.00 46.71  ? 5   DG  A "O5'" 1 
ATOM   61  C  "C5'" . DG  A 1 5  ? -1.106  9.045   11.271  1.00 45.79  ? 5   DG  A "C5'" 1 
ATOM   62  C  "C4'" . DG  A 1 5  ? -0.146  8.616   10.173  1.00 36.90  ? 5   DG  A "C4'" 1 
ATOM   63  O  "O4'" . DG  A 1 5  ? -0.471  7.288   9.747   1.00 38.52  ? 5   DG  A "O4'" 1 
ATOM   64  C  "C3'" . DG  A 1 5  ? -0.191  9.466   8.899   1.00 40.19  ? 5   DG  A "C3'" 1 
ATOM   65  O  "O3'" . DG  A 1 5  ? 0.924   10.329  8.847   1.00 42.67  ? 5   DG  A "O3'" 1 
ATOM   66  C  "C2'" . DG  A 1 5  ? -0.139  8.454   7.749   1.00 42.51  ? 5   DG  A "C2'" 1 
ATOM   67  C  "C1'" . DG  A 1 5  ? 0.040   7.119   8.453   1.00 34.94  ? 5   DG  A "C1'" 1 
ATOM   68  N  N9    . DG  A 1 5  ? -0.690  6.042   7.815   1.00 38.38  ? 5   DG  A N9    1 
ATOM   69  C  C8    . DG  A 1 5  ? -2.035  5.995   7.551   1.00 43.65  ? 5   DG  A C8    1 
ATOM   70  N  N7    . DG  A 1 5  ? -2.409  4.890   6.971   1.00 37.84  ? 5   DG  A N7    1 
ATOM   71  C  C5    . DG  A 1 5  ? -1.233  4.163   6.839   1.00 35.77  ? 5   DG  A C5    1 
ATOM   72  C  C6    . DG  A 1 5  ? -1.011  2.890   6.283   1.00 33.32  ? 5   DG  A C6    1 
ATOM   73  O  O6    . DG  A 1 5  ? -1.839  2.117   5.793   1.00 36.12  ? 5   DG  A O6    1 
ATOM   74  N  N1    . DG  A 1 5  ? 0.336   2.527   6.346   1.00 29.43  ? 5   DG  A N1    1 
ATOM   75  C  C2    . DG  A 1 5  ? 1.334   3.311   6.875   1.00 29.97  ? 5   DG  A C2    1 
ATOM   76  N  N2    . DG  A 1 5  ? 2.576   2.803   6.854   1.00 30.13  ? 5   DG  A N2    1 
ATOM   77  N  N3    . DG  A 1 5  ? 1.131   4.506   7.393   1.00 35.91  ? 5   DG  A N3    1 
ATOM   78  C  C4    . DG  A 1 5  ? -0.168  4.865   7.347   1.00 35.06  ? 5   DG  A C4    1 
ATOM   79  P  P     . DC  A 1 6  ? 0.829   11.804  9.454   1.00 39.07  ? 6   DC  A P     1 
ATOM   80  O  OP1   . DC  A 1 6  ? 1.998   12.557  8.955   1.00 44.37  ? 6   DC  A OP1   1 
ATOM   81  O  OP2   . DC  A 1 6  ? 0.657   11.691  10.914  1.00 41.42  ? 6   DC  A OP2   1 
ATOM   82  O  "O5'" . DC  A 1 6  ? -0.496  12.407  8.787   1.00 36.61  ? 6   DC  A "O5'" 1 
ATOM   83  C  "C5'" . DC  A 1 6  ? -1.664  12.624  9.562   1.00 37.45  ? 6   DC  A "C5'" 1 
ATOM   84  C  "C4'" . DC  A 1 6  ? -2.380  13.883  9.098   1.00 35.58  ? 6   DC  A "C4'" 1 
ATOM   85  O  "O4'" . DC  A 1 6  ? -1.604  15.039  9.494   1.00 37.36  ? 6   DC  A "O4'" 1 
ATOM   86  C  "C3'" . DC  A 1 6  ? -2.567  14.014  7.586   1.00 33.15  ? 6   DC  A "C3'" 1 
ATOM   87  O  "O3'" . DC  A 1 6  ? -3.773  14.728  7.309   1.00 38.70  ? 6   DC  A "O3'" 1 
ATOM   88  C  "C2'" . DC  A 1 6  ? -1.351  14.838  7.179   1.00 36.70  ? 6   DC  A "C2'" 1 
ATOM   89  C  "C1'" . DC  A 1 6  ? -1.270  15.792  8.355   1.00 33.58  ? 6   DC  A "C1'" 1 
ATOM   90  N  N1    . DC  A 1 6  ? 0.056   16.383  8.573   1.00 29.84  ? 6   DC  A N1    1 
ATOM   91  C  C2    . DC  A 1 6  ? 0.351   17.613  7.995   1.00 32.92  ? 6   DC  A C2    1 
ATOM   92  O  O2    . DC  A 1 6  ? -0.500  18.162  7.275   1.00 32.96  ? 6   DC  A O2    1 
ATOM   93  N  N3    . DC  A 1 6  ? 1.562   18.167  8.224   1.00 32.36  ? 6   DC  A N3    1 
ATOM   94  C  C4    . DC  A 1 6  ? 2.447   17.551  9.009   1.00 32.24  ? 6   DC  A C4    1 
ATOM   95  N  N4    . DC  A 1 6  ? 3.632   18.146  9.197   1.00 33.24  ? 6   DC  A N4    1 
ATOM   96  C  C5    . DC  A 1 6  ? 2.162   16.294  9.616   1.00 33.02  ? 6   DC  A C5    1 
ATOM   97  C  C6    . DC  A 1 6  ? 0.961   15.755  9.385   1.00 33.09  ? 6   DC  A C6    1 
ATOM   98  P  P     . DC  A 1 7  ? -5.105  13.932  6.897   1.00 39.94  ? 7   DC  A P     1 
ATOM   99  O  OP1   . DC  A 1 7  ? -6.129  14.930  6.487   1.00 43.59  ? 7   DC  A OP1   1 
ATOM   100 O  OP2   . DC  A 1 7  ? -5.386  12.964  7.980   1.00 43.67  ? 7   DC  A OP2   1 
ATOM   101 O  "O5'" . DC  A 1 7  ? -4.682  13.157  5.583   1.00 35.80  ? 7   DC  A "O5'" 1 
ATOM   102 C  "C5'" . DC  A 1 7  ? -5.651  12.504  4.787   1.00 44.90  ? 7   DC  A "C5'" 1 
ATOM   103 C  "C4'" . DC  A 1 7  ? -5.058  12.136  3.443   1.00 38.99  ? 7   DC  A "C4'" 1 
ATOM   104 O  "O4'" . DC  A 1 7  ? -4.865  13.339  2.659   1.00 37.41  ? 7   DC  A "O4'" 1 
ATOM   105 C  "C3'" . DC  A 1 7  ? -3.699  11.445  3.514   1.00 42.36  ? 7   DC  A "C3'" 1 
ATOM   106 O  "O3'" . DC  A 1 7  ? -3.589  10.467  2.505   1.00 44.57  ? 7   DC  A "O3'" 1 
ATOM   107 C  "C2'" . DC  A 1 7  ? -2.710  12.576  3.283   1.00 39.42  ? 7   DC  A "C2'" 1 
ATOM   108 C  "C1'" . DC  A 1 7  ? -3.494  13.558  2.412   1.00 42.45  ? 7   DC  A "C1'" 1 
ATOM   109 N  N1    . DC  A 1 7  ? -3.166  14.950  2.771   1.00 36.82  ? 7   DC  A N1    1 
ATOM   110 C  C2    . DC  A 1 7  ? -2.058  15.553  2.187   1.00 36.83  ? 7   DC  A C2    1 
ATOM   111 O  O2    . DC  A 1 7  ? -1.419  14.932  1.326   1.00 34.64  ? 7   DC  A O2    1 
ATOM   112 N  N3    . DC  A 1 7  ? -1.725  16.811  2.562   1.00 33.14  ? 7   DC  A N3    1 
ATOM   113 C  C4    . DC  A 1 7  ? -2.444  17.447  3.489   1.00 38.08  ? 7   DC  A C4    1 
ATOM   114 N  N4    . DC  A 1 7  ? -2.072  18.688  3.821   1.00 36.15  ? 7   DC  A N4    1 
ATOM   115 C  C5    . DC  A 1 7  ? -3.564  16.835  4.119   1.00 38.04  ? 7   DC  A C5    1 
ATOM   116 C  C6    . DC  A 1 7  ? -3.880  15.590  3.744   1.00 43.02  ? 7   DC  A C6    1 
ATOM   117 P  P     . DG  A 1 8  ? -3.457  8.915   2.895   1.00 38.34  ? 8   DG  A P     1 
ATOM   118 O  OP1   . DG  A 1 8  ? -4.195  8.173   1.847   1.00 44.25  ? 8   DG  A OP1   1 
ATOM   119 O  OP2   . DG  A 1 8  ? -3.791  8.727   4.317   1.00 39.06  ? 8   DG  A OP2   1 
ATOM   120 O  "O5'" . DG  A 1 8  ? -1.904  8.586   2.654   1.00 37.84  ? 8   DG  A "O5'" 1 
ATOM   121 C  "C5'" . DG  A 1 8  ? -0.895  9.221   3.424   1.00 29.82  ? 8   DG  A "C5'" 1 
ATOM   122 C  "C4'" . DG  A 1 8  ? 0.305   8.303   3.556   1.00 30.47  ? 8   DG  A "C4'" 1 
ATOM   123 O  "O4'" . DG  A 1 8  ? -0.026  7.221   4.460   1.00 30.46  ? 8   DG  A "O4'" 1 
ATOM   124 C  "C3'" . DG  A 1 8  ? 0.717   7.614   2.267   1.00 25.05  ? 8   DG  A "C3'" 1 
ATOM   125 O  "O3'" . DG  A 1 8  ? 1.618   8.419   1.557   1.00 26.95  ? 8   DG  A "O3'" 1 
ATOM   126 C  "C2'" . DG  A 1 8  ? 1.402   6.356   2.784   1.00 28.67  ? 8   DG  A "C2'" 1 
ATOM   127 C  "C1'" . DG  A 1 8  ? 0.510   6.003   3.963   1.00 31.48  ? 8   DG  A "C1'" 1 
ATOM   128 N  N9    . DG  A 1 8  ? -0.594  5.088   3.641   1.00 30.55  ? 8   DG  A N9    1 
ATOM   129 C  C8    . DG  A 1 8  ? -1.944  5.325   3.796   1.00 29.05  ? 8   DG  A C8    1 
ATOM   130 N  N7    . DG  A 1 8  ? -2.688  4.303   3.463   1.00 34.01  ? 8   DG  A N7    1 
ATOM   131 C  C5    . DG  A 1 8  ? -1.781  3.325   3.065   1.00 32.28  ? 8   DG  A C5    1 
ATOM   132 C  C6    . DG  A 1 8  ? -1.999  1.999   2.598   1.00 34.90  ? 8   DG  A C6    1 
ATOM   133 O  O6    . DG  A 1 8  ? -3.073  1.408   2.428   1.00 34.02  ? 8   DG  A O6    1 
ATOM   134 N  N1    . DG  A 1 8  ? -0.796  1.344   2.327   1.00 27.13  ? 8   DG  A N1    1 
ATOM   135 C  C2    . DG  A 1 8  ? 0.448   1.910   2.462   1.00 28.12  ? 8   DG  A C2    1 
ATOM   136 N  N2    . DG  A 1 8  ? 1.491   1.135   2.142   1.00 26.20  ? 8   DG  A N2    1 
ATOM   137 N  N3    . DG  A 1 8  ? 0.661   3.143   2.891   1.00 25.78  ? 8   DG  A N3    1 
ATOM   138 C  C4    . DG  A 1 8  ? -0.488  3.792   3.171   1.00 26.15  ? 8   DG  A C4    1 
ATOM   139 P  P     . DC  A 1 9  ? 1.558   8.443   -0.039  1.00 31.01  ? 9   DC  A P     1 
ATOM   140 O  OP1   . DC  A 1 9  ? 2.553   9.438   -0.491  1.00 27.20  ? 9   DC  A OP1   1 
ATOM   141 O  OP2   . DC  A 1 9  ? 0.149   8.550   -0.471  1.00 33.17  ? 9   DC  A OP2   1 
ATOM   142 O  "O5'" . DC  A 1 9  ? 2.073   6.989   -0.455  1.00 28.50  ? 9   DC  A "O5'" 1 
ATOM   143 C  "C5'" . DC  A 1 9  ? 3.415   6.623   -0.224  1.00 28.43  ? 9   DC  A "C5'" 1 
ATOM   144 C  "C4'" . DC  A 1 9  ? 3.628   5.163   -0.579  1.00 27.00  ? 9   DC  A "C4'" 1 
ATOM   145 O  "O4'" . DC  A 1 9  ? 2.693   4.356   0.173   1.00 27.79  ? 9   DC  A "O4'" 1 
ATOM   146 C  "C3'" . DC  A 1 9  ? 3.333   4.809   -2.024  1.00 24.15  ? 9   DC  A "C3'" 1 
ATOM   147 O  "O3'" . DC  A 1 9  ? 4.465   5.096   -2.849  1.00 26.25  ? 9   DC  A "O3'" 1 
ATOM   148 C  "C2'" . DC  A 1 9  ? 3.095   3.306   -1.920  1.00 25.35  ? 9   DC  A "C2'" 1 
ATOM   149 C  "C1'" . DC  A 1 9  ? 2.391   3.185   -0.566  1.00 27.73  ? 9   DC  A "C1'" 1 
ATOM   150 N  N1    . DC  A 1 9  ? 0.915   3.046   -0.658  1.00 27.13  ? 9   DC  A N1    1 
ATOM   151 C  C2    . DC  A 1 9  ? 0.364   1.828   -1.070  1.00 22.99  ? 9   DC  A C2    1 
ATOM   152 O  O2    . DC  A 1 9  ? 1.126   0.891   -1.373  1.00 27.47  ? 9   DC  A O2    1 
ATOM   153 N  N3    . DC  A 1 9  ? -0.980  1.704   -1.135  1.00 28.02  ? 9   DC  A N3    1 
ATOM   154 C  C4    . DC  A 1 9  ? -1.764  2.731   -0.809  1.00 32.11  ? 9   DC  A C4    1 
ATOM   155 N  N4    . DC  A 1 9  ? -3.090  2.553   -0.890  1.00 31.66  ? 9   DC  A N4    1 
ATOM   156 C  C5    . DC  A 1 9  ? -1.225  3.986   -0.385  1.00 32.08  ? 9   DC  A C5    1 
ATOM   157 C  C6    . DC  A 1 9  ? 0.107   4.098   -0.323  1.00 27.81  ? 9   DC  A C6    1 
ATOM   158 P  P     . DC  A 1 10 ? 4.319   5.114   -4.458  1.00 30.06  ? 10  DC  A P     1 
ATOM   159 O  OP1   . DC  A 1 10 ? 5.585   5.657   -4.973  1.00 34.17  ? 10  DC  A OP1   1 
ATOM   160 O  OP2   . DC  A 1 10 ? 3.016   5.729   -4.806  1.00 29.54  ? 10  DC  A OP2   1 
ATOM   161 O  "O5'" . DC  A 1 10 ? 4.235   3.576   -4.870  1.00 32.43  ? 10  DC  A "O5'" 1 
ATOM   162 C  "C5'" . DC  A 1 10 ? 5.309   2.704   -4.581  1.00 33.10  ? 10  DC  A "C5'" 1 
ATOM   163 C  "C4'" . DC  A 1 10 ? 5.029   1.369   -5.211  1.00 25.17  ? 10  DC  A "C4'" 1 
ATOM   164 O  "O4'" . DC  A 1 10 ? 3.774   0.864   -4.698  1.00 28.61  ? 10  DC  A "O4'" 1 
ATOM   165 C  "C3'" . DC  A 1 10 ? 4.881   1.458   -6.731  1.00 32.57  ? 10  DC  A "C3'" 1 
ATOM   166 O  "O3'" . DC  A 1 10 ? 5.811   0.648   -7.365  1.00 32.25  ? 10  DC  A "O3'" 1 
ATOM   167 C  "C2'" . DC  A 1 10 ? 3.452   1.026   -7.034  1.00 37.69  ? 10  DC  A "C2'" 1 
ATOM   168 C  "C1'" . DC  A 1 10 ? 3.001   0.329   -5.765  1.00 31.83  ? 10  DC  A "C1'" 1 
ATOM   169 N  N1    . DC  A 1 10 ? 1.575   0.576   -5.469  1.00 28.69  ? 10  DC  A N1    1 
ATOM   170 C  C2    . DC  A 1 10 ? 0.641   -0.417  -5.739  1.00 27.30  ? 10  DC  A C2    1 
ATOM   171 O  O2    . DC  A 1 10 ? 1.027   -1.483  -6.238  1.00 29.40  ? 10  DC  A O2    1 
ATOM   172 N  N3    . DC  A 1 10 ? -0.663  -0.186  -5.462  1.00 29.37  ? 10  DC  A N3    1 
ATOM   173 C  C4    . DC  A 1 10 ? -1.039  0.980   -4.942  1.00 28.28  ? 10  DC  A C4    1 
ATOM   174 N  N4    . DC  A 1 10 ? -2.340  1.158   -4.684  1.00 31.64  ? 10  DC  A N4    1 
ATOM   175 C  C5    . DC  A 1 10 ? -0.099  2.017   -4.667  1.00 30.81  ? 10  DC  A C5    1 
ATOM   176 C  C6    . DC  A 1 10 ? 1.188   1.776   -4.947  1.00 29.30  ? 10  DC  A C6    1 
ATOM   177 P  P     . DG  A 1 11 ? 5.961   0.728   -8.966  1.00 35.85  ? 11  DG  A P     1 
ATOM   178 O  OP1   . DG  A 1 11 ? 7.345   0.294   -9.218  1.00 32.86  ? 11  DG  A OP1   1 
ATOM   179 O  OP2   . DG  A 1 11 ? 5.431   2.022   -9.449  1.00 37.21  ? 11  DG  A OP2   1 
ATOM   180 O  "O5'" . DG  A 1 11 ? 4.953   -0.373  -9.513  1.00 33.56  ? 11  DG  A "O5'" 1 
ATOM   181 C  "C5'" . DG  A 1 11 ? 5.248   -1.740  -9.345  1.00 32.28  ? 11  DG  A "C5'" 1 
ATOM   182 C  "C4'" . DG  A 1 11 ? 4.414   -2.597  -10.272 1.00 28.82  ? 11  DG  A "C4'" 1 
ATOM   183 O  "O4'" . DG  A 1 11 ? 3.009   -2.501  -9.936  1.00 31.13  ? 11  DG  A "O4'" 1 
ATOM   184 C  "C3'" . DG  A 1 11 ? 4.509   -2.264  -11.750 1.00 38.69  ? 11  DG  A "C3'" 1 
ATOM   185 O  "O3'" . DG  A 1 11 ? 4.403   -3.473  -12.460 1.00 33.88  ? 11  DG  A "O3'" 1 
ATOM   186 C  "C2'" . DG  A 1 11 ? 3.303   -1.344  -11.982 1.00 34.68  ? 11  DG  A "C2'" 1 
ATOM   187 C  "C1'" . DG  A 1 11 ? 2.278   -1.887  -10.985 1.00 37.56  ? 11  DG  A "C1'" 1 
ATOM   188 N  N9    . DG  A 1 11 ? 1.409   -0.876  -10.373 1.00 34.25  ? 11  DG  A N9    1 
ATOM   189 C  C8    . DG  A 1 11 ? 1.778   0.354   -9.891  1.00 32.70  ? 11  DG  A C8    1 
ATOM   190 N  N7    . DG  A 1 11 ? 0.788   1.022   -9.355  1.00 29.52  ? 11  DG  A N7    1 
ATOM   191 C  C5    . DG  A 1 11 ? -0.303  0.176   -9.483  1.00 32.04  ? 11  DG  A C5    1 
ATOM   192 C  C6    . DG  A 1 11 ? -1.646  0.355   -9.083  1.00 38.40  ? 11  DG  A C6    1 
ATOM   193 O  O6    . DG  A 1 11 ? -2.158  1.336   -8.516  1.00 40.21  ? 11  DG  A O6    1 
ATOM   194 N  N1    . DG  A 1 11 ? -2.427  -0.750  -9.398  1.00 34.83  ? 11  DG  A N1    1 
ATOM   195 C  C2    . DG  A 1 11 ? -1.972  -1.885  -10.016 1.00 33.05  ? 11  DG  A C2    1 
ATOM   196 N  N2    . DG  A 1 11 ? -2.882  -2.843  -10.244 1.00 39.28  ? 11  DG  A N2    1 
ATOM   197 N  N3    . DG  A 1 11 ? -0.714  -2.066  -10.395 1.00 31.52  ? 11  DG  A N3    1 
ATOM   198 C  C4    . DG  A 1 11 ? 0.061   -0.999  -10.100 1.00 31.75  ? 11  DG  A C4    1 
ATOM   199 P  P     . DA  A 1 12 ? 4.446   -3.501  -14.066 1.00 39.70  ? 12  DA  A P     1 
ATOM   200 O  OP1   . DA  A 1 12 ? 5.034   -4.821  -14.406 1.00 41.08  ? 12  DA  A OP1   1 
ATOM   201 O  OP2   . DA  A 1 12 ? 5.068   -2.244  -14.536 1.00 43.63  ? 12  DA  A OP2   1 
ATOM   202 O  "O5'" . DA  A 1 12 ? 2.918   -3.528  -14.452 1.00 35.88  ? 12  DA  A "O5'" 1 
ATOM   203 C  "C5'" . DA  A 1 12 ? 2.151   -4.653  -14.099 1.00 36.48  ? 12  DA  A "C5'" 1 
ATOM   204 C  "C4'" . DA  A 1 12 ? 0.734   -4.507  -14.582 1.00 33.92  ? 12  DA  A "C4'" 1 
ATOM   205 O  "O4'" . DA  A 1 12 ? 0.071   -3.458  -13.842 1.00 42.02  ? 12  DA  A "O4'" 1 
ATOM   206 C  "C3'" . DA  A 1 12 ? 0.589   -4.150  -16.060 1.00 35.75  ? 12  DA  A "C3'" 1 
ATOM   207 O  "O3'" . DA  A 1 12 ? -0.288  -5.069  -16.645 1.00 43.38  ? 12  DA  A "O3'" 1 
ATOM   208 C  "C2'" . DA  A 1 12 ? 0.015   -2.719  -16.049 1.00 38.97  ? 12  DA  A "C2'" 1 
ATOM   209 C  "C1'" . DA  A 1 12 ? -0.714  -2.680  -14.714 1.00 37.77  ? 12  DA  A "C1'" 1 
ATOM   210 N  N9    . DA  A 1 12 ? -0.822  -1.353  -14.105 1.00 39.27  ? 12  DA  A N9    1 
ATOM   211 C  C8    . DA  A 1 12 ? 0.177   -0.433  -13.948 1.00 33.82  ? 12  DA  A C8    1 
ATOM   212 N  N7    . DA  A 1 12 ? -0.200  0.654   -13.317 1.00 35.23  ? 12  DA  A N7    1 
ATOM   213 C  C5    . DA  A 1 12 ? -1.534  0.423   -13.021 1.00 37.01  ? 12  DA  A C5    1 
ATOM   214 C  C6    . DA  A 1 12 ? -2.510  1.197   -12.359 1.00 40.88  ? 12  DA  A C6    1 
ATOM   215 N  N6    . DA  A 1 12 ? -2.270  2.414   -11.854 1.00 48.76  ? 12  DA  A N6    1 
ATOM   216 N  N1    . DA  A 1 12 ? -3.749  0.672   -12.237 1.00 46.96  ? 12  DA  A N1    1 
ATOM   217 C  C2    . DA  A 1 12 ? -3.986  -0.547  -12.743 1.00 40.65  ? 12  DA  A C2    1 
ATOM   218 N  N3    . DA  A 1 12 ? -3.151  -1.364  -13.384 1.00 40.66  ? 12  DA  A N3    1 
ATOM   219 C  C4    . DA  A 1 12 ? -1.931  -0.813  -13.493 1.00 32.76  ? 12  DA  A C4    1 
ATOM   220 P  P     . DA  A 1 13 ? -0.407  -5.171  -18.239 1.00 44.18  ? 13  DA  A P     1 
ATOM   221 O  OP1   . DA  A 1 13 ? -0.763  -6.573  -18.539 1.00 46.19  ? 13  DA  A OP1   1 
ATOM   222 O  OP2   . DA  A 1 13 ? 0.796   -4.532  -18.819 1.00 44.46  ? 13  DA  A OP2   1 
ATOM   223 O  "O5'" . DA  A 1 13 ? -1.661  -4.234  -18.565 1.00 39.65  ? 13  DA  A "O5'" 1 
ATOM   224 C  "C5'" . DA  A 1 13 ? -2.893  -4.492  -17.927 1.00 48.95  ? 13  DA  A "C5'" 1 
ATOM   225 C  "C4'" . DA  A 1 13 ? -3.822  -3.293  -18.001 1.00 46.22  ? 13  DA  A "C4'" 1 
ATOM   226 O  "O4'" . DA  A 1 13 ? -3.403  -2.269  -17.089 1.00 45.26  ? 13  DA  A "O4'" 1 
ATOM   227 C  "C3'" . DA  A 1 13 ? -3.907  -2.588  -19.360 1.00 49.82  ? 13  DA  A "C3'" 1 
ATOM   228 O  "O3'" . DA  A 1 13 ? -5.083  -2.990  -20.032 1.00 51.33  ? 13  DA  A "O3'" 1 
ATOM   229 C  "C2'" . DA  A 1 13 ? -3.960  -1.086  -18.996 1.00 41.45  ? 13  DA  A "C2'" 1 
ATOM   230 C  "C1'" . DA  A 1 13 ? -4.097  -1.121  -17.476 1.00 43.91  ? 13  DA  A "C1'" 1 
ATOM   231 N  N9    . DA  A 1 13 ? -3.559  0.050   -16.793 1.00 39.58  ? 13  DA  A N9    1 
ATOM   232 C  C8    . DA  A 1 13 ? -4.242  0.885   -15.947 1.00 46.20  ? 13  DA  A C8    1 
ATOM   233 N  N7    . DA  A 1 13 ? -3.521  1.878   -15.482 1.00 42.52  ? 13  DA  A N7    1 
ATOM   234 C  C5    . DA  A 1 13 ? -2.281  1.690   -16.063 1.00 36.72  ? 13  DA  A C5    1 
ATOM   235 C  C6    . DA  A 1 13 ? -1.074  2.411   -15.968 1.00 37.96  ? 13  DA  A C6    1 
ATOM   236 N  N6    . DA  A 1 13 ? -0.927  3.512   -15.215 1.00 45.23  ? 13  DA  A N6    1 
ATOM   237 N  N1    . DA  A 1 13 ? -0.023  1.955   -16.673 1.00 36.16  ? 13  DA  A N1    1 
ATOM   238 C  C2    . DA  A 1 13 ? -0.173  0.855   -17.425 1.00 38.12  ? 13  DA  A C2    1 
ATOM   239 N  N3    . DA  A 1 13 ? -1.250  0.093   -17.592 1.00 37.25  ? 13  DA  A N3    1 
ATOM   240 C  C4    . DA  A 1 13 ? -2.284  0.572   -16.883 1.00 39.54  ? 13  DA  A C4    1 
ATOM   241 O  "O5'" . DT  B 1 1  ? -10.684 7.228   -15.262 1.00 71.90  ? 14  DT  B "O5'" 1 
ATOM   242 C  "C5'" . DT  B 1 1  ? -10.649 5.841   -15.591 1.00 74.91  ? 14  DT  B "C5'" 1 
ATOM   243 C  "C4'" . DT  B 1 1  ? -10.263 5.007   -14.381 1.00 77.11  ? 14  DT  B "C4'" 1 
ATOM   244 O  "O4'" . DT  B 1 1  ? -8.901  4.516   -14.525 1.00 72.06  ? 14  DT  B "O4'" 1 
ATOM   245 C  "C3'" . DT  B 1 1  ? -10.308 5.748   -13.037 1.00 81.76  ? 14  DT  B "C3'" 1 
ATOM   246 O  "O3'" . DT  B 1 1  ? -10.933 4.928   -12.059 1.00 94.58  ? 14  DT  B "O3'" 1 
ATOM   247 C  "C2'" . DT  B 1 1  ? -8.829  5.957   -12.712 1.00 77.24  ? 14  DT  B "C2'" 1 
ATOM   248 C  "C1'" . DT  B 1 1  ? -8.239  4.685   -13.295 1.00 71.16  ? 14  DT  B "C1'" 1 
ATOM   249 N  N1    . DT  B 1 1  ? -6.764  4.743   -13.528 1.00 65.60  ? 14  DT  B N1    1 
ATOM   250 C  C2    . DT  B 1 1  ? -6.137  3.689   -14.163 1.00 57.13  ? 14  DT  B C2    1 
ATOM   251 O  O2    . DT  B 1 1  ? -6.729  2.700   -14.569 1.00 56.16  ? 14  DT  B O2    1 
ATOM   252 N  N3    . DT  B 1 1  ? -4.781  3.841   -14.318 1.00 46.51  ? 14  DT  B N3    1 
ATOM   253 C  C4    . DT  B 1 1  ? -4.006  4.911   -13.895 1.00 49.11  ? 14  DT  B C4    1 
ATOM   254 O  O4    . DT  B 1 1  ? -2.791  4.956   -14.075 1.00 56.18  ? 14  DT  B O4    1 
ATOM   255 C  C5    . DT  B 1 1  ? -4.729  5.974   -13.233 1.00 57.88  ? 14  DT  B C5    1 
ATOM   256 C  C7    . DT  B 1 1  ? -3.998  7.185   -12.735 1.00 58.89  ? 14  DT  B C7    1 
ATOM   257 C  C6    . DT  B 1 1  ? -6.055  5.839   -13.081 1.00 55.01  ? 14  DT  B C6    1 
ATOM   258 P  P     . DT  B 1 2  ? -12.527 4.968   -11.855 1.00 115.38 ? 15  DT  B P     1 
ATOM   259 O  OP1   . DT  B 1 2  ? -13.164 5.028   -13.193 1.00 97.14  ? 15  DT  B OP1   1 
ATOM   260 O  OP2   . DT  B 1 2  ? -12.814 6.015   -10.849 1.00 94.49  ? 15  DT  B OP2   1 
ATOM   261 O  "O5'" . DT  B 1 2  ? -12.863 3.552   -11.190 1.00 96.21  ? 15  DT  B "O5'" 1 
ATOM   262 C  "C5'" . DT  B 1 2  ? -12.359 2.350   -11.767 1.00 81.01  ? 15  DT  B "C5'" 1 
ATOM   263 C  "C4'" . DT  B 1 2  ? -11.706 1.486   -10.706 1.00 77.08  ? 15  DT  B "C4'" 1 
ATOM   264 O  "O4'" . DT  B 1 2  ? -10.286 1.370   -10.981 1.00 72.93  ? 15  DT  B "O4'" 1 
ATOM   265 C  "C3'" . DT  B 1 2  ? -11.826 2.035   -9.275  1.00 81.15  ? 15  DT  B "C3'" 1 
ATOM   266 O  "O3'" . DT  B 1 2  ? -12.279 1.018   -8.392  1.00 86.43  ? 15  DT  B "O3'" 1 
ATOM   267 C  "C2'" . DT  B 1 2  ? -10.404 2.479   -8.935  1.00 74.22  ? 15  DT  B "C2'" 1 
ATOM   268 C  "C1'" . DT  B 1 2  ? -9.575  1.524   -9.779  1.00 68.89  ? 15  DT  B "C1'" 1 
ATOM   269 N  N1    . DT  B 1 2  ? -8.197  2.032   -10.077 1.00 63.00  ? 15  DT  B N1    1 
ATOM   270 C  C2    . DT  B 1 2  ? -7.346  1.277   -10.854 1.00 61.97  ? 15  DT  B C2    1 
ATOM   271 O  O2    . DT  B 1 2  ? -7.659  0.205   -11.349 1.00 61.73  ? 15  DT  B O2    1 
ATOM   272 N  N3    . DT  B 1 2  ? -6.106  1.833   -11.045 1.00 45.42  ? 15  DT  B N3    1 
ATOM   273 C  C4    . DT  B 1 2  ? -5.643  3.035   -10.544 1.00 49.01  ? 15  DT  B C4    1 
ATOM   274 O  O4    . DT  B 1 2  ? -4.511  3.449   -10.769 1.00 52.94  ? 15  DT  B O4    1 
ATOM   275 C  C5    . DT  B 1 2  ? -6.583  3.769   -9.734  1.00 56.04  ? 15  DT  B C5    1 
ATOM   276 C  C7    . DT  B 1 2  ? -6.193  5.086   -9.131  1.00 64.08  ? 15  DT  B C7    1 
ATOM   277 C  C6    . DT  B 1 2  ? -7.797  3.237   -9.538  1.00 59.21  ? 15  DT  B C6    1 
ATOM   278 P  P     . DC  B 1 4  ? -12.453 -1.822  -6.489  1.00 95.13  ? 17  DC  B P     1 
ATOM   279 O  OP1   . DC  B 1 4  ? -13.612 -2.573  -7.024  1.00 87.13  ? 17  DC  B OP1   1 
ATOM   280 O  OP2   . DC  B 1 4  ? -11.892 -2.169  -5.165  1.00 70.88  ? 17  DC  B OP2   1 
ATOM   281 O  "O5'" . DC  B 1 4  ? -11.264 -1.890  -7.555  1.00 73.93  ? 17  DC  B "O5'" 1 
ATOM   282 C  "C5'" . DC  B 1 4  ? -11.559 -2.031  -8.936  1.00 69.61  ? 17  DC  B "C5'" 1 
ATOM   283 C  "C4'" . DC  B 1 4  ? -10.482 -2.834  -9.645  1.00 63.86  ? 17  DC  B "C4'" 1 
ATOM   284 O  "O4'" . DC  B 1 4  ? -9.286  -2.028  -9.808  1.00 61.39  ? 17  DC  B "O4'" 1 
ATOM   285 C  "C3'" . DC  B 1 4  ? -10.039 -4.102  -8.928  1.00 56.81  ? 17  DC  B "C3'" 1 
ATOM   286 O  "O3'" . DC  B 1 4  ? -9.812  -5.115  -9.886  1.00 47.90  ? 17  DC  B "O3'" 1 
ATOM   287 C  "C2'" . DC  B 1 4  ? -8.742  -3.669  -8.244  1.00 54.32  ? 17  DC  B "C2'" 1 
ATOM   288 C  "C1'" . DC  B 1 4  ? -8.174  -2.711  -9.274  1.00 45.13  ? 17  DC  B "C1'" 1 
ATOM   289 N  N1    . DC  B 1 4  ? -7.247  -1.688  -8.724  1.00 51.58  ? 17  DC  B N1    1 
ATOM   290 C  C2    . DC  B 1 4  ? -5.922  -1.635  -9.176  1.00 38.06  ? 17  DC  B C2    1 
ATOM   291 O  O2    . DC  B 1 4  ? -5.531  -2.468  -10.003 1.00 45.05  ? 17  DC  B O2    1 
ATOM   292 N  N3    . DC  B 1 4  ? -5.099  -0.675  -8.687  1.00 40.07  ? 17  DC  B N3    1 
ATOM   293 C  C4    . DC  B 1 4  ? -5.557  0.203   -7.795  1.00 43.87  ? 17  DC  B C4    1 
ATOM   294 N  N4    . DC  B 1 4  ? -4.710  1.127   -7.339  1.00 43.04  ? 17  DC  B N4    1 
ATOM   295 C  C5    . DC  B 1 4  ? -6.906  0.172   -7.331  1.00 52.20  ? 17  DC  B C5    1 
ATOM   296 C  C6    . DC  B 1 4  ? -7.707  -0.778  -7.820  1.00 49.58  ? 17  DC  B C6    1 
ATOM   297 P  P     . DG  B 1 5  ? -10.149 -6.643  -9.534  1.00 55.16  ? 18  DG  B P     1 
ATOM   298 O  OP1   . DG  B 1 5  ? -10.459 -7.322  -10.814 1.00 51.89  ? 18  DG  B OP1   1 
ATOM   299 O  OP2   . DG  B 1 5  ? -11.125 -6.647  -8.420  1.00 56.19  ? 18  DG  B OP2   1 
ATOM   300 O  "O5'" . DG  B 1 5  ? -8.758  -7.213  -8.972  1.00 47.44  ? 18  DG  B "O5'" 1 
ATOM   301 C  "C5'" . DG  B 1 5  ? -7.704  -7.528  -9.882  1.00 44.76  ? 18  DG  B "C5'" 1 
ATOM   302 C  "C4'" . DG  B 1 5  ? -6.350  -7.494  -9.188  1.00 37.49  ? 18  DG  B "C4'" 1 
ATOM   303 O  "O4'" . DG  B 1 5  ? -6.063  -6.158  -8.758  1.00 38.62  ? 18  DG  B "O4'" 1 
ATOM   304 C  "C3'" . DG  B 1 5  ? -6.247  -8.346  -7.921  1.00 40.27  ? 18  DG  B "C3'" 1 
ATOM   305 O  "O3'" . DG  B 1 5  ? -5.551  -9.540  -8.196  1.00 42.68  ? 18  DG  B "O3'" 1 
ATOM   306 C  "C2'" . DG  B 1 5  ? -5.462  -7.482  -6.929  1.00 43.59  ? 18  DG  B "C2'" 1 
ATOM   307 C  "C1'" . DG  B 1 5  ? -5.118  -6.235  -7.728  1.00 35.22  ? 18  DG  B "C1'" 1 
ATOM   308 N  N9    . DG  B 1 5  ? -5.201  -5.017  -6.947  1.00 38.57  ? 18  DG  B N9    1 
ATOM   309 C  C8    . DG  B 1 5  ? -6.296  -4.537  -6.274  1.00 43.01  ? 18  DG  B C8    1 
ATOM   310 N  N7    . DG  B 1 5  ? -6.075  -3.406  -5.667  1.00 38.63  ? 18  DG  B N7    1 
ATOM   311 C  C5    . DG  B 1 5  ? -4.744  -3.125  -5.955  1.00 35.81  ? 18  DG  B C5    1 
ATOM   312 C  C6    . DG  B 1 5  ? -3.943  -2.036  -5.569  1.00 34.05  ? 18  DG  B C6    1 
ATOM   313 O  O6    . DG  B 1 5  ? -4.262  -1.062  -4.883  1.00 36.71  ? 18  DG  B O6    1 
ATOM   314 N  N1    . DG  B 1 5  ? -2.647  -2.141  -6.076  1.00 28.85  ? 18  DG  B N1    1 
ATOM   315 C  C2    . DG  B 1 5  ? -2.192  -3.182  -6.847  1.00 28.14  ? 18  DG  B C2    1 
ATOM   316 N  N2    . DG  B 1 5  ? -0.916  -3.120  -7.248  1.00 28.89  ? 18  DG  B N2    1 
ATOM   317 N  N3    . DG  B 1 5  ? -2.939  -4.207  -7.213  1.00 33.29  ? 18  DG  B N3    1 
ATOM   318 C  C4    . DG  B 1 5  ? -4.197  -4.111  -6.736  1.00 31.90  ? 18  DG  B C4    1 
ATOM   319 P  P     . DC  B 1 6  ? -6.348  -10.847 -8.646  1.00 38.10  ? 19  DC  B P     1 
ATOM   320 O  OP1   . DC  B 1 6  ? -5.427  -11.996 -8.513  1.00 42.15  ? 19  DC  B OP1   1 
ATOM   321 O  OP2   . DC  B 1 6  ? -6.940  -10.603 -9.978  1.00 44.63  ? 19  DC  B OP2   1 
ATOM   322 O  "O5'" . DC  B 1 6  ? -7.509  -10.981 -7.560  1.00 35.86  ? 19  DC  B "O5'" 1 
ATOM   323 C  "C5'" . DC  B 1 6  ? -8.858  -10.733 -7.915  1.00 37.22  ? 19  DC  B "C5'" 1 
ATOM   324 C  "C4'" . DC  B 1 6  ? -9.784  -11.691 -7.181  1.00 37.06  ? 19  DC  B "C4'" 1 
ATOM   325 O  "O4'" . DC  B 1 6  ? -9.630  -13.022 -7.736  1.00 37.31  ? 19  DC  B "O4'" 1 
ATOM   326 C  "C3'" . DC  B 1 6  ? -9.524  -11.838 -5.686  1.00 34.28  ? 19  DC  B "C3'" 1 
ATOM   327 O  "O3'" . DC  B 1 6  ? -10.756 -12.106 -5.009  1.00 38.67  ? 19  DC  B "O3'" 1 
ATOM   328 C  "C2'" . DC  B 1 6  ? -8.608  -13.052 -5.637  1.00 36.25  ? 19  DC  B "C2'" 1 
ATOM   329 C  "C1'" . DC  B 1 6  ? -9.242  -13.908 -6.716  1.00 32.44  ? 19  DC  B "C1'" 1 
ATOM   330 N  N1    . DC  B 1 6  ? -8.344  -14.911 -7.304  1.00 28.71  ? 19  DC  B N1    1 
ATOM   331 C  C2    . DC  B 1 6  ? -8.331  -16.195 -6.778  1.00 31.17  ? 19  DC  B C2    1 
ATOM   332 O  O2    . DC  B 1 6  ? -9.053  -16.457 -5.799  1.00 34.15  ? 19  DC  B O2    1 
ATOM   333 N  N3    . DC  B 1 6  ? -7.522  -17.120 -7.339  1.00 30.77  ? 19  DC  B N3    1 
ATOM   334 C  C4    . DC  B 1 6  ? -6.764  -16.805 -8.389  1.00 29.85  ? 19  DC  B C4    1 
ATOM   335 N  N4    . DC  B 1 6  ? -5.983  -17.762 -8.898  1.00 32.95  ? 19  DC  B N4    1 
ATOM   336 C  C5    . DC  B 1 6  ? -6.764  -15.493 -8.947  1.00 32.15  ? 19  DC  B C5    1 
ATOM   337 C  C6    . DC  B 1 6  ? -7.570  -14.585 -8.384  1.00 33.69  ? 19  DC  B C6    1 
ATOM   338 P  P     . DC  B 1 7  ? -11.517 -10.934 -4.218  1.00 41.79  ? 20  DC  B P     1 
ATOM   339 O  OP1   . DC  B 1 7  ? -12.639 -11.551 -3.463  1.00 43.56  ? 20  DC  B OP1   1 
ATOM   340 O  OP2   . DC  B 1 7  ? -11.765 -9.850  -5.193  1.00 43.40  ? 20  DC  B OP2   1 
ATOM   341 O  "O5'" . DC  B 1 7  ? -10.452 -10.457 -3.146  1.00 34.60  ? 20  DC  B "O5'" 1 
ATOM   342 C  "C5'" . DC  B 1 7  ? -10.809 -9.538  -2.126  1.00 44.39  ? 20  DC  B "C5'" 1 
ATOM   343 C  "C4'" . DC  B 1 7  ? -9.721  -9.478  -1.068  1.00 39.41  ? 20  DC  B "C4'" 1 
ATOM   344 O  "O4'" . DC  B 1 7  ? -9.704  -10.723 -0.327  1.00 37.46  ? 20  DC  B "O4'" 1 
ATOM   345 C  "C3'" . DC  B 1 7  ? -8.307  -9.289  -1.612  1.00 44.60  ? 20  DC  B "C3'" 1 
ATOM   346 O  "O3'" . DC  B 1 7  ? -7.534  -8.506  -0.723  1.00 43.45  ? 20  DC  B "O3'" 1 
ATOM   347 C  "C2'" . DC  B 1 7  ? -7.770  -10.706 -1.689  1.00 35.90  ? 20  DC  B "C2'" 1 
ATOM   348 C  "C1'" . DC  B 1 7  ? -8.489  -11.409 -0.537  1.00 44.47  ? 20  DC  B "C1'" 1 
ATOM   349 N  N1    . DC  B 1 7  ? -8.786  -12.806 -0.889  1.00 37.79  ? 20  DC  B N1    1 
ATOM   350 C  C2    . DC  B 1 7  ? -7.827  -13.785 -0.645  1.00 36.64  ? 20  DC  B C2    1 
ATOM   351 O  O2    . DC  B 1 7  ? -6.774  -13.469 -0.070  1.00 33.94  ? 20  DC  B O2    1 
ATOM   352 N  N3    . DC  B 1 7  ? -8.084  -15.060 -1.026  1.00 32.32  ? 20  DC  B N3    1 
ATOM   353 C  C4    . DC  B 1 7  ? -9.228  -15.358 -1.637  1.00 33.99  ? 20  DC  B C4    1 
ATOM   354 N  N4    . DC  B 1 7  ? -9.432  -16.633 -1.991  1.00 34.87  ? 20  DC  B N4    1 
ATOM   355 C  C5    . DC  B 1 7  ? -10.209 -14.366 -1.921  1.00 36.77  ? 20  DC  B C5    1 
ATOM   356 C  C6    . DC  B 1 7  ? -9.944  -13.111 -1.546  1.00 40.56  ? 20  DC  B C6    1 
ATOM   357 P  P     . DG  B 1 8  ? -7.013  -7.057  -1.178  1.00 38.96  ? 21  DG  B P     1 
ATOM   358 O  OP1   . DG  B 1 8  ? -7.067  -6.213  0.037   1.00 45.09  ? 21  DG  B OP1   1 
ATOM   359 O  OP2   . DG  B 1 8  ? -7.728  -6.656  -2.409  1.00 38.64  ? 21  DG  B OP2   1 
ATOM   360 O  "O5'" . DG  B 1 8  ? -5.457  -7.281  -1.505  1.00 37.26  ? 21  DG  B "O5'" 1 
ATOM   361 C  "C5'" . DG  B 1 8  ? -5.047  -8.157  -2.543  1.00 31.08  ? 21  DG  B "C5'" 1 
ATOM   362 C  "C4'" . DG  B 1 8  ? -3.717  -7.702  -3.114  1.00 31.40  ? 21  DG  B "C4'" 1 
ATOM   363 O  "O4'" . DG  B 1 8  ? -3.928  -6.527  -3.938  1.00 30.97  ? 21  DG  B "O4'" 1 
ATOM   364 C  "C3'" . DG  B 1 8  ? -2.697  -7.265  -2.078  1.00 24.82  ? 21  DG  B "C3'" 1 
ATOM   365 O  "O3'" . DG  B 1 8  ? -1.949  -8.374  -1.632  1.00 27.09  ? 21  DG  B "O3'" 1 
ATOM   366 C  "C2'" . DG  B 1 8  ? -1.832  -6.301  -2.876  1.00 27.99  ? 21  DG  B "C2'" 1 
ATOM   367 C  "C1'" . DG  B 1 8  ? -2.884  -5.592  -3.715  1.00 32.07  ? 21  DG  B "C1'" 1 
ATOM   368 N  N9    . DG  B 1 8  ? -3.444  -4.383  -3.094  1.00 29.58  ? 21  DG  B N9    1 
ATOM   369 C  C8    . DG  B 1 8  ? -4.764  -4.144  -2.776  1.00 30.08  ? 21  DG  B C8    1 
ATOM   370 N  N7    . DG  B 1 8  ? -4.964  -2.957  -2.265  1.00 33.77  ? 21  DG  B N7    1 
ATOM   371 C  C5    . DG  B 1 8  ? -3.702  -2.374  -2.240  1.00 32.88  ? 21  DG  B C5    1 
ATOM   372 C  C6    . DG  B 1 8  ? -3.288  -1.091  -1.795  1.00 35.03  ? 21  DG  B C6    1 
ATOM   373 O  O6    . DG  B 1 8  ? -3.978  -0.186  -1.307  1.00 34.83  ? 21  DG  B O6    1 
ATOM   374 N  N1    . DG  B 1 8  ? -1.917  -0.903  -1.969  1.00 27.42  ? 21  DG  B N1    1 
ATOM   375 C  C2    . DG  B 1 8  ? -1.059  -1.839  -2.483  1.00 28.66  ? 21  DG  B C2    1 
ATOM   376 N  N2    . DG  B 1 8  ? 0.230   -1.485  -2.564  1.00 26.55  ? 21  DG  B N2    1 
ATOM   377 N  N3    . DG  B 1 8  ? -1.431  -3.035  -2.899  1.00 27.23  ? 21  DG  B N3    1 
ATOM   378 C  C4    . DG  B 1 8  ? -2.756  -3.239  -2.746  1.00 26.68  ? 21  DG  B C4    1 
ATOM   379 P  P     . DC  B 1 9  ? -1.516  -8.469  -0.092  1.00 31.16  ? 22  DC  B P     1 
ATOM   380 O  OP1   . DC  B 1 9  ? -0.832  -9.766  0.083   1.00 29.31  ? 22  DC  B OP1   1 
ATOM   381 O  OP2   . DC  B 1 9  ? -2.676  -8.102  0.749   1.00 32.09  ? 22  DC  B OP2   1 
ATOM   382 O  "O5'" . DC  B 1 9  ? -0.429  -7.312  0.068   1.00 28.70  ? 22  DC  B "O5'" 1 
ATOM   383 C  "C5'" . DC  B 1 9  ? 0.805   -7.407  -0.619  1.00 28.66  ? 22  DC  B "C5'" 1 
ATOM   384 C  "C4'" . DC  B 1 9  ? 1.607   -6.130  -0.443  1.00 26.26  ? 22  DC  B "C4'" 1 
ATOM   385 O  "O4'" . DC  B 1 9  ? 0.820   -5.009  -0.913  1.00 27.69  ? 22  DC  B "O4'" 1 
ATOM   386 C  "C3'" . DC  B 1 9  ? 1.939   -5.776  0.995   1.00 22.10  ? 22  DC  B "C3'" 1 
ATOM   387 O  "O3'" . DC  B 1 9  ? 3.115   -6.483  1.422   1.00 26.43  ? 22  DC  B "O3'" 1 
ATOM   388 C  "C2'" . DC  B 1 9  ? 2.205   -4.277  0.878   1.00 25.30  ? 22  DC  B "C2'" 1 
ATOM   389 C  "C1'" . DC  B 1 9  ? 1.185   -3.848  -0.185  1.00 28.50  ? 22  DC  B "C1'" 1 
ATOM   390 N  N1    . DC  B 1 9  ? -0.048  -3.222  0.376   1.00 27.11  ? 22  DC  B N1    1 
ATOM   391 C  C2    . DC  B 1 9  ? 0.018   -1.921  0.883   1.00 24.57  ? 22  DC  B C2    1 
ATOM   392 O  O2    . DC  B 1 9  ? 1.105   -1.323  0.866   1.00 27.29  ? 22  DC  B O2    1 
ATOM   393 N  N3    . DC  B 1 9  ? -1.103  -1.349  1.370   1.00 27.65  ? 22  DC  B N3    1 
ATOM   394 C  C4    . DC  B 1 9  ? -2.251  -2.022  1.378   1.00 34.56  ? 22  DC  B C4    1 
ATOM   395 N  N4    . DC  B 1 9  ? -3.328  -1.409  1.883   1.00 31.01  ? 22  DC  B N4    1 
ATOM   396 C  C5    . DC  B 1 9  ? -2.346  -3.355  0.869   1.00 32.03  ? 22  DC  B C5    1 
ATOM   397 C  C6    . DC  B 1 9  ? -1.229  -3.915  0.386   1.00 28.33  ? 22  DC  B C6    1 
ATOM   398 P  P     . DC  B 1 10 ? 3.514   -6.561  2.988   1.00 30.01  ? 23  DC  B P     1 
ATOM   399 O  OP1   . DC  B 1 10 ? 4.623   -7.519  3.082   1.00 33.81  ? 23  DC  B OP1   1 
ATOM   400 O  OP2   . DC  B 1 10 ? 2.267   -6.722  3.773   1.00 30.17  ? 23  DC  B OP2   1 
ATOM   401 O  "O5'" . DC  B 1 10 ? 4.087   -5.112  3.324   1.00 32.05  ? 23  DC  B "O5'" 1 
ATOM   402 C  "C5'" . DC  B 1 10 ? 5.234   -4.639  2.658   1.00 32.29  ? 23  DC  B "C5'" 1 
ATOM   403 C  "C4'" . DC  B 1 10 ? 5.639   -3.327  3.267   1.00 24.93  ? 23  DC  B "C4'" 1 
ATOM   404 O  "O4'" . DC  B 1 10 ? 4.533   -2.398  3.152   1.00 28.31  ? 23  DC  B "O4'" 1 
ATOM   405 C  "C3'" . DC  B 1 10 ? 5.958   -3.450  4.760   1.00 31.93  ? 23  DC  B "C3'" 1 
ATOM   406 O  "O3'" . DC  B 1 10 ? 7.246   -3.023  5.025   1.00 32.67  ? 23  DC  B "O3'" 1 
ATOM   407 C  "C2'" . DC  B 1 10 ? 4.922   -2.590  5.473   1.00 35.92  ? 23  DC  B "C2'" 1 
ATOM   408 C  "C1'" . DC  B 1 10 ? 4.369   -1.700  4.378   1.00 33.43  ? 23  DC  B "C1'" 1 
ATOM   409 N  N1    . DC  B 1 10 ? 2.935   -1.425  4.566   1.00 29.20  ? 23  DC  B N1    1 
ATOM   410 C  C2    . DC  B 1 10 ? 2.536   -0.200  5.091   1.00 28.97  ? 23  DC  B C2    1 
ATOM   411 O  O2    . DC  B 1 10 ? 3.402   0.634   5.387   1.00 30.48  ? 23  DC  B O2    1 
ATOM   412 N  N3    . DC  B 1 10 ? 1.216   0.042   5.269   1.00 29.06  ? 23  DC  B N3    1 
ATOM   413 C  C4    . DC  B 1 10 ? 0.317   -0.893  4.947   1.00 28.90  ? 23  DC  B C4    1 
ATOM   414 N  N4    . DC  B 1 10 ? -0.977  -0.607  5.139   1.00 30.24  ? 23  DC  B N4    1 
ATOM   415 C  C5    . DC  B 1 10 ? 0.705   -2.157  4.423   1.00 29.28  ? 23  DC  B C5    1 
ATOM   416 C  C6    . DC  B 1 10 ? 2.014   -2.385  4.257   1.00 29.30  ? 23  DC  B C6    1 
ATOM   417 P  P     . DG  B 1 11 ? 7.871   -3.265  6.490   1.00 35.56  ? 24  DG  B P     1 
ATOM   418 O  OP1   . DG  B 1 11 ? 9.315   -3.361  6.251   1.00 33.48  ? 24  DG  B OP1   1 
ATOM   419 O  OP2   . DG  B 1 11 ? 7.095   -4.316  7.194   1.00 35.34  ? 24  DG  B OP2   1 
ATOM   420 O  "O5'" . DG  B 1 11 ? 7.548   -1.931  7.287   1.00 31.71  ? 24  DG  B "O5'" 1 
ATOM   421 C  "C5'" . DG  B 1 11 ? 8.186   -0.730  6.924   1.00 32.24  ? 24  DG  B "C5'" 1 
ATOM   422 C  "C4'" . DG  B 1 11 ? 8.052   0.307   8.017   1.00 26.83  ? 24  DG  B "C4'" 1 
ATOM   423 O  "O4'" . DG  B 1 11 ? 6.677   0.734   8.153   1.00 29.08  ? 24  DG  B "O4'" 1 
ATOM   424 C  "C3'" . DG  B 1 11 ? 8.498   -0.126  9.402   1.00 38.44  ? 24  DG  B "C3'" 1 
ATOM   425 O  "O3'" . DG  B 1 11 ? 9.091   0.987   10.027  1.00 34.01  ? 24  DG  B "O3'" 1 
ATOM   426 C  "C2'" . DG  B 1 11 ? 7.186   -0.553  10.078  1.00 34.99  ? 24  DG  B "C2'" 1 
ATOM   427 C  "C1'" . DG  B 1 11 ? 6.154   0.365   9.420   1.00 35.09  ? 24  DG  B "C1'" 1 
ATOM   428 N  N9    . DG  B 1 11 ? 4.845   -0.251  9.182   1.00 33.84  ? 24  DG  B N9    1 
ATOM   429 C  C8    . DG  B 1 11 ? 4.594   -1.502  8.675   1.00 33.44  ? 24  DG  B C8    1 
ATOM   430 N  N7    . DG  B 1 11 ? 3.318   -1.759  8.534   1.00 30.78  ? 24  DG  B N7    1 
ATOM   431 C  C5    . DG  B 1 11 ? 2.686   -0.601  8.960   1.00 30.17  ? 24  DG  B C5    1 
ATOM   432 C  C6    . DG  B 1 11 ? 1.309   -0.289  9.034   1.00 37.11  ? 24  DG  B C6    1 
ATOM   433 O  O6    . DG  B 1 11 ? 0.338   -1.000  8.723   1.00 40.37  ? 24  DG  B O6    1 
ATOM   434 N  N1    . DG  B 1 11 ? 1.100   0.996   9.522   1.00 37.79  ? 24  DG  B N1    1 
ATOM   435 C  C2    . DG  B 1 11 ? 2.094   1.868   9.890   1.00 35.69  ? 24  DG  B C2    1 
ATOM   436 N  N2    . DG  B 1 11 ? 1.697   3.065   10.347  1.00 39.47  ? 24  DG  B N2    1 
ATOM   437 N  N3    . DG  B 1 11 ? 3.387   1.586   9.826   1.00 31.86  ? 24  DG  B N3    1 
ATOM   438 C  C4    . DG  B 1 11 ? 3.609   0.340   9.355   1.00 31.67  ? 24  DG  B C4    1 
ATOM   439 P  P     . DA  B 1 12 ? 9.647   0.907   11.533  1.00 39.70  ? 25  DA  B P     1 
ATOM   440 O  OP1   . DA  B 1 12 ? 10.747  1.900   11.590  1.00 42.04  ? 25  DA  B OP1   1 
ATOM   441 O  OP2   . DA  B 1 12 ? 9.874   -0.515  11.875  1.00 43.12  ? 25  DA  B OP2   1 
ATOM   442 O  "O5'" . DA  B 1 12 ? 8.428   1.427   12.380  1.00 33.70  ? 25  DA  B "O5'" 1 
ATOM   443 C  "C5'" . DA  B 1 12 ? 8.027   2.769   12.251  1.00 37.49  ? 25  DA  B "C5'" 1 
ATOM   444 C  "C4'" . DA  B 1 12 ? 6.861   3.061   13.156  1.00 37.34  ? 25  DA  B "C4'" 1 
ATOM   445 O  "O4'" . DA  B 1 12 ? 5.703   2.322   12.715  1.00 39.90  ? 25  DA  B "O4'" 1 
ATOM   446 C  "C3'" . DA  B 1 12 ? 7.073   2.689   14.628  1.00 35.64  ? 25  DA  B "C3'" 1 
ATOM   447 O  "O3'" . DA  B 1 12 ? 6.794   3.821   15.402  1.00 43.54  ? 25  DA  B "O3'" 1 
ATOM   448 C  "C2'" . DA  B 1 12 ? 6.063   1.549   14.877  1.00 37.58  ? 25  DA  B "C2'" 1 
ATOM   449 C  "C1'" . DA  B 1 12 ? 4.996   1.848   13.833  1.00 38.31  ? 25  DA  B "C1'" 1 
ATOM   450 N  N9    . DA  B 1 12 ? 4.224   0.691   13.377  1.00 39.48  ? 25  DA  B N9    1 
ATOM   451 C  C8    . DA  B 1 12 ? 4.713   -0.522  12.977  1.00 33.66  ? 25  DA  B C8    1 
ATOM   452 N  N7    . DA  B 1 12 ? 3.785   -1.355  12.571  1.00 33.44  ? 25  DA  B N7    1 
ATOM   453 C  C5    . DA  B 1 12 ? 2.608   -0.634  12.693  1.00 34.24  ? 25  DA  B C5    1 
ATOM   454 C  C6    . DA  B 1 12 ? 1.259   -0.956  12.422  1.00 36.22  ? 25  DA  B C6    1 
ATOM   455 N  N6    . DA  B 1 12 ? 0.865   -2.147  11.950  1.00 48.79  ? 25  DA  B N6    1 
ATOM   456 N  N1    . DA  B 1 12 ? 0.328   -0.008  12.663  1.00 45.62  ? 25  DA  B N1    1 
ATOM   457 C  C2    . DA  B 1 12 ? 0.726   1.181   13.139  1.00 42.42  ? 25  DA  B C2    1 
ATOM   458 N  N3    . DA  B 1 12 ? 1.960   1.596   13.429  1.00 40.31  ? 25  DA  B N3    1 
ATOM   459 C  C4    . DA  B 1 12 ? 2.861   0.631   13.183  1.00 34.07  ? 25  DA  B C4    1 
ATOM   460 P  P     . DA  B 1 13 ? 7.234   3.889   16.942  1.00 43.13  ? 26  DA  B P     1 
ATOM   461 O  OP1   . DA  B 1 13 ? 7.514   5.314   17.222  1.00 45.79  ? 26  DA  B OP1   1 
ATOM   462 O  OP2   . DA  B 1 13 ? 8.243   2.831   17.180  1.00 41.06  ? 26  DA  B OP2   1 
ATOM   463 O  "O5'" . DA  B 1 13 ? 5.904   3.456   17.712  1.00 38.45  ? 26  DA  B "O5'" 1 
ATOM   464 C  "C5'" . DA  B 1 13 ? 4.706   4.151   17.453  1.00 47.40  ? 26  DA  B "C5'" 1 
ATOM   465 C  "C4'" . DA  B 1 13 ? 3.504   3.354   17.918  1.00 43.38  ? 26  DA  B "C4'" 1 
ATOM   466 O  "O4'" . DA  B 1 13 ? 3.213   2.296   16.988  1.00 44.23  ? 26  DA  B "O4'" 1 
ATOM   467 C  "C3'" . DA  B 1 13 ? 3.654   2.655   19.275  1.00 48.55  ? 26  DA  B "C3'" 1 
ATOM   468 O  "O3'" . DA  B 1 13 ? 2.929   3.369   20.257  1.00 53.44  ? 26  DA  B "O3'" 1 
ATOM   469 C  "C2'" . DA  B 1 13 ? 3.049   1.252   19.042  1.00 43.13  ? 26  DA  B "C2'" 1 
ATOM   470 C  "C1'" . DA  B 1 13 ? 2.385   1.411   17.677  1.00 43.57  ? 26  DA  B "C1'" 1 
ATOM   471 N  N9    . DA  B 1 13 ? 2.227   0.171   16.923  1.00 40.29  ? 26  DA  B N9    1 
ATOM   472 C  C8    . DA  B 1 13 ? 1.058   -0.314  16.403  1.00 46.98  ? 26  DA  B C8    1 
ATOM   473 N  N7    . DA  B 1 13 ? 1.187   -1.461  15.785  1.00 44.52  ? 26  DA  B N7    1 
ATOM   474 C  C5    . DA  B 1 13 ? 2.531   -1.759  15.909  1.00 37.71  ? 26  DA  B C5    1 
ATOM   475 C  C6    . DA  B 1 13 ? 3.299   -2.848  15.461  1.00 37.72  ? 26  DA  B C6    1 
ATOM   476 N  N6    . DA  B 1 13 ? 2.787   -3.878  14.771  1.00 45.17  ? 26  DA  B N6    1 
ATOM   477 N  N1    . DA  B 1 13 ? 4.614   -2.842  15.748  1.00 35.35  ? 26  DA  B N1    1 
ATOM   478 C  C2    . DA  B 1 13 ? 5.119   -1.813  16.437  1.00 36.54  ? 26  DA  B C2    1 
ATOM   479 N  N3    . DA  B 1 13 ? 4.499   -0.732  16.911  1.00 37.97  ? 26  DA  B N3    1 
ATOM   480 C  C4    . DA  B 1 13 ? 3.193   -0.768  16.615  1.00 35.61  ? 26  DA  B C4    1 
HETATM 481 O  O1    . CDR C 2 .  ? 8.395   -2.961  1.350   1.00 31.57  ? 1   CDR C O1    1 
HETATM 482 C  C1    . CDR C 2 .  ? 8.905   -1.607  1.274   1.00 29.84  ? 1   CDR C C1    1 
HETATM 483 C  C2    . CDR C 2 .  ? 8.355   -0.762  2.431   1.00 30.77  ? 1   CDR C C2    1 
HETATM 484 C  C3    . CDR C 2 .  ? 9.000   0.625   2.540   1.00 31.16  ? 1   CDR C C3    1 
HETATM 485 C  C4    . CDR C 2 .  ? 10.509  0.536   2.328   1.00 32.94  ? 1   CDR C C4    1 
HETATM 486 O  O4    . CDR C 2 .  ? 11.050  1.851   2.148   1.00 31.18  ? 1   CDR C O4    1 
HETATM 487 C  C5    . CDR C 2 .  ? 10.836  -0.303  1.093   1.00 35.97  ? 1   CDR C C5    1 
HETATM 488 O  O5    . CDR C 2 .  ? 10.331  -1.620  1.300   1.00 33.46  ? 1   CDR C O5    1 
HETATM 489 C  C6    . CDR C 2 .  ? 12.336  -0.354  0.809   1.00 41.15  ? 1   CDR C C6    1 
HETATM 490 O  O1    . CDR C 2 .  ? 8.563   1.137   3.743   1.00 27.90  ? 2   CDR C O1    1 
HETATM 491 C  C1    . CDR C 2 .  ? 8.286   2.533   3.878   1.00 27.84  ? 2   CDR C C1    1 
HETATM 492 C  C2    . CDR C 2 .  ? 7.585   2.780   5.216   1.00 26.00  ? 2   CDR C C2    1 
HETATM 493 C  C3    . CDR C 2 .  ? 7.453   4.263   5.526   1.00 25.42  ? 2   CDR C C3    1 
HETATM 494 C  C4    . CDR C 2 .  ? 8.767   5.002   5.296   1.00 26.67  ? 2   CDR C C4    1 
HETATM 495 O  O4    . CDR C 2 .  ? 8.512   6.409   5.393   1.00 24.70  ? 2   CDR C O4    1 
HETATM 496 C  C5    . CDR C 2 .  ? 9.336   4.671   3.920   1.00 27.85  ? 2   CDR C C5    1 
HETATM 497 O  O5    . CDR C 2 .  ? 9.521   3.256   3.816   1.00 27.19  ? 2   CDR C O5    1 
HETATM 498 C  C6    . CDR C 2 .  ? 10.683  5.356   3.719   1.00 26.02  ? 2   CDR C C6    1 
HETATM 499 O  O1    . ERI C 2 .  ? 7.307   4.364   6.891   1.00 25.62  ? 3   ERI C O1    1 
HETATM 500 C  C1    . ERI C 2 .  ? 6.078   3.986   7.503   1.00 23.42  ? 3   ERI C C1    1 
HETATM 501 C  C2    . ERI C 2 .  ? 6.189   4.186   9.031   1.00 23.90  ? 3   ERI C C2    1 
HETATM 502 C  C3    . ERI C 2 .  ? 6.162   5.645   9.464   1.00 25.95  ? 3   ERI C C3    1 
HETATM 503 O  O3    . ERI C 2 .  ? 6.006   5.711   10.899  1.00 30.66  ? 3   ERI C O3    1 
HETATM 504 C  CC3   . ERI C 2 .  ? 7.450   6.379   9.122   1.00 27.28  ? 3   ERI C CC3   1 
HETATM 505 C  C4    . ERI C 2 .  ? 4.970   6.324   8.818   1.00 27.98  ? 3   ERI C C4    1 
HETATM 506 O  O4    . ERI C 2 .  ? 5.070   7.708   9.122   1.00 29.76  ? 3   ERI C O4    1 
HETATM 507 C  CME   . ERI C 2 .  ? 3.961   9.747   10.127  1.00 35.50  ? 3   ERI C CME   1 
HETATM 508 C  CO4   . ERI C 2 .  ? 3.992   8.260   9.921   1.00 34.90  ? 3   ERI C CO4   1 
HETATM 509 O  OC4   . ERI C 2 .  ? 3.114   7.521   10.337  1.00 37.59  ? 3   ERI C OC4   1 
HETATM 510 C  C5    . ERI C 2 .  ? 5.001   6.134   7.305   1.00 23.09  ? 3   ERI C C5    1 
HETATM 511 O  O5    . ERI C 2 .  ? 4.988   4.741   6.972   1.00 27.21  ? 3   ERI C O5    1 
HETATM 512 C  C6    . ERI C 2 .  ? 3.802   6.813   6.651   1.00 27.63  ? 3   ERI C C6    1 
HETATM 513 O  O1    . ARI D 3 .  ? 5.484   6.165   3.127   1.00 25.59  ? 1   ARI D O1    1 
HETATM 514 C  C1    . ARI D 3 .  ? 5.899   7.498   2.772   1.00 23.91  ? 1   ARI D C1    1 
HETATM 515 C  C2    . ARI D 3 .  ? 5.054   8.510   3.552   1.00 28.92  ? 1   ARI D C2    1 
HETATM 516 C  C3    . ARI D 3 .  ? 5.590   9.938   3.463   1.00 24.89  ? 1   ARI D C3    1 
HETATM 517 C  C4    . ARI D 3 .  ? 7.091   9.930   3.724   1.00 26.07  ? 1   ARI D C4    1 
HETATM 518 O  O4    . ARI D 3 .  ? 7.328   9.435   5.039   1.00 26.63  ? 1   ARI D O4    1 
HETATM 519 C  CME   . ARI D 3 .  ? 7.415   9.881   7.485   1.00 28.65  ? 1   ARI D CME   1 
HETATM 520 C  CO4   . ARI D 3 .  ? 7.454   10.412  6.091   1.00 29.17  ? 1   ARI D CO4   1 
HETATM 521 O  OC4   . ARI D 3 .  ? 7.548   11.600  5.833   1.00 26.98  ? 1   ARI D OC4   1 
HETATM 522 C  C5    . ARI D 3 .  ? 7.781   8.948   2.802   1.00 24.50  ? 1   ARI D C5    1 
HETATM 523 O  O5    . ARI D 3 .  ? 7.282   7.644   3.110   1.00 26.08  ? 1   ARI D O5    1 
HETATM 524 C  C6    . ARI D 3 .  ? 9.290   8.940   3.031   1.00 26.49  ? 1   ARI D C6    1 
HETATM 525 O  O1    . 1GL D 3 .  ? 4.870   10.684  4.370   1.00 24.83  ? 2   1GL D O1    1 
HETATM 526 C  C1    . 1GL D 3 .  ? 4.831   12.093  4.068   1.00 27.88  ? 2   1GL D C1    1 
HETATM 527 C  C2    . 1GL D 3 .  ? 4.326   12.897  5.260   1.00 30.83  ? 2   1GL D C2    1 
HETATM 528 C  C3    . 1GL D 3 .  ? 2.847   12.633  5.509   1.00 28.27  ? 2   1GL D C3    1 
HETATM 529 O  O3    . 1GL D 3 .  ? 2.383   13.453  6.586   1.00 30.75  ? 2   1GL D O3    1 
HETATM 530 C  C4    . 1GL D 3 .  ? 2.066   12.933  4.244   1.00 29.26  ? 2   1GL D C4    1 
HETATM 531 O  O4    . 1GL D 3 .  ? 2.251   14.304  3.903   1.00 31.03  ? 2   1GL D O4    1 
HETATM 532 C  CME   . 1GL D 3 .  ? 1.127   15.111  4.250   1.00 33.65  ? 2   1GL D CME   1 
HETATM 533 C  C5    . 1GL D 3 .  ? 2.616   12.055  3.128   1.00 26.02  ? 2   1GL D C5    1 
HETATM 534 O  O5    . 1GL D 3 .  ? 3.999   12.351  2.930   1.00 28.97  ? 2   1GL D O5    1 
HETATM 535 C  C6    . 1GL D 3 .  ? 1.882   12.312  1.813   1.00 29.48  ? 2   1GL D C6    1 
HETATM 536 O  O1    . ARI E 3 .  ? 1.700   -7.491  -4.481  1.00 25.33  ? 1   ARI E O1    1 
HETATM 537 C  C1    . ARI E 3 .  ? 1.731   -8.906  -4.197  1.00 24.49  ? 1   ARI E C1    1 
HETATM 538 C  C2    . ARI E 3 .  ? 0.397   -9.538  -4.610  1.00 28.37  ? 1   ARI E C2    1 
HETATM 539 C  C3    . ARI E 3 .  ? 0.432   -11.068 -4.613  1.00 25.31  ? 1   ARI E C3    1 
HETATM 540 C  C4    . ARI E 3 .  ? 1.675   -11.549 -5.349  1.00 24.24  ? 1   ARI E C4    1 
HETATM 541 O  O4    . ARI E 3 .  ? 1.634   -11.086 -6.704  1.00 25.70  ? 1   ARI E O4    1 
HETATM 542 C  CME   . ARI E 3 .  ? 0.786   -11.400 -9.025  1.00 28.33  ? 1   ARI E CME   1 
HETATM 543 C  CO4   . ARI E 3 .  ? 1.073   -11.987 -7.684  1.00 28.13  ? 1   ARI E CO4   1 
HETATM 544 O  OC4   . ARI E 3 .  ? 0.793   -13.137 -7.390  1.00 26.68  ? 1   ARI E OC4   1 
HETATM 545 C  C5    . ARI E 3 .  ? 2.906   -10.913 -4.740  1.00 24.06  ? 1   ARI E C5    1 
HETATM 546 O  O5    . ARI E 3 .  ? 2.801   -9.501  -4.937  1.00 26.94  ? 1   ARI E O5    1 
HETATM 547 C  C6    . ARI E 3 .  ? 4.176   -11.380 -5.438  1.00 26.99  ? 1   ARI E C6    1 
HETATM 548 O  O1    . 1GL E 3 .  ? -0.756  -11.466 -5.186  1.00 25.54  ? 2   1GL E O1    1 
HETATM 549 C  C1    . 1GL E 3 .  ? -1.188  -12.792 -4.815  1.00 28.83  ? 2   1GL E C1    1 
HETATM 550 C  C2    . 1GL E 3 .  ? -2.303  -13.287 -5.733  1.00 28.66  ? 2   1GL E C2    1 
HETATM 551 C  C3    . 1GL E 3 .  ? -3.607  -12.532 -5.497  1.00 26.80  ? 2   1GL E C3    1 
HETATM 552 O  O3    . 1GL E 3 .  ? -4.642  -13.099 -6.308  1.00 30.58  ? 2   1GL E O3    1 
HETATM 553 C  C4    . 1GL E 3 .  ? -3.976  -12.616 -4.027  1.00 28.71  ? 2   1GL E C4    1 
HETATM 554 O  O4    . 1GL E 3 .  ? -4.178  -13.982 -3.680  1.00 30.38  ? 2   1GL E O4    1 
HETATM 555 C  CME   . 1GL E 3 .  ? -5.561  -14.321 -3.577  1.00 33.45  ? 2   1GL E CME   1 
HETATM 556 C  C5    . 1GL E 3 .  ? -2.815  -12.054 -3.214  1.00 25.68  ? 2   1GL E C5    1 
HETATM 557 O  O5    . 1GL E 3 .  ? -1.636  -12.825 -3.456  1.00 27.88  ? 2   1GL E O5    1 
HETATM 558 C  C6    . 1GL E 3 .  ? -3.112  -12.095 -1.718  1.00 31.60  ? 2   1GL E C6    1 
HETATM 559 O  O1    . CDR F 2 .  ? 7.930   -0.032  -4.258  1.00 30.89  ? 1   CDR F O1    1 
HETATM 560 C  C1    . CDR F 2 .  ? 7.958   -1.477  -4.254  1.00 30.87  ? 1   CDR F C1    1 
HETATM 561 C  C2    . CDR F 2 .  ? 6.807   -2.024  -5.109  1.00 30.01  ? 1   CDR F C2    1 
HETATM 562 C  C3    . CDR F 2 .  ? 6.898   -3.532  -5.354  1.00 30.21  ? 1   CDR F C3    1 
HETATM 563 C  C4    . CDR F 2 .  ? 8.336   -3.948  -5.666  1.00 30.87  ? 1   CDR F C4    1 
HETATM 564 O  O4    . CDR F 2 .  ? 8.458   -5.375  -5.600  1.00 31.84  ? 1   CDR F O4    1 
HETATM 565 C  C5    . CDR F 2 .  ? 9.316   -3.345  -4.663  1.00 35.25  ? 1   CDR F C5    1 
HETATM 566 O  O5    . CDR F 2 .  ? 9.224   -1.927  -4.729  1.00 33.80  ? 1   CDR F O5    1 
HETATM 567 C  C6    . CDR F 2 .  ? 10.750  -3.776  -4.957  1.00 39.12  ? 1   CDR F C6    1 
HETATM 568 O  O1    . CDR F 2 .  ? 5.948   -3.791  -6.317  1.00 26.84  ? 2   CDR F O1    1 
HETATM 569 C  C1    . CDR F 2 .  ? 5.187   -4.996  -6.315  1.00 27.59  ? 2   CDR F C1    1 
HETATM 570 C  C2    . CDR F 2 .  ? 4.080   -4.905  -7.369  1.00 25.63  ? 2   CDR F C2    1 
HETATM 571 C  C3    . CDR F 2 .  ? 3.335   -6.228  -7.473  1.00 24.25  ? 2   CDR F C3    1 
HETATM 572 C  C4    . CDR F 2 .  ? 4.307   -7.391  -7.625  1.00 25.83  ? 2   CDR F C4    1 
HETATM 573 O  O4    . CDR F 2 .  ? 3.558   -8.610  -7.566  1.00 24.55  ? 2   CDR F O4    1 
HETATM 574 C  C5    . CDR F 2 .  ? 5.379   -7.348  -6.538  1.00 26.43  ? 2   CDR F C5    1 
HETATM 575 O  O5    . CDR F 2 .  ? 6.056   -6.093  -6.618  1.00 26.60  ? 2   CDR F O5    1 
HETATM 576 C  C6    . CDR F 2 .  ? 6.405   -8.460  -6.732  1.00 27.58  ? 2   CDR F C6    1 
HETATM 577 O  O1    . ERI F 2 .  ? 2.745   -6.220  -8.719  1.00 25.68  ? 3   ERI F O1    1 
HETATM 578 C  C1    . ERI F 2 .  ? 1.593   -5.405  -8.932  1.00 22.25  ? 3   ERI F C1    1 
HETATM 579 C  C2    . ERI F 2 .  ? 1.134   -5.533  -10.405 1.00 24.19  ? 3   ERI F C2    1 
HETATM 580 C  C3    . ERI F 2 .  ? 0.466   -6.865  -10.720 1.00 26.64  ? 3   ERI F C3    1 
HETATM 581 O  O3    . ERI F 2 .  ? -0.155  -6.807  -12.022 1.00 31.21  ? 3   ERI F O3    1 
HETATM 582 C  CC3   . ERI F 2 .  ? 1.457   -8.022  -10.761 1.00 26.73  ? 3   ERI F CC3   1 
HETATM 583 C  C4    . ERI F 2 .  ? -0.614  -7.124  -9.690  1.00 27.49  ? 3   ERI F C4    1 
HETATM 584 O  O4    . ERI F 2 .  ? -1.097  -8.441  -9.910  1.00 31.23  ? 3   ERI F O4    1 
HETATM 585 C  CME   . ERI F 2 .  ? -3.071  -9.943  -10.406 1.00 34.51  ? 3   ERI F CME   1 
HETATM 586 C  CO4   . ERI F 2 .  ? -2.505  -8.562  -10.245 1.00 32.64  ? 3   ERI F CO4   1 
HETATM 587 O  OC4   . ERI F 2 .  ? -3.187  -7.553  -10.357 1.00 37.06  ? 3   ERI F OC4   1 
HETATM 588 C  C5    . ERI F 2 .  ? -0.027  -7.060  -8.290  1.00 21.72  ? 3   ERI F C5    1 
HETATM 589 O  O5    . ERI F 2 .  ? 0.536   -5.767  -8.047  1.00 26.34  ? 3   ERI F O5    1 
HETATM 590 C  C6    . ERI F 2 .  ? -1.121  -7.325  -7.266  1.00 28.28  ? 3   ERI F C6    1 
HETATM 591 C  C1    . CPH G 4 .  ? 7.306   0.583   -2.075  1.00 27.23  ? 106 CPH A C1    1 
HETATM 592 O  O1    . CPH G 4 .  ? 6.412   -0.256  -2.094  1.00 27.39  ? 106 CPH A O1    1 
HETATM 593 C  C2    . CPH G 4 .  ? 8.422   0.512   -3.090  1.00 32.01  ? 106 CPH A C2    1 
HETATM 594 C  C3    . CPH G 4 .  ? 8.779   1.920   -3.577  1.00 31.72  ? 106 CPH A C3    1 
HETATM 595 C  C4    . CPH G 4 .  ? 9.057   2.881   -2.420  1.00 33.80  ? 106 CPH A C4    1 
HETATM 596 C  C5    . CPH G 4 .  ? 6.833   5.083   1.411   1.00 22.43  ? 106 CPH A C5    1 
HETATM 597 C  C6    . CPH G 4 .  ? 5.884   5.054   2.422   1.00 27.39  ? 106 CPH A C6    1 
HETATM 598 C  C7    . CPH G 4 .  ? 5.068   3.939   2.634   1.00 24.41  ? 106 CPH A C7    1 
HETATM 599 C  C8    . CPH G 4 .  ? 5.182   2.830   1.806   1.00 23.63  ? 106 CPH A C8    1 
HETATM 600 O  O8    . CPH G 4 .  ? 4.372   1.756   2.018   1.00 24.43  ? 106 CPH A O8    1 
HETATM 601 C  C9    . CPH G 4 .  ? 6.247   1.723   -0.089  1.00 25.51  ? 106 CPH A C9    1 
HETATM 602 O  O9    . CPH G 4 .  ? 5.438   0.652   0.118   1.00 26.77  ? 106 CPH A O9    1 
HETATM 603 C  "C1'" . CPH G 4 .  ? 9.957   1.850   -4.557  1.00 29.78  ? 106 CPH A "C1'" 1 
HETATM 604 O  "O1'" . CPH G 4 .  ? 11.086  1.278   -3.917  1.00 33.32  ? 106 CPH A "O1'" 1 
HETATM 605 C  C10   . CPH G 4 .  ? 7.908   3.970   -0.474  1.00 28.33  ? 106 CPH A C10   1 
HETATM 606 C  "C2'" . CPH G 4 .  ? 10.389  3.188   -5.093  1.00 38.14  ? 106 CPH A "C2'" 1 
HETATM 607 O  "O2'" . CPH G 4 .  ? 11.399  3.722   -4.660  1.00 35.98  ? 106 CPH A "O2'" 1 
HETATM 608 C  "C3'" . CPH G 4 .  ? 9.610   3.849   -6.178  1.00 40.32  ? 106 CPH A "C3'" 1 
HETATM 609 O  "O3'" . CPH G 4 .  ? 8.441   3.071   -6.457  1.00 40.18  ? 106 CPH A "O3'" 1 
HETATM 610 C  "C4'" . CPH G 4 .  ? 9.224   5.259   -5.748  1.00 43.18  ? 106 CPH A "C4'" 1 
HETATM 611 O  "O4'" . CPH G 4 .  ? 8.379   5.200   -4.587  1.00 43.70  ? 106 CPH A "O4'" 1 
HETATM 612 C  C4A   . CPH G 4 .  ? 8.012   2.855   -1.317  1.00 25.88  ? 106 CPH A C4A   1 
HETATM 613 C  "C5'" . CPH G 4 .  ? 8.509   5.990   -6.881  1.00 47.58  ? 106 CPH A "C5'" 1 
HETATM 614 C  C5A   . CPH G 4 .  ? 6.981   3.986   0.563   1.00 27.90  ? 106 CPH A C5A   1 
HETATM 615 C  C8A   . CPH G 4 .  ? 6.117   2.811   0.771   1.00 20.87  ? 106 CPH A C8A   1 
HETATM 616 C  C9A   . CPH G 4 .  ? 7.190   1.742   -1.125  1.00 26.68  ? 106 CPH A C9A   1 
HETATM 617 C  CC7   . CPH G 4 .  ? 4.065   3.957   3.763   1.00 25.13  ? 106 CPH A CC7   1 
HETATM 618 C  CME   . CPH G 4 .  ? 11.844  0.471   -4.819  1.00 42.53  ? 106 CPH A CME   1 
HETATM 619 NI NI    . NI  H 5 .  ? 4.989   -0.925  -0.919  1.00 28.19  ? 107 NI  A NI    1 
HETATM 620 NI NI    . NI  I 5 .  ? -4.790  4.355   3.734   1.00 40.94  ? 108 NI  A NI    1 
HETATM 621 C  C1    . CPH J 4 .  ? 6.915   -3.185  -0.478  1.00 27.90  ? 103 CPH B C1    1 
HETATM 622 O  O1    . CPH J 4 .  ? 6.418   -2.099  -0.208  1.00 28.13  ? 103 CPH B O1    1 
HETATM 623 C  C2    . CPH J 4 .  ? 8.255   -3.559  0.113   1.00 32.20  ? 103 CPH B C2    1 
HETATM 624 C  C3    . CPH J 4 .  ? 8.228   -5.026  0.551   1.00 31.95  ? 103 CPH B C3    1 
HETATM 625 C  C4    . CPH J 4 .  ? 7.758   -5.958  -0.566  1.00 35.47  ? 103 CPH B C4    1 
HETATM 626 C  C5    . CPH J 4 .  ? 3.806   -7.048  -3.328  1.00 22.87  ? 103 CPH B C5    1 
HETATM 627 C  C6    . CPH J 4 .  ? 2.656   -6.636  -3.983  1.00 26.96  ? 103 CPH B C6    1 
HETATM 628 C  C7    . CPH J 4 .  ? 2.258   -5.297  -3.990  1.00 24.10  ? 103 CPH B C7    1 
HETATM 629 C  C8    . CPH J 4 .  ? 3.006   -4.341  -3.324  1.00 24.46  ? 103 CPH B C8    1 
HETATM 630 O  O8    . CPH J 4 .  ? 2.589   -3.043  -3.339  1.00 23.86  ? 103 CPH B O8    1 
HETATM 631 C  C9    . CPH J 4 .  ? 4.935   -3.772  -1.946  1.00 25.86  ? 103 CPH B C9    1 
HETATM 632 O  O9    . CPH J 4 .  ? 4.517   -2.477  -1.966  1.00 26.96  ? 103 CPH B O9    1 
HETATM 633 C  "C1'" . CPH J 4 .  ? 9.610   -5.428  1.075   1.00 28.84  ? 103 CPH B "C1'" 1 
HETATM 634 O  "O1'" . CPH J 4 .  ? 10.567  -5.291  0.042   1.00 32.40  ? 103 CPH B "O1'" 1 
HETATM 635 C  C10   . CPH J 4 .  ? 5.743   -6.475  -1.965  1.00 28.40  ? 103 CPH B C10   1 
HETATM 636 C  "C2'" . CPH J 4 .  ? 9.689   -6.848  1.554   1.00 37.31  ? 103 CPH B "C2'" 1 
HETATM 637 O  "O2'" . CPH J 4 .  ? 10.246  -7.680  0.865   1.00 36.88  ? 103 CPH B "O2'" 1 
HETATM 638 C  "C3'" . CPH J 4 .  ? 9.126   -7.242  2.881   1.00 40.30  ? 103 CPH B "C3'" 1 
HETATM 639 O  "O3'" . CPH J 4 .  ? 8.445   -6.126  3.449   1.00 39.21  ? 103 CPH B "O3'" 1 
HETATM 640 C  "C4'" . CPH J 4 .  ? 8.156   -8.401  2.711   1.00 42.16  ? 103 CPH B "C4'" 1 
HETATM 641 O  "O4'" . CPH J 4 .  ? 7.099   -8.024  1.809   1.00 43.83  ? 103 CPH B "O4'" 1 
HETATM 642 C  C4A   . CPH J 4 .  ? 6.494   -5.509  -1.279  1.00 27.10  ? 103 CPH B C4A   1 
HETATM 643 C  "C5'" . CPH J 4 .  ? 7.564   -8.804  4.057   1.00 47.75  ? 103 CPH B "C5'" 1 
HETATM 644 C  C5A   . CPH J 4 .  ? 4.588   -6.115  -2.641  1.00 27.55  ? 103 CPH B C5A   1 
HETATM 645 C  C8A   . CPH J 4 .  ? 4.170   -4.701  -2.645  1.00 20.71  ? 103 CPH B C8A   1 
HETATM 646 C  C9A   . CPH J 4 .  ? 6.096   -4.171  -1.268  1.00 26.76  ? 103 CPH B C9A   1 
HETATM 647 C  CC7   . CPH J 4 .  ? 1.007   -4.906  -4.738  1.00 24.96  ? 103 CPH B CC7   1 
HETATM 648 C  CME   . CPH J 4 .  ? 11.813  -4.807  0.545   1.00 44.97  ? 103 CPH B CME   1 
HETATM 649 NI NI    . NI  K 5 .  ? -6.928  -2.280  -1.851  1.00 40.30  ? 107 NI  B NI    1 
HETATM 650 O  O     . HOH L 6 .  ? 0.528   -6.262  13.559  1.00 48.45  ? 201 HOH A O     1 
HETATM 651 O  O     . HOH L 6 .  ? -1.335  3.548   -7.842  1.00 45.73  ? 202 HOH A O     1 
HETATM 652 O  O     . HOH L 6 .  ? -4.718  10.466  8.588   1.00 49.21  ? 203 HOH A O     1 
HETATM 653 O  O     . HOH L 6 .  ? 6.979   7.511   12.397  1.00 40.14  ? 204 HOH A O     1 
HETATM 654 O  O     . HOH L 6 .  ? 3.499   0.139   -1.986  1.00 26.45  ? 205 HOH A O     1 
HETATM 655 O  O     . HOH L 6 .  ? -5.121  3.007   2.290   1.00 35.35  ? 206 HOH A O     1 
HETATM 656 O  O     . HOH L 6 .  ? 3.941   13.224  10.583  1.00 42.10  ? 207 HOH A O     1 
HETATM 657 O  O     . HOH L 6 .  ? 1.404   2.625   -12.587 1.00 45.29  ? 208 HOH A O     1 
HETATM 658 O  O     . HOH L 6 .  ? -4.470  3.077   4.991   1.00 40.03  ? 209 HOH A O     1 
HETATM 659 O  O     . HOH L 6 .  ? 5.139   9.724   0.064   1.00 30.68  ? 210 HOH A O     1 
HETATM 660 O  O     . HOH L 6 .  ? -4.640  5.153   5.529   1.00 44.36  ? 211 HOH A O     1 
HETATM 661 O  O     . HOH L 6 .  ? -5.848  7.813   5.764   1.00 47.81  ? 212 HOH A O     1 
HETATM 662 O  O     . HOH L 6 .  ? -0.549  7.538   -2.853  1.00 40.25  ? 213 HOH A O     1 
HETATM 663 O  O     . HOH L 6 .  ? 4.047   15.695  7.050   1.00 33.14  ? 214 HOH A O     1 
HETATM 664 O  O     . HOH L 6 .  ? -3.244  -8.242  -19.781 0.99 54.98  ? 215 HOH A O     1 
HETATM 665 O  O     . HOH L 6 .  ? 10.552  7.762   6.608   1.00 29.64  ? 216 HOH A O     1 
HETATM 666 O  O     . HOH L 6 .  ? 3.699   4.641   11.929  1.00 37.68  ? 217 HOH A O     1 
HETATM 667 O  O     . HOH L 6 .  ? -5.054  5.563   2.298   1.00 42.81  ? 218 HOH A O     1 
HETATM 668 O  O     . HOH L 6 .  ? -2.737  9.706   6.719   1.00 41.48  ? 219 HOH A O     1 
HETATM 669 O  O     . HOH L 6 .  ? -2.291  7.136   -0.226  1.00 38.14  ? 220 HOH A O     1 
HETATM 670 O  O     . HOH L 6 .  ? 0.005   4.049   -11.322 1.00 54.14  ? 221 HOH A O     1 
HETATM 671 O  O     . HOH L 6 .  ? 1.846   3.656   -9.033  1.00 54.67  ? 222 HOH A O     1 
HETATM 672 O  O     . HOH L 6 .  ? 7.783   13.485  7.969   1.00 32.15  ? 223 HOH A O     1 
HETATM 673 O  O     . HOH L 6 .  ? 12.894  2.614   -2.150  1.00 42.41  ? 224 HOH A O     1 
HETATM 674 O  O     . HOH L 6 .  ? 5.691   16.588  10.477  1.00 36.87  ? 225 HOH A O     1 
HETATM 675 O  O     . HOH L 6 .  ? 12.231  3.731   0.293   1.00 38.21  ? 226 HOH A O     1 
HETATM 676 O  O     . HOH L 6 .  ? -9.853  -4.830  -3.241  1.00 52.99  ? 227 HOH A O     1 
HETATM 677 O  O     . HOH L 6 .  ? -3.189  3.854   -3.982  1.00 46.90  ? 228 HOH A O     1 
HETATM 678 O  O     . HOH L 6 .  ? -4.780  4.963   -0.663  1.00 48.96  ? 229 HOH A O     1 
HETATM 679 O  O     . HOH L 6 .  ? 3.518   9.226   -3.282  1.00 51.22  ? 230 HOH A O     1 
HETATM 680 O  O     . HOH L 6 .  ? -5.435  17.571  7.636   1.00 51.00  ? 231 HOH A O     1 
HETATM 681 O  O     . HOH L 6 .  ? 2.258   8.609   -4.913  1.00 48.51  ? 232 HOH A O     1 
HETATM 682 O  O     . HOH L 6 .  ? -0.657  11.460  5.894   1.00 34.20  ? 233 HOH A O     1 
HETATM 683 O  O     . HOH L 6 .  ? 2.205   10.438  13.298  1.00 54.61  ? 234 HOH A O     1 
HETATM 684 O  O     . HOH L 6 .  ? -4.325  12.944  12.373  1.00 57.03  ? 235 HOH A O     1 
HETATM 685 O  O     . HOH L 6 .  ? -9.099  -2.030  -1.295  1.00 49.49  ? 236 HOH A O     1 
HETATM 686 O  O     . HOH L 6 .  ? 5.815   14.831  8.641   1.00 36.51  ? 237 HOH A O     1 
HETATM 687 O  O     . HOH L 6 .  ? -6.977  4.444   4.456   1.00 44.73  ? 238 HOH A O     1 
HETATM 688 O  O     . HOH L 6 .  ? 6.503   7.970   -0.871  1.00 40.82  ? 239 HOH A O     1 
HETATM 689 O  O     . HOH L 6 .  ? 9.758   9.076   -4.710  1.00 46.01  ? 240 HOH A O     1 
HETATM 690 O  O     . HOH L 6 .  ? 10.687  10.174  8.084   1.00 41.14  ? 241 HOH A O     1 
HETATM 691 O  O     . HOH L 6 .  ? 13.251  11.140  7.975   1.00 38.93  ? 242 HOH A O     1 
HETATM 692 O  O     . HOH L 6 .  ? 11.529  5.746   8.380   1.00 45.05  ? 243 HOH A O     1 
HETATM 693 O  O     . HOH L 6 .  ? 13.004  7.819   5.227   1.00 33.07  ? 244 HOH A O     1 
HETATM 694 O  O     . HOH L 6 .  ? 14.637  9.482   6.797   1.00 39.19  ? 245 HOH A O     1 
HETATM 695 O  O     . HOH L 6 .  ? 14.329  -2.332  -5.041  1.00 47.83  ? 246 HOH A O     1 
HETATM 696 O  O     . HOH M 6 .  ? -2.903  4.759   -9.946  1.00 55.53  ? 201 HOH B O     1 
HETATM 697 O  O     . HOH M 6 .  ? 6.892   -9.908  0.269   1.00 45.73  ? 202 HOH B O     1 
HETATM 698 O  O     . HOH M 6 .  ? 6.312   0.473   18.021  1.00 46.69  ? 203 HOH B O     1 
HETATM 699 O  O     . HOH M 6 .  ? 0.180   -3.387  7.987   1.00 47.22  ? 204 HOH B O     1 
HETATM 700 O  O     . HOH M 6 .  ? -0.425  -8.702  -13.635 1.00 38.99  ? 205 HOH B O     1 
HETATM 701 O  O     . HOH M 6 .  ? -4.466  -13.051 -10.575 1.00 44.70  ? 206 HOH B O     1 
HETATM 702 O  O     . HOH M 6 .  ? 3.646   -1.407  0.658   1.00 26.59  ? 207 HOH B O     1 
HETATM 703 O  O     . HOH M 6 .  ? -6.226  -1.034  -0.386  1.00 35.38  ? 208 HOH B O     1 
HETATM 704 O  O     . HOH M 6 .  ? -4.096  -15.785 -7.110  1.00 31.96  ? 209 HOH B O     1 
HETATM 705 O  O     . HOH M 6 .  ? 2.546   -4.223  7.952   1.00 45.52  ? 210 HOH B O     1 
HETATM 706 O  O     . HOH M 6 .  ? 7.061   7.138   19.102  0.50 58.19  ? 211 HOH B O     1 
HETATM 707 O  O     . HOH M 6 .  ? -7.619  -3.003  -3.530  1.00 42.66  ? 212 HOH B O     1 
HETATM 708 O  O     . HOH M 6 .  ? -6.654  -1.113  -3.235  1.00 37.68  ? 213 HOH B O     1 
HETATM 709 O  O     . HOH M 6 .  ? 10.743  -3.152  3.948   1.00 42.28  ? 214 HOH B O     1 
HETATM 710 O  O     . HOH M 6 .  ? 1.198   -10.928 -1.312  1.00 30.32  ? 215 HOH B O     1 
HETATM 711 O  O     . HOH M 6 .  ? -4.352  -6.017  1.300   1.00 38.57  ? 216 HOH B O     1 
HETATM 712 O  O     . HOH M 6 .  ? -2.145  -4.957  -12.322 1.00 37.31  ? 217 HOH B O     1 
HETATM 713 O  O     . HOH M 6 .  ? 4.534   -10.461 -9.330  1.00 28.59  ? 218 HOH B O     1 
HETATM 714 O  O     . HOH M 6 .  ? -6.030  -9.960  -12.490 1.00 52.16  ? 219 HOH B O     1 
HETATM 715 O  O     . HOH M 6 .  ? 11.220  -7.198  -1.872  1.00 44.95  ? 220 HOH B O     1 
HETATM 716 O  O     . HOH M 6 .  ? -8.343  -12.651 -11.299 1.00 40.52  ? 221 HOH B O     1 
HETATM 717 O  O     . HOH M 6 .  ? -2.808  -10.974 1.690   1.00 39.86  ? 222 HOH B O     1 
HETATM 718 O  O     . HOH M 6 .  ? -7.109  -3.399  -0.317  1.00 45.33  ? 223 HOH B O     1 
HETATM 719 O  O     . HOH M 6 .  ? 9.457   -0.788  -7.341  1.00 41.48  ? 224 HOH B O     1 
HETATM 720 O  O     . HOH M 6 .  ? -0.316  -14.860 -9.402  1.00 32.65  ? 225 HOH B O     1 
HETATM 721 O  O     . HOH M 6 .  ? 9.441   -7.678  -4.138  1.00 37.15  ? 226 HOH B O     1 
HETATM 722 O  O     . HOH M 6 .  ? -13.236 -14.186 -4.552  1.00 51.18  ? 227 HOH B O     1 
HETATM 723 O  O     . HOH M 6 .  ? -4.054  -16.815 -10.878 1.00 34.92  ? 228 HOH B O     1 
HETATM 724 O  O     . HOH M 6 .  ? 0.916   -9.945  2.442   1.00 47.29  ? 229 HOH B O     1 
HETATM 725 O  O     . HOH M 6 .  ? -7.905  -7.887  -5.087  1.00 43.63  ? 230 HOH B O     1 
HETATM 726 O  O     . HOH M 6 .  ? -6.431  -10.232 -4.852  1.00 33.50  ? 231 HOH B O     1 
HETATM 727 O  O     . HOH M 6 .  ? -6.031  -2.734  2.017   1.00 48.46  ? 232 HOH B O     1 
HETATM 728 O  O     . HOH M 6 .  ? 3.791   -10.039 1.338   1.00 49.46  ? 233 HOH B O     1 
HETATM 729 O  O     . HOH M 6 .  ? -12.327 -10.029 -9.866  1.00 53.36  ? 234 HOH B O     1 
HETATM 730 O  O     . HOH M 6 .  ? -2.829  -15.412 -9.362  1.00 36.42  ? 235 HOH B O     1 
HETATM 731 O  O     . HOH M 6 .  ? 3.786   -6.845  12.939  1.00 49.54  ? 236 HOH B O     1 
HETATM 732 O  O     . HOH M 6 .  ? 5.745   -10.268 -2.344  1.00 39.05  ? 237 HOH B O     1 
HETATM 733 O  O     . HOH M 6 .  ? 3.474   -9.976  -0.922  1.00 42.05  ? 238 HOH B O     1 
HETATM 734 O  O     . HOH M 6 .  ? 5.554   -13.054 -2.389  1.00 42.33  ? 239 HOH B O     1 
HETATM 735 O  O     . HOH M 6 .  ? 7.182   -11.531 -8.812  1.00 32.92  ? 240 HOH B O     1 
HETATM 736 O  O     . HOH M 6 .  ? 7.717   -9.883  -3.800  1.00 39.45  ? 241 HOH B O     1 
HETATM 737 O  O     . HOH M 6 .  ? 15.020  -2.908  -0.190  1.00 49.23  ? 242 HOH B O     1 
HETATM 738 O  O     . HOH M 6 .  ? 11.680  8.014   20.435  1.00 67.01  ? 243 HOH B O     1 
# 
